data_7CV2
# 
_entry.id   7CV2 
# 
_audit_conform.dict_name       mmcif_pdbx.dic 
_audit_conform.dict_version    5.380 
_audit_conform.dict_location   http://mmcif.pdb.org/dictionaries/ascii/mmcif_pdbx.dic 
# 
loop_
_database_2.database_id 
_database_2.database_code 
_database_2.pdbx_database_accession 
_database_2.pdbx_DOI 
PDB   7CV2         pdb_00007cv2 10.2210/pdb7cv2/pdb 
WWPDB D_1300018039 ?            ?                   
# 
_pdbx_database_status.status_code                     REL 
_pdbx_database_status.status_code_sf                  REL 
_pdbx_database_status.status_code_mr                  ? 
_pdbx_database_status.entry_id                        7CV2 
_pdbx_database_status.recvd_initial_deposition_date   2020-08-25 
_pdbx_database_status.SG_entry                        N 
_pdbx_database_status.deposit_site                    PDBJ 
_pdbx_database_status.process_site                    PDBJ 
_pdbx_database_status.status_code_cs                  ? 
_pdbx_database_status.status_code_nmr_data            ? 
_pdbx_database_status.methods_development_category    ? 
_pdbx_database_status.pdb_format_compatible           Y 
# 
loop_
_audit_author.name 
_audit_author.pdbx_ordinal 
_audit_author.identifier_ORCID 
'Lee, J.Y.'   1 0000-0003-1136-5817 
'Lee, D.W.'   2 0000-0002-2568-6307 
'Park, Y.W.'  3 0000-0003-2396-9140 
'Lee, M.Y.'   4 0000-0001-5658-0938 
'Jeong, K.H.' 5 0000-0003-0030-8286 
# 
_citation.abstract                  ? 
_citation.abstract_id_CAS           ? 
_citation.book_id_ISBN              ? 
_citation.book_publisher            ? 
_citation.book_publisher_city       ? 
_citation.book_title                ? 
_citation.coordinate_linkage        ? 
_citation.country                   UK 
_citation.database_id_Medline       ? 
_citation.details                   ? 
_citation.id                        primary 
_citation.journal_abbrev            'Sci Rep' 
_citation.journal_id_ASTM           ? 
_citation.journal_id_CSD            ? 
_citation.journal_id_ISSN           2045-2322 
_citation.journal_full              ? 
_citation.journal_issue             ? 
_citation.journal_volume            10 
_citation.language                  ? 
_citation.page_first                21039 
_citation.page_last                 21039 
_citation.title                     
'Structural analysis and insight into effector binding of the niacin-responsive repressor NiaR from Bacillus halodurans.' 
_citation.year                      2020 
_citation.database_id_CSD           ? 
_citation.pdbx_database_id_DOI      10.1038/s41598-020-78148-x 
_citation.pdbx_database_id_PubMed   33273654 
_citation.unpublished_flag          ? 
# 
loop_
_citation_author.citation_id 
_citation_author.name 
_citation_author.ordinal 
_citation_author.identifier_ORCID 
primary 'Lee, D.W.'   1 ? 
primary 'Park, Y.W.'  2 ? 
primary 'Lee, M.Y.'   3 ? 
primary 'Jeong, K.H.' 4 ? 
primary 'Lee, J.Y.'   5 ? 
# 
_cell.angle_alpha                  90.00 
_cell.angle_alpha_esd              ? 
_cell.angle_beta                   90.00 
_cell.angle_beta_esd               ? 
_cell.angle_gamma                  90.00 
_cell.angle_gamma_esd              ? 
_cell.entry_id                     7CV2 
_cell.details                      ? 
_cell.formula_units_Z              ? 
_cell.length_a                     42.249 
_cell.length_a_esd                 ? 
_cell.length_b                     42.249 
_cell.length_b_esd                 ? 
_cell.length_c                     175.990 
_cell.length_c_esd                 ? 
_cell.volume                       ? 
_cell.volume_esd                   ? 
_cell.Z_PDB                        8 
_cell.reciprocal_angle_alpha       ? 
_cell.reciprocal_angle_beta        ? 
_cell.reciprocal_angle_gamma       ? 
_cell.reciprocal_angle_alpha_esd   ? 
_cell.reciprocal_angle_beta_esd    ? 
_cell.reciprocal_angle_gamma_esd   ? 
_cell.reciprocal_length_a          ? 
_cell.reciprocal_length_b          ? 
_cell.reciprocal_length_c          ? 
_cell.reciprocal_length_a_esd      ? 
_cell.reciprocal_length_b_esd      ? 
_cell.reciprocal_length_c_esd      ? 
_cell.pdbx_unique_axis             ? 
# 
_symmetry.entry_id                         7CV2 
_symmetry.cell_setting                     ? 
_symmetry.Int_Tables_number                96 
_symmetry.space_group_name_Hall            ? 
_symmetry.space_group_name_H-M             'P 43 21 2' 
_symmetry.pdbx_full_space_group_name_H-M   ? 
# 
loop_
_entity.id 
_entity.type 
_entity.src_method 
_entity.pdbx_description 
_entity.formula_weight 
_entity.pdbx_number_of_molecules 
_entity.pdbx_ec 
_entity.pdbx_mutation 
_entity.pdbx_fragment 
_entity.details 
1 polymer     man 'Transcriptional regulator NiaR' 19920.979 1   ? ? ? ? 
2 non-polymer syn 'NICOTINIC ACID'                 123.109   1   ? ? ? ? 
3 non-polymer syn 'ZINC ION'                       65.409    1   ? ? ? ? 
4 water       nat water                            18.015    149 ? ? ? ? 
# 
_entity_poly.entity_id                      1 
_entity_poly.type                           'polypeptide(L)' 
_entity_poly.nstd_linkage                   no 
_entity_poly.nstd_monomer                   no 
_entity_poly.pdbx_seq_one_letter_code       
;MSDEKKILGEERRSLLIKWLKASDTPLTGAELAKRTNVSRQVIVQDVSLLKAKNHPILATAQGYIYMKEANTVQAQRVVA
CQHGPADMKDELLTLVDHGVLIKDVTVDHPVYGDITASLHLKSRKDVALFCKRMEESNGTLLSTLTKGVHMHTLEAESEA
ILDEAIRALEEKGYLLNSF
;
_entity_poly.pdbx_seq_one_letter_code_can   
;MSDEKKILGEERRSLLIKWLKASDTPLTGAELAKRTNVSRQVIVQDVSLLKAKNHPILATAQGYIYMKEANTVQAQRVVA
CQHGPADMKDELLTLVDHGVLIKDVTVDHPVYGDITASLHLKSRKDVALFCKRMEESNGTLLSTLTKGVHMHTLEAESEA
ILDEAIRALEEKGYLLNSF
;
_entity_poly.pdbx_strand_id                 A 
_entity_poly.pdbx_target_identifier         ? 
# 
loop_
_entity_poly_seq.entity_id 
_entity_poly_seq.num 
_entity_poly_seq.mon_id 
_entity_poly_seq.hetero 
1 1   MET n 
1 2   SER n 
1 3   ASP n 
1 4   GLU n 
1 5   LYS n 
1 6   LYS n 
1 7   ILE n 
1 8   LEU n 
1 9   GLY n 
1 10  GLU n 
1 11  GLU n 
1 12  ARG n 
1 13  ARG n 
1 14  SER n 
1 15  LEU n 
1 16  LEU n 
1 17  ILE n 
1 18  LYS n 
1 19  TRP n 
1 20  LEU n 
1 21  LYS n 
1 22  ALA n 
1 23  SER n 
1 24  ASP n 
1 25  THR n 
1 26  PRO n 
1 27  LEU n 
1 28  THR n 
1 29  GLY n 
1 30  ALA n 
1 31  GLU n 
1 32  LEU n 
1 33  ALA n 
1 34  LYS n 
1 35  ARG n 
1 36  THR n 
1 37  ASN n 
1 38  VAL n 
1 39  SER n 
1 40  ARG n 
1 41  GLN n 
1 42  VAL n 
1 43  ILE n 
1 44  VAL n 
1 45  GLN n 
1 46  ASP n 
1 47  VAL n 
1 48  SER n 
1 49  LEU n 
1 50  LEU n 
1 51  LYS n 
1 52  ALA n 
1 53  LYS n 
1 54  ASN n 
1 55  HIS n 
1 56  PRO n 
1 57  ILE n 
1 58  LEU n 
1 59  ALA n 
1 60  THR n 
1 61  ALA n 
1 62  GLN n 
1 63  GLY n 
1 64  TYR n 
1 65  ILE n 
1 66  TYR n 
1 67  MET n 
1 68  LYS n 
1 69  GLU n 
1 70  ALA n 
1 71  ASN n 
1 72  THR n 
1 73  VAL n 
1 74  GLN n 
1 75  ALA n 
1 76  GLN n 
1 77  ARG n 
1 78  VAL n 
1 79  VAL n 
1 80  ALA n 
1 81  CYS n 
1 82  GLN n 
1 83  HIS n 
1 84  GLY n 
1 85  PRO n 
1 86  ALA n 
1 87  ASP n 
1 88  MET n 
1 89  LYS n 
1 90  ASP n 
1 91  GLU n 
1 92  LEU n 
1 93  LEU n 
1 94  THR n 
1 95  LEU n 
1 96  VAL n 
1 97  ASP n 
1 98  HIS n 
1 99  GLY n 
1 100 VAL n 
1 101 LEU n 
1 102 ILE n 
1 103 LYS n 
1 104 ASP n 
1 105 VAL n 
1 106 THR n 
1 107 VAL n 
1 108 ASP n 
1 109 HIS n 
1 110 PRO n 
1 111 VAL n 
1 112 TYR n 
1 113 GLY n 
1 114 ASP n 
1 115 ILE n 
1 116 THR n 
1 117 ALA n 
1 118 SER n 
1 119 LEU n 
1 120 HIS n 
1 121 LEU n 
1 122 LYS n 
1 123 SER n 
1 124 ARG n 
1 125 LYS n 
1 126 ASP n 
1 127 VAL n 
1 128 ALA n 
1 129 LEU n 
1 130 PHE n 
1 131 CYS n 
1 132 LYS n 
1 133 ARG n 
1 134 MET n 
1 135 GLU n 
1 136 GLU n 
1 137 SER n 
1 138 ASN n 
1 139 GLY n 
1 140 THR n 
1 141 LEU n 
1 142 LEU n 
1 143 SER n 
1 144 THR n 
1 145 LEU n 
1 146 THR n 
1 147 LYS n 
1 148 GLY n 
1 149 VAL n 
1 150 HIS n 
1 151 MET n 
1 152 HIS n 
1 153 THR n 
1 154 LEU n 
1 155 GLU n 
1 156 ALA n 
1 157 GLU n 
1 158 SER n 
1 159 GLU n 
1 160 ALA n 
1 161 ILE n 
1 162 LEU n 
1 163 ASP n 
1 164 GLU n 
1 165 ALA n 
1 166 ILE n 
1 167 ARG n 
1 168 ALA n 
1 169 LEU n 
1 170 GLU n 
1 171 GLU n 
1 172 LYS n 
1 173 GLY n 
1 174 TYR n 
1 175 LEU n 
1 176 LEU n 
1 177 ASN n 
1 178 SER n 
1 179 PHE n 
# 
_entity_src_gen.entity_id                          1 
_entity_src_gen.pdbx_src_id                        1 
_entity_src_gen.pdbx_alt_source_flag               sample 
_entity_src_gen.pdbx_seq_type                      'Biological sequence' 
_entity_src_gen.pdbx_beg_seq_num                   1 
_entity_src_gen.pdbx_end_seq_num                   179 
_entity_src_gen.gene_src_common_name               ? 
_entity_src_gen.gene_src_genus                     ? 
_entity_src_gen.pdbx_gene_src_gene                 BH1216 
_entity_src_gen.gene_src_species                   ? 
_entity_src_gen.gene_src_strain                    ? 
_entity_src_gen.gene_src_tissue                    ? 
_entity_src_gen.gene_src_tissue_fraction           ? 
_entity_src_gen.gene_src_details                   ? 
_entity_src_gen.pdbx_gene_src_fragment             ? 
_entity_src_gen.pdbx_gene_src_scientific_name      
'Bacillus halodurans (strain ATCC BAA-125 / DSM 18197 / FERM 7344 / JCM 9153 / C-125)' 
_entity_src_gen.pdbx_gene_src_ncbi_taxonomy_id     272558 
_entity_src_gen.pdbx_gene_src_variant              ? 
_entity_src_gen.pdbx_gene_src_cell_line            ? 
_entity_src_gen.pdbx_gene_src_atcc                 ? 
_entity_src_gen.pdbx_gene_src_organ                ? 
_entity_src_gen.pdbx_gene_src_organelle            ? 
_entity_src_gen.pdbx_gene_src_cell                 ? 
_entity_src_gen.pdbx_gene_src_cellular_location    ? 
_entity_src_gen.host_org_common_name               ? 
_entity_src_gen.pdbx_host_org_scientific_name      'Escherichia coli' 
_entity_src_gen.pdbx_host_org_ncbi_taxonomy_id     562 
_entity_src_gen.host_org_genus                     ? 
_entity_src_gen.pdbx_host_org_gene                 ? 
_entity_src_gen.pdbx_host_org_organ                ? 
_entity_src_gen.host_org_species                   ? 
_entity_src_gen.pdbx_host_org_tissue               ? 
_entity_src_gen.pdbx_host_org_tissue_fraction      ? 
_entity_src_gen.pdbx_host_org_strain               ? 
_entity_src_gen.pdbx_host_org_variant              ? 
_entity_src_gen.pdbx_host_org_cell_line            ? 
_entity_src_gen.pdbx_host_org_atcc                 ? 
_entity_src_gen.pdbx_host_org_culture_collection   ? 
_entity_src_gen.pdbx_host_org_cell                 ? 
_entity_src_gen.pdbx_host_org_organelle            ? 
_entity_src_gen.pdbx_host_org_cellular_location    ? 
_entity_src_gen.pdbx_host_org_vector_type          ? 
_entity_src_gen.pdbx_host_org_vector               ? 
_entity_src_gen.host_org_details                   ? 
_entity_src_gen.expression_system_id               ? 
_entity_src_gen.plasmid_name                       ? 
_entity_src_gen.plasmid_details                    ? 
_entity_src_gen.pdbx_description                   ? 
# 
_struct_ref.id                         1 
_struct_ref.db_name                    UNP 
_struct_ref.db_code                    Q9KDJ7_BACHD 
_struct_ref.pdbx_db_accession          Q9KDJ7 
_struct_ref.pdbx_db_isoform            ? 
_struct_ref.entity_id                  1 
_struct_ref.pdbx_seq_one_letter_code   
;MSDEKKILGEERRSLLIKWLKASDTPLTGAELAKRTNVSRQVIVQDVSLLKAKNHPILATAQGYIYMKEANTVQAQRVVA
CQHGPADMKDELLTLVDHGVLIKDVTVDHPVYGDITASLHLKSRKDVALFCKRMEESNGTLLSTLTKGVHMHTLEAESEA
ILDEAIRALEEKGYLLNSF
;
_struct_ref.pdbx_align_begin           1 
# 
_struct_ref_seq.align_id                      1 
_struct_ref_seq.ref_id                        1 
_struct_ref_seq.pdbx_PDB_id_code              7CV2 
_struct_ref_seq.pdbx_strand_id                A 
_struct_ref_seq.seq_align_beg                 1 
_struct_ref_seq.pdbx_seq_align_beg_ins_code   ? 
_struct_ref_seq.seq_align_end                 179 
_struct_ref_seq.pdbx_seq_align_end_ins_code   ? 
_struct_ref_seq.pdbx_db_accession             Q9KDJ7 
_struct_ref_seq.db_align_beg                  1 
_struct_ref_seq.pdbx_db_align_beg_ins_code    ? 
_struct_ref_seq.db_align_end                  179 
_struct_ref_seq.pdbx_db_align_end_ins_code    ? 
_struct_ref_seq.pdbx_auth_seq_align_beg       1 
_struct_ref_seq.pdbx_auth_seq_align_end       179 
# 
loop_
_chem_comp.id 
_chem_comp.type 
_chem_comp.mon_nstd_flag 
_chem_comp.name 
_chem_comp.pdbx_synonyms 
_chem_comp.formula 
_chem_comp.formula_weight 
ALA 'L-peptide linking' y ALANINE          ? 'C3 H7 N O2'     89.093  
ARG 'L-peptide linking' y ARGININE         ? 'C6 H15 N4 O2 1' 175.209 
ASN 'L-peptide linking' y ASPARAGINE       ? 'C4 H8 N2 O3'    132.118 
ASP 'L-peptide linking' y 'ASPARTIC ACID'  ? 'C4 H7 N O4'     133.103 
CYS 'L-peptide linking' y CYSTEINE         ? 'C3 H7 N O2 S'   121.158 
GLN 'L-peptide linking' y GLUTAMINE        ? 'C5 H10 N2 O3'   146.144 
GLU 'L-peptide linking' y 'GLUTAMIC ACID'  ? 'C5 H9 N O4'     147.129 
GLY 'peptide linking'   y GLYCINE          ? 'C2 H5 N O2'     75.067  
HIS 'L-peptide linking' y HISTIDINE        ? 'C6 H10 N3 O2 1' 156.162 
HOH non-polymer         . WATER            ? 'H2 O'           18.015  
ILE 'L-peptide linking' y ISOLEUCINE       ? 'C6 H13 N O2'    131.173 
LEU 'L-peptide linking' y LEUCINE          ? 'C6 H13 N O2'    131.173 
LYS 'L-peptide linking' y LYSINE           ? 'C6 H15 N2 O2 1' 147.195 
MET 'L-peptide linking' y METHIONINE       ? 'C5 H11 N O2 S'  149.211 
NIO non-polymer         . 'NICOTINIC ACID' ? 'C6 H5 N O2'     123.109 
PHE 'L-peptide linking' y PHENYLALANINE    ? 'C9 H11 N O2'    165.189 
PRO 'L-peptide linking' y PROLINE          ? 'C5 H9 N O2'     115.130 
SER 'L-peptide linking' y SERINE           ? 'C3 H7 N O3'     105.093 
THR 'L-peptide linking' y THREONINE        ? 'C4 H9 N O3'     119.119 
TRP 'L-peptide linking' y TRYPTOPHAN       ? 'C11 H12 N2 O2'  204.225 
TYR 'L-peptide linking' y TYROSINE         ? 'C9 H11 N O3'    181.189 
VAL 'L-peptide linking' y VALINE           ? 'C5 H11 N O2'    117.146 
ZN  non-polymer         . 'ZINC ION'       ? 'Zn 2'           65.409  
# 
_exptl.absorpt_coefficient_mu     ? 
_exptl.absorpt_correction_T_max   ? 
_exptl.absorpt_correction_T_min   ? 
_exptl.absorpt_correction_type    ? 
_exptl.absorpt_process_details    ? 
_exptl.entry_id                   7CV2 
_exptl.crystals_number            1 
_exptl.details                    ? 
_exptl.method                     'X-RAY DIFFRACTION' 
_exptl.method_details             ? 
# 
_exptl_crystal.colour                      ? 
_exptl_crystal.density_diffrn              ? 
_exptl_crystal.density_Matthews            1.97 
_exptl_crystal.density_method              ? 
_exptl_crystal.density_percent_sol         37.73 
_exptl_crystal.description                 ? 
_exptl_crystal.F_000                       ? 
_exptl_crystal.id                          1 
_exptl_crystal.preparation                 ? 
_exptl_crystal.size_max                    ? 
_exptl_crystal.size_mid                    ? 
_exptl_crystal.size_min                    ? 
_exptl_crystal.size_rad                    ? 
_exptl_crystal.colour_lustre               ? 
_exptl_crystal.colour_modifier             ? 
_exptl_crystal.colour_primary              ? 
_exptl_crystal.density_meas                ? 
_exptl_crystal.density_meas_esd            ? 
_exptl_crystal.density_meas_gt             ? 
_exptl_crystal.density_meas_lt             ? 
_exptl_crystal.density_meas_temp           ? 
_exptl_crystal.density_meas_temp_esd       ? 
_exptl_crystal.density_meas_temp_gt        ? 
_exptl_crystal.density_meas_temp_lt        ? 
_exptl_crystal.pdbx_crystal_image_url      ? 
_exptl_crystal.pdbx_crystal_image_format   ? 
_exptl_crystal.pdbx_mosaicity              ? 
_exptl_crystal.pdbx_mosaicity_esd          ? 
# 
_exptl_crystal_grow.apparatus       ? 
_exptl_crystal_grow.atmosphere      ? 
_exptl_crystal_grow.crystal_id      1 
_exptl_crystal_grow.details         ? 
_exptl_crystal_grow.method          'VAPOR DIFFUSION, SITTING DROP' 
_exptl_crystal_grow.method_ref      ? 
_exptl_crystal_grow.pH              ? 
_exptl_crystal_grow.pressure        ? 
_exptl_crystal_grow.pressure_esd    ? 
_exptl_crystal_grow.seeding         ? 
_exptl_crystal_grow.seeding_ref     ? 
_exptl_crystal_grow.temp            296 
_exptl_crystal_grow.temp_details    ? 
_exptl_crystal_grow.temp_esd        ? 
_exptl_crystal_grow.time            ? 
_exptl_crystal_grow.pdbx_details    'M Bis-Tris pH 8.5, PEG 6000, niacin' 
_exptl_crystal_grow.pdbx_pH_range   ? 
# 
_diffrn.ambient_environment              ? 
_diffrn.ambient_temp                     100 
_diffrn.ambient_temp_details             ? 
_diffrn.ambient_temp_esd                 ? 
_diffrn.crystal_id                       1 
_diffrn.crystal_support                  ? 
_diffrn.crystal_treatment                ? 
_diffrn.details                          ? 
_diffrn.id                               1 
_diffrn.ambient_pressure                 ? 
_diffrn.ambient_pressure_esd             ? 
_diffrn.ambient_pressure_gt              ? 
_diffrn.ambient_pressure_lt              ? 
_diffrn.ambient_temp_gt                  ? 
_diffrn.ambient_temp_lt                  ? 
_diffrn.pdbx_serial_crystal_experiment   N 
# 
_diffrn_detector.details                      ? 
_diffrn_detector.detector                     PIXEL 
_diffrn_detector.diffrn_id                    1 
_diffrn_detector.type                         'DECTRIS PILATUS3 6M' 
_diffrn_detector.area_resol_mean              ? 
_diffrn_detector.dtime                        ? 
_diffrn_detector.pdbx_frames_total            ? 
_diffrn_detector.pdbx_collection_time_total   ? 
_diffrn_detector.pdbx_collection_date         2017-12-12 
_diffrn_detector.pdbx_frequency               ? 
# 
_diffrn_radiation.collimation                      ? 
_diffrn_radiation.diffrn_id                        1 
_diffrn_radiation.filter_edge                      ? 
_diffrn_radiation.inhomogeneity                    ? 
_diffrn_radiation.monochromator                    ? 
_diffrn_radiation.polarisn_norm                    ? 
_diffrn_radiation.polarisn_ratio                   ? 
_diffrn_radiation.probe                            ? 
_diffrn_radiation.type                             ? 
_diffrn_radiation.xray_symbol                      ? 
_diffrn_radiation.wavelength_id                    1 
_diffrn_radiation.pdbx_monochromatic_or_laue_m_l   M 
_diffrn_radiation.pdbx_wavelength_list             ? 
_diffrn_radiation.pdbx_wavelength                  ? 
_diffrn_radiation.pdbx_diffrn_protocol             'SINGLE WAVELENGTH' 
_diffrn_radiation.pdbx_analyzer                    ? 
_diffrn_radiation.pdbx_scattering_type             x-ray 
# 
_diffrn_radiation_wavelength.id           1 
_diffrn_radiation_wavelength.wavelength   0.97941 
_diffrn_radiation_wavelength.wt           1.0 
# 
_diffrn_source.current                     ? 
_diffrn_source.details                     ? 
_diffrn_source.diffrn_id                   1 
_diffrn_source.power                       ? 
_diffrn_source.size                        ? 
_diffrn_source.source                      SYNCHROTRON 
_diffrn_source.target                      ? 
_diffrn_source.type                        'PAL/PLS BEAMLINE 5C (4A)' 
_diffrn_source.voltage                     ? 
_diffrn_source.take-off_angle              ? 
_diffrn_source.pdbx_wavelength_list        0.97941 
_diffrn_source.pdbx_wavelength             ? 
_diffrn_source.pdbx_synchrotron_beamline   '5C (4A)' 
_diffrn_source.pdbx_synchrotron_site       PAL/PLS 
# 
_reflns.B_iso_Wilson_estimate            ? 
_reflns.entry_id                         7CV2 
_reflns.data_reduction_details           ? 
_reflns.data_reduction_method            ? 
_reflns.d_resolution_high                1.8 
_reflns.d_resolution_low                 50 
_reflns.details                          ? 
_reflns.limit_h_max                      ? 
_reflns.limit_h_min                      ? 
_reflns.limit_k_max                      ? 
_reflns.limit_k_min                      ? 
_reflns.limit_l_max                      ? 
_reflns.limit_l_min                      ? 
_reflns.number_all                       ? 
_reflns.number_obs                       15404 
_reflns.observed_criterion               ? 
_reflns.observed_criterion_F_max         ? 
_reflns.observed_criterion_F_min         ? 
_reflns.observed_criterion_I_max         ? 
_reflns.observed_criterion_I_min         ? 
_reflns.observed_criterion_sigma_F       ? 
_reflns.observed_criterion_sigma_I       ? 
_reflns.percent_possible_obs             97.8 
_reflns.R_free_details                   ? 
_reflns.Rmerge_F_all                     ? 
_reflns.Rmerge_F_obs                     ? 
_reflns.Friedel_coverage                 ? 
_reflns.number_gt                        ? 
_reflns.threshold_expression             ? 
_reflns.pdbx_redundancy                  7.2 
_reflns.pdbx_Rmerge_I_obs                0.075 
_reflns.pdbx_Rmerge_I_all                ? 
_reflns.pdbx_Rsym_value                  ? 
_reflns.pdbx_netI_over_av_sigmaI         ? 
_reflns.pdbx_netI_over_sigmaI            20.026 
_reflns.pdbx_res_netI_over_av_sigmaI_2   ? 
_reflns.pdbx_res_netI_over_sigmaI_2      ? 
_reflns.pdbx_chi_squared                 ? 
_reflns.pdbx_scaling_rejects             ? 
_reflns.pdbx_d_res_high_opt              ? 
_reflns.pdbx_d_res_low_opt               ? 
_reflns.pdbx_d_res_opt_method            ? 
_reflns.phase_calculation_details        ? 
_reflns.pdbx_Rrim_I_all                  ? 
_reflns.pdbx_Rpim_I_all                  ? 
_reflns.pdbx_d_opt                       ? 
_reflns.pdbx_number_measured_all         ? 
_reflns.pdbx_diffrn_id                   1 
_reflns.pdbx_ordinal                     1 
_reflns.pdbx_CC_half                     ? 
_reflns.pdbx_CC_star                     ? 
_reflns.pdbx_R_split                     ? 
# 
_reflns_shell.d_res_high                  1.8 
_reflns_shell.d_res_low                   1.83 
_reflns_shell.meanI_over_sigI_all         ? 
_reflns_shell.meanI_over_sigI_obs         5.98 
_reflns_shell.number_measured_all         ? 
_reflns_shell.number_measured_obs         ? 
_reflns_shell.number_possible             ? 
_reflns_shell.number_unique_all           ? 
_reflns_shell.number_unique_obs           783 
_reflns_shell.percent_possible_all        99.9 
_reflns_shell.percent_possible_obs        ? 
_reflns_shell.Rmerge_F_all                ? 
_reflns_shell.Rmerge_F_obs                ? 
_reflns_shell.Rmerge_I_all                ? 
_reflns_shell.Rmerge_I_obs                0.352 
_reflns_shell.meanI_over_sigI_gt          ? 
_reflns_shell.meanI_over_uI_all           ? 
_reflns_shell.meanI_over_uI_gt            ? 
_reflns_shell.number_measured_gt          ? 
_reflns_shell.number_unique_gt            ? 
_reflns_shell.percent_possible_gt         ? 
_reflns_shell.Rmerge_F_gt                 ? 
_reflns_shell.Rmerge_I_gt                 ? 
_reflns_shell.pdbx_redundancy             ? 
_reflns_shell.pdbx_Rsym_value             ? 
_reflns_shell.pdbx_chi_squared            ? 
_reflns_shell.pdbx_netI_over_sigmaI_all   ? 
_reflns_shell.pdbx_netI_over_sigmaI_obs   ? 
_reflns_shell.pdbx_Rrim_I_all             ? 
_reflns_shell.pdbx_Rpim_I_all             ? 
_reflns_shell.pdbx_rejects                ? 
_reflns_shell.pdbx_ordinal                1 
_reflns_shell.pdbx_diffrn_id              1 
_reflns_shell.pdbx_CC_half                ? 
_reflns_shell.pdbx_CC_star                ? 
_reflns_shell.pdbx_R_split                ? 
# 
_refine.aniso_B[1][1]                            ? 
_refine.aniso_B[1][2]                            ? 
_refine.aniso_B[1][3]                            ? 
_refine.aniso_B[2][2]                            ? 
_refine.aniso_B[2][3]                            ? 
_refine.aniso_B[3][3]                            ? 
_refine.B_iso_max                                ? 
_refine.B_iso_mean                               ? 
_refine.B_iso_min                                ? 
_refine.correlation_coeff_Fo_to_Fc               ? 
_refine.correlation_coeff_Fo_to_Fc_free          ? 
_refine.details                                  ? 
_refine.diff_density_max                         ? 
_refine.diff_density_max_esd                     ? 
_refine.diff_density_min                         ? 
_refine.diff_density_min_esd                     ? 
_refine.diff_density_rms                         ? 
_refine.diff_density_rms_esd                     ? 
_refine.entry_id                                 7CV2 
_refine.pdbx_refine_id                           'X-RAY DIFFRACTION' 
_refine.ls_abs_structure_details                 ? 
_refine.ls_abs_structure_Flack                   ? 
_refine.ls_abs_structure_Flack_esd               ? 
_refine.ls_abs_structure_Rogers                  ? 
_refine.ls_abs_structure_Rogers_esd              ? 
_refine.ls_d_res_high                            1.802 
_refine.ls_d_res_low                             18.786 
_refine.ls_extinction_coef                       ? 
_refine.ls_extinction_coef_esd                   ? 
_refine.ls_extinction_expression                 ? 
_refine.ls_extinction_method                     ? 
_refine.ls_goodness_of_fit_all                   ? 
_refine.ls_goodness_of_fit_all_esd               ? 
_refine.ls_goodness_of_fit_obs                   ? 
_refine.ls_goodness_of_fit_obs_esd               ? 
_refine.ls_hydrogen_treatment                    ? 
_refine.ls_matrix_type                           ? 
_refine.ls_number_constraints                    ? 
_refine.ls_number_parameters                     ? 
_refine.ls_number_reflns_all                     ? 
_refine.ls_number_reflns_obs                     15356 
_refine.ls_number_reflns_R_free                  770 
_refine.ls_number_reflns_R_work                  ? 
_refine.ls_number_restraints                     ? 
_refine.ls_percent_reflns_obs                    98.18 
_refine.ls_percent_reflns_R_free                 5.01 
_refine.ls_R_factor_all                          ? 
_refine.ls_R_factor_obs                          0.1967 
_refine.ls_R_factor_R_free                       0.2426 
_refine.ls_R_factor_R_free_error                 ? 
_refine.ls_R_factor_R_free_error_details         ? 
_refine.ls_R_factor_R_work                       0.1943 
_refine.ls_R_Fsqd_factor_obs                     ? 
_refine.ls_R_I_factor_obs                        ? 
_refine.ls_redundancy_reflns_all                 ? 
_refine.ls_redundancy_reflns_obs                 ? 
_refine.ls_restrained_S_all                      ? 
_refine.ls_restrained_S_obs                      ? 
_refine.ls_shift_over_esd_max                    ? 
_refine.ls_shift_over_esd_mean                   ? 
_refine.ls_structure_factor_coef                 ? 
_refine.ls_weighting_details                     ? 
_refine.ls_weighting_scheme                      ? 
_refine.ls_wR_factor_all                         ? 
_refine.ls_wR_factor_obs                         ? 
_refine.ls_wR_factor_R_free                      ? 
_refine.ls_wR_factor_R_work                      ? 
_refine.occupancy_max                            ? 
_refine.occupancy_min                            ? 
_refine.solvent_model_details                    'FLAT BULK SOLVENT MODEL' 
_refine.solvent_model_param_bsol                 ? 
_refine.solvent_model_param_ksol                 ? 
_refine.pdbx_R_complete                          ? 
_refine.ls_R_factor_gt                           ? 
_refine.ls_goodness_of_fit_gt                    ? 
_refine.ls_goodness_of_fit_ref                   ? 
_refine.ls_shift_over_su_max                     ? 
_refine.ls_shift_over_su_max_lt                  ? 
_refine.ls_shift_over_su_mean                    ? 
_refine.ls_shift_over_su_mean_lt                 ? 
_refine.pdbx_ls_sigma_I                          ? 
_refine.pdbx_ls_sigma_F                          1.34 
_refine.pdbx_ls_sigma_Fsqd                       ? 
_refine.pdbx_data_cutoff_high_absF               ? 
_refine.pdbx_data_cutoff_high_rms_absF           ? 
_refine.pdbx_data_cutoff_low_absF                ? 
_refine.pdbx_isotropic_thermal_model             ? 
_refine.pdbx_ls_cross_valid_method               'FREE R-VALUE' 
_refine.pdbx_method_to_determine_struct          'MOLECULAR REPLACEMENT' 
_refine.pdbx_starting_model                      1J5Y 
_refine.pdbx_stereochemistry_target_values       ML 
_refine.pdbx_R_Free_selection_details            ? 
_refine.pdbx_stereochem_target_val_spec_case     ? 
_refine.pdbx_overall_ESU_R                       ? 
_refine.pdbx_overall_ESU_R_Free                  ? 
_refine.pdbx_solvent_vdw_probe_radii             1.11 
_refine.pdbx_solvent_ion_probe_radii             ? 
_refine.pdbx_solvent_shrinkage_radii             0.90 
_refine.pdbx_real_space_R                        ? 
_refine.pdbx_density_correlation                 ? 
_refine.pdbx_pd_number_of_powder_patterns        ? 
_refine.pdbx_pd_number_of_points                 ? 
_refine.pdbx_pd_meas_number_of_points            ? 
_refine.pdbx_pd_proc_ls_prof_R_factor            ? 
_refine.pdbx_pd_proc_ls_prof_wR_factor           ? 
_refine.pdbx_pd_Marquardt_correlation_coeff      ? 
_refine.pdbx_pd_Fsqrd_R_factor                   ? 
_refine.pdbx_pd_ls_matrix_band_width             ? 
_refine.pdbx_overall_phase_error                 23.85 
_refine.pdbx_overall_SU_R_free_Cruickshank_DPI   ? 
_refine.pdbx_overall_SU_R_free_Blow_DPI          ? 
_refine.pdbx_overall_SU_R_Blow_DPI               ? 
_refine.pdbx_TLS_residual_ADP_flag               ? 
_refine.pdbx_diffrn_id                           1 
_refine.overall_SU_B                             ? 
_refine.overall_SU_ML                            0.22 
_refine.overall_SU_R_Cruickshank_DPI             ? 
_refine.overall_SU_R_free                        ? 
_refine.overall_FOM_free_R_set                   ? 
_refine.overall_FOM_work_R_set                   ? 
_refine.pdbx_average_fsc_overall                 ? 
_refine.pdbx_average_fsc_work                    ? 
_refine.pdbx_average_fsc_free                    ? 
# 
_refine_hist.pdbx_refine_id                   'X-RAY DIFFRACTION' 
_refine_hist.cycle_id                         LAST 
_refine_hist.details                          ? 
_refine_hist.d_res_high                       1.802 
_refine_hist.d_res_low                        18.786 
_refine_hist.number_atoms_solvent             149 
_refine_hist.number_atoms_total               1503 
_refine_hist.number_reflns_all                ? 
_refine_hist.number_reflns_obs                ? 
_refine_hist.number_reflns_R_free             ? 
_refine_hist.number_reflns_R_work             ? 
_refine_hist.R_factor_all                     ? 
_refine_hist.R_factor_obs                     ? 
_refine_hist.R_factor_R_free                  ? 
_refine_hist.R_factor_R_work                  ? 
_refine_hist.pdbx_number_residues_total       ? 
_refine_hist.pdbx_B_iso_mean_ligand           ? 
_refine_hist.pdbx_B_iso_mean_solvent          ? 
_refine_hist.pdbx_number_atoms_protein        1344 
_refine_hist.pdbx_number_atoms_nucleic_acid   0 
_refine_hist.pdbx_number_atoms_ligand         10 
_refine_hist.pdbx_number_atoms_lipid          ? 
_refine_hist.pdbx_number_atoms_carb           ? 
_refine_hist.pdbx_pseudo_atom_details         ? 
# 
loop_
_refine_ls_restr.pdbx_refine_id 
_refine_ls_restr.criterion 
_refine_ls_restr.dev_ideal 
_refine_ls_restr.dev_ideal_target 
_refine_ls_restr.number 
_refine_ls_restr.rejects 
_refine_ls_restr.type 
_refine_ls_restr.weight 
_refine_ls_restr.pdbx_restraint_function 
'X-RAY DIFFRACTION' ? 0.003  ? 1383 ? f_bond_d           ? ? 
'X-RAY DIFFRACTION' ? 0.592  ? 1870 ? f_angle_d          ? ? 
'X-RAY DIFFRACTION' ? 18.388 ? 846  ? f_dihedral_angle_d ? ? 
'X-RAY DIFFRACTION' ? 0.045  ? 224  ? f_chiral_restr     ? ? 
'X-RAY DIFFRACTION' ? 0.003  ? 237  ? f_plane_restr      ? ? 
# 
loop_
_refine_ls_shell.pdbx_refine_id 
_refine_ls_shell.d_res_high 
_refine_ls_shell.d_res_low 
_refine_ls_shell.number_reflns_all 
_refine_ls_shell.number_reflns_obs 
_refine_ls_shell.number_reflns_R_free 
_refine_ls_shell.number_reflns_R_work 
_refine_ls_shell.percent_reflns_obs 
_refine_ls_shell.percent_reflns_R_free 
_refine_ls_shell.R_factor_all 
_refine_ls_shell.R_factor_obs 
_refine_ls_shell.R_factor_R_free 
_refine_ls_shell.R_factor_R_free_error 
_refine_ls_shell.R_factor_R_work 
_refine_ls_shell.redundancy_reflns_all 
_refine_ls_shell.redundancy_reflns_obs 
_refine_ls_shell.wR_factor_all 
_refine_ls_shell.wR_factor_obs 
_refine_ls_shell.wR_factor_R_free 
_refine_ls_shell.wR_factor_R_work 
_refine_ls_shell.pdbx_R_complete 
_refine_ls_shell.pdbx_total_number_of_bins_used 
_refine_ls_shell.pdbx_phase_error 
_refine_ls_shell.pdbx_fsc_work 
_refine_ls_shell.pdbx_fsc_free 
'X-RAY DIFFRACTION' 1.8024 1.9152 . . 125 2426 100.00 . . . 0.3252 . 0.2303 . . . . . . . . . . . 
'X-RAY DIFFRACTION' 1.9152 2.0630 . . 137 2378 100.00 . . . 0.2532 . 0.2094 . . . . . . . . . . . 
'X-RAY DIFFRACTION' 2.0630 2.2702 . . 138 2411 100.00 . . . 0.2485 . 0.1880 . . . . . . . . . . . 
'X-RAY DIFFRACTION' 2.2702 2.5980 . . 123 2453 100.00 . . . 0.2066 . 0.1866 . . . . . . . . . . . 
'X-RAY DIFFRACTION' 2.5980 3.2704 . . 134 2480 99.00  . . . 0.2343 . 0.2002 . . . . . . . . . . . 
'X-RAY DIFFRACTION' 3.2704 18.786 . . 113 2438 91.00  . . . 0.2473 . 0.1877 . . . . . . . . . . . 
# 
_struct.entry_id                     7CV2 
_struct.title                        'Crystal structure of B. halodurans NiaR in niacin-bound form' 
_struct.pdbx_model_details           ? 
_struct.pdbx_formula_weight          ? 
_struct.pdbx_formula_weight_method   ? 
_struct.pdbx_model_type_details      ? 
_struct.pdbx_CASP_flag               N 
# 
_struct_keywords.entry_id        7CV2 
_struct_keywords.text            'NiaR, transcription factor, TRANSCTION, STRUCTURAL PROTEIN' 
_struct_keywords.pdbx_keywords   'STRUCTURAL PROTEIN' 
# 
loop_
_struct_asym.id 
_struct_asym.pdbx_blank_PDB_chainid_flag 
_struct_asym.pdbx_modified 
_struct_asym.entity_id 
_struct_asym.details 
A N N 1 ? 
B N N 2 ? 
C N N 3 ? 
D N N 4 ? 
# 
loop_
_struct_conf.conf_type_id 
_struct_conf.id 
_struct_conf.pdbx_PDB_helix_id 
_struct_conf.beg_label_comp_id 
_struct_conf.beg_label_asym_id 
_struct_conf.beg_label_seq_id 
_struct_conf.pdbx_beg_PDB_ins_code 
_struct_conf.end_label_comp_id 
_struct_conf.end_label_asym_id 
_struct_conf.end_label_seq_id 
_struct_conf.pdbx_end_PDB_ins_code 
_struct_conf.beg_auth_comp_id 
_struct_conf.beg_auth_asym_id 
_struct_conf.beg_auth_seq_id 
_struct_conf.end_auth_comp_id 
_struct_conf.end_auth_asym_id 
_struct_conf.end_auth_seq_id 
_struct_conf.pdbx_PDB_helix_class 
_struct_conf.details 
_struct_conf.pdbx_PDB_helix_length 
HELX_P HELX_P1 AA1 ILE A 7   ? SER A 23  ? ILE A 7   SER A 23  1 ? 17 
HELX_P HELX_P2 AA2 THR A 28  ? ASN A 37  ? THR A 28  ASN A 37  1 ? 10 
HELX_P HELX_P3 AA3 SER A 39  ? LYS A 53  ? SER A 39  LYS A 53  1 ? 15 
HELX_P HELX_P4 AA4 ASP A 87  ? ASP A 97  ? ASP A 87  ASP A 97  1 ? 11 
HELX_P HELX_P5 AA5 SER A 123 ? SER A 137 ? SER A 123 SER A 137 1 ? 15 
HELX_P HELX_P6 AA6 SER A 158 ? LYS A 172 ? SER A 158 LYS A 172 1 ? 15 
# 
_struct_conf_type.id          HELX_P 
_struct_conf_type.criteria    ? 
_struct_conf_type.reference   ? 
# 
loop_
_struct_conn.id 
_struct_conn.conn_type_id 
_struct_conn.pdbx_leaving_atom_flag 
_struct_conn.pdbx_PDB_id 
_struct_conn.ptnr1_label_asym_id 
_struct_conn.ptnr1_label_comp_id 
_struct_conn.ptnr1_label_seq_id 
_struct_conn.ptnr1_label_atom_id 
_struct_conn.pdbx_ptnr1_label_alt_id 
_struct_conn.pdbx_ptnr1_PDB_ins_code 
_struct_conn.pdbx_ptnr1_standard_comp_id 
_struct_conn.ptnr1_symmetry 
_struct_conn.ptnr2_label_asym_id 
_struct_conn.ptnr2_label_comp_id 
_struct_conn.ptnr2_label_seq_id 
_struct_conn.ptnr2_label_atom_id 
_struct_conn.pdbx_ptnr2_label_alt_id 
_struct_conn.pdbx_ptnr2_PDB_ins_code 
_struct_conn.ptnr1_auth_asym_id 
_struct_conn.ptnr1_auth_comp_id 
_struct_conn.ptnr1_auth_seq_id 
_struct_conn.ptnr2_auth_asym_id 
_struct_conn.ptnr2_auth_comp_id 
_struct_conn.ptnr2_auth_seq_id 
_struct_conn.ptnr2_symmetry 
_struct_conn.pdbx_ptnr3_label_atom_id 
_struct_conn.pdbx_ptnr3_label_seq_id 
_struct_conn.pdbx_ptnr3_label_comp_id 
_struct_conn.pdbx_ptnr3_label_asym_id 
_struct_conn.pdbx_ptnr3_label_alt_id 
_struct_conn.pdbx_ptnr3_PDB_ins_code 
_struct_conn.details 
_struct_conn.pdbx_dist_value 
_struct_conn.pdbx_value_order 
_struct_conn.pdbx_role 
metalc1 metalc ? ? A GLU 91  OE1 ? ? ? 1_555 C ZN . ZN ? ? A GLU 91  A ZN 202 1_555 ? ? ? ? ? ? ? 2.370 ? ? 
metalc2 metalc ? ? A GLU 91  OE2 ? ? ? 1_555 C ZN . ZN ? ? A GLU 91  A ZN 202 1_555 ? ? ? ? ? ? ? 2.059 ? ? 
metalc3 metalc ? ? A HIS 150 NE2 ? ? ? 1_555 C ZN . ZN ? ? A HIS 150 A ZN 202 1_555 ? ? ? ? ? ? ? 2.111 ? ? 
metalc4 metalc ? ? A HIS 152 NE2 ? ? ? 1_555 C ZN . ZN ? ? A HIS 152 A ZN 202 1_555 ? ? ? ? ? ? ? 2.057 ? ? 
metalc5 metalc ? ? B NIO .   O1  ? ? ? 1_555 C ZN . ZN ? ? A NIO 201 A ZN 202 1_555 ? ? ? ? ? ? ? 1.981 ? ? 
# 
_struct_conn_type.id          metalc 
_struct_conn_type.criteria    ? 
_struct_conn_type.reference   ? 
# 
loop_
_struct_sheet.id 
_struct_sheet.type 
_struct_sheet.number_strands 
_struct_sheet.details 
AA1 ? 2 ? 
AA2 ? 4 ? 
# 
loop_
_struct_sheet_order.sheet_id 
_struct_sheet_order.range_id_1 
_struct_sheet_order.range_id_2 
_struct_sheet_order.offset 
_struct_sheet_order.sense 
AA1 1 2 ? anti-parallel 
AA2 1 2 ? anti-parallel 
AA2 2 3 ? anti-parallel 
AA2 3 4 ? anti-parallel 
# 
loop_
_struct_sheet_range.sheet_id 
_struct_sheet_range.id 
_struct_sheet_range.beg_label_comp_id 
_struct_sheet_range.beg_label_asym_id 
_struct_sheet_range.beg_label_seq_id 
_struct_sheet_range.pdbx_beg_PDB_ins_code 
_struct_sheet_range.end_label_comp_id 
_struct_sheet_range.end_label_asym_id 
_struct_sheet_range.end_label_seq_id 
_struct_sheet_range.pdbx_end_PDB_ins_code 
_struct_sheet_range.beg_auth_comp_id 
_struct_sheet_range.beg_auth_asym_id 
_struct_sheet_range.beg_auth_seq_id 
_struct_sheet_range.end_auth_comp_id 
_struct_sheet_range.end_auth_asym_id 
_struct_sheet_range.end_auth_seq_id 
AA1 1 ILE A 57  ? THR A 60  ? ILE A 57  THR A 60  
AA1 2 GLY A 63  ? TYR A 66  ? GLY A 63  TYR A 66  
AA2 1 ALA A 75  ? GLN A 82  ? ALA A 75  GLN A 82  
AA2 2 VAL A 149 ? ALA A 156 ? VAL A 149 ALA A 156 
AA2 3 LEU A 101 ? HIS A 109 ? LEU A 101 HIS A 109 
AA2 4 GLY A 113 ? LEU A 121 ? GLY A 113 LEU A 121 
# 
loop_
_pdbx_struct_sheet_hbond.sheet_id 
_pdbx_struct_sheet_hbond.range_id_1 
_pdbx_struct_sheet_hbond.range_id_2 
_pdbx_struct_sheet_hbond.range_1_label_atom_id 
_pdbx_struct_sheet_hbond.range_1_label_comp_id 
_pdbx_struct_sheet_hbond.range_1_label_asym_id 
_pdbx_struct_sheet_hbond.range_1_label_seq_id 
_pdbx_struct_sheet_hbond.range_1_PDB_ins_code 
_pdbx_struct_sheet_hbond.range_1_auth_atom_id 
_pdbx_struct_sheet_hbond.range_1_auth_comp_id 
_pdbx_struct_sheet_hbond.range_1_auth_asym_id 
_pdbx_struct_sheet_hbond.range_1_auth_seq_id 
_pdbx_struct_sheet_hbond.range_2_label_atom_id 
_pdbx_struct_sheet_hbond.range_2_label_comp_id 
_pdbx_struct_sheet_hbond.range_2_label_asym_id 
_pdbx_struct_sheet_hbond.range_2_label_seq_id 
_pdbx_struct_sheet_hbond.range_2_PDB_ins_code 
_pdbx_struct_sheet_hbond.range_2_auth_atom_id 
_pdbx_struct_sheet_hbond.range_2_auth_comp_id 
_pdbx_struct_sheet_hbond.range_2_auth_asym_id 
_pdbx_struct_sheet_hbond.range_2_auth_seq_id 
AA1 1 2 N LEU A 58  ? N LEU A 58  O ILE A 65  ? O ILE A 65  
AA2 1 2 N CYS A 81  ? N CYS A 81  O HIS A 150 ? O HIS A 150 
AA2 2 3 O GLU A 155 ? O GLU A 155 N LEU A 101 ? N LEU A 101 
AA2 3 4 N VAL A 107 ? N VAL A 107 O ILE A 115 ? O ILE A 115 
# 
_atom_sites.entry_id                    7CV2 
_atom_sites.Cartn_transf_matrix[1][1]   ? 
_atom_sites.Cartn_transf_matrix[1][2]   ? 
_atom_sites.Cartn_transf_matrix[1][3]   ? 
_atom_sites.Cartn_transf_matrix[2][1]   ? 
_atom_sites.Cartn_transf_matrix[2][2]   ? 
_atom_sites.Cartn_transf_matrix[2][3]   ? 
_atom_sites.Cartn_transf_matrix[3][1]   ? 
_atom_sites.Cartn_transf_matrix[3][2]   ? 
_atom_sites.Cartn_transf_matrix[3][3]   ? 
_atom_sites.Cartn_transf_vector[1]      ? 
_atom_sites.Cartn_transf_vector[2]      ? 
_atom_sites.Cartn_transf_vector[3]      ? 
_atom_sites.fract_transf_matrix[1][1]   0.01667822 
_atom_sites.fract_transf_matrix[1][2]   -0.01678710 
_atom_sites.fract_transf_matrix[1][3]   0.00050210 
_atom_sites.fract_transf_matrix[2][1]   0.00375869 
_atom_sites.fract_transf_matrix[2][2]   0.00304130 
_atom_sites.fract_transf_matrix[2][3]   -0.02316990 
_atom_sites.fract_transf_matrix[3][1]   0.00392946 
_atom_sites.fract_transf_matrix[3][2]   0.00393850 
_atom_sites.fract_transf_matrix[3][3]   0.00115442 
_atom_sites.fract_transf_vector[1]      0.588912 
_atom_sites.fract_transf_vector[2]      -0.366692 
_atom_sites.fract_transf_vector[3]      -0.057955 
_atom_sites.solution_primary            ? 
_atom_sites.solution_secondary          ? 
_atom_sites.solution_hydrogens          ? 
_atom_sites.special_details             ? 
# 
loop_
_atom_type.symbol 
C  
N  
NI 
O  
S  
ZN 
# 
loop_
_atom_site.group_PDB 
_atom_site.id 
_atom_site.type_symbol 
_atom_site.label_atom_id 
_atom_site.label_alt_id 
_atom_site.label_comp_id 
_atom_site.label_asym_id 
_atom_site.label_entity_id 
_atom_site.label_seq_id 
_atom_site.pdbx_PDB_ins_code 
_atom_site.Cartn_x 
_atom_site.Cartn_y 
_atom_site.Cartn_z 
_atom_site.occupancy 
_atom_site.B_iso_or_equiv 
_atom_site.pdbx_formal_charge 
_atom_site.auth_seq_id 
_atom_site.auth_comp_id 
_atom_site.auth_asym_id 
_atom_site.auth_atom_id 
_atom_site.pdbx_PDB_model_num 
ATOM   1    N  N   . ILE A 1 7   ? 16.117  -19.282 21.233  1.00 56.57 ? 7   ILE A N   1 
ATOM   2    C  CA  . ILE A 1 7   ? 15.859  -20.309 20.232  1.00 54.15 ? 7   ILE A CA  1 
ATOM   3    C  C   . ILE A 1 7   ? 14.442  -20.157 19.688  1.00 49.37 ? 7   ILE A C   1 
ATOM   4    O  O   . ILE A 1 7   ? 14.229  -20.221 18.477  1.00 49.56 ? 7   ILE A O   1 
ATOM   5    C  CB  . ILE A 1 7   ? 16.096  -21.721 20.808  1.00 57.73 ? 7   ILE A CB  1 
ATOM   6    C  CG1 . ILE A 1 7   ? 17.551  -21.865 21.263  1.00 53.68 ? 7   ILE A CG1 1 
ATOM   7    C  CG2 . ILE A 1 7   ? 15.753  -22.797 19.779  1.00 52.37 ? 7   ILE A CG2 1 
ATOM   8    C  CD1 . ILE A 1 7   ? 17.802  -23.067 22.152  1.00 61.91 ? 7   ILE A CD1 1 
ATOM   9    N  N   . LEU A 1 8   ? 13.480  -19.928 20.587  1.00 46.17 ? 8   LEU A N   1 
ATOM   10   C  CA  . LEU A 1 8   ? 12.081  -19.863 20.170  1.00 38.77 ? 8   LEU A CA  1 
ATOM   11   C  C   . LEU A 1 8   ? 11.823  -18.670 19.257  1.00 43.05 ? 8   LEU A C   1 
ATOM   12   O  O   . LEU A 1 8   ? 11.061  -18.778 18.287  1.00 34.28 ? 8   LEU A O   1 
ATOM   13   C  CB  . LEU A 1 8   ? 11.172  -19.808 21.396  1.00 42.54 ? 8   LEU A CB  1 
ATOM   14   C  CG  . LEU A 1 8   ? 9.732   -19.354 21.135  1.00 46.81 ? 8   LEU A CG  1 
ATOM   15   C  CD1 . LEU A 1 8   ? 8.922   -20.482 20.516  1.00 60.11 ? 8   LEU A CD1 1 
ATOM   16   C  CD2 . LEU A 1 8   ? 9.074   -18.858 22.410  1.00 49.13 ? 8   LEU A CD2 1 
ATOM   17   N  N   . GLY A 1 9   ? 12.437  -17.524 19.554  1.00 38.23 ? 9   GLY A N   1 
ATOM   18   C  CA  . GLY A 1 9   ? 12.269  -16.370 18.685  1.00 41.66 ? 9   GLY A CA  1 
ATOM   19   C  C   . GLY A 1 9   ? 12.833  -16.607 17.298  1.00 35.08 ? 9   GLY A C   1 
ATOM   20   O  O   . GLY A 1 9   ? 12.213  -16.246 16.293  1.00 31.31 ? 9   GLY A O   1 
ATOM   21   N  N   . GLU A 1 10  ? 14.011  -17.230 17.223  1.00 29.01 ? 10  GLU A N   1 
ATOM   22   C  CA  . GLU A 1 10  ? 14.588  -17.563 15.925  1.00 32.28 ? 10  GLU A CA  1 
ATOM   23   C  C   . GLU A 1 10  ? 13.756  -18.609 15.199  1.00 33.68 ? 10  GLU A C   1 
ATOM   24   O  O   . GLU A 1 10  ? 13.649  -18.573 13.969  1.00 27.72 ? 10  GLU A O   1 
ATOM   25   C  CB  . GLU A 1 10  ? 16.026  -18.046 16.093  1.00 38.44 ? 10  GLU A CB  1 
ATOM   26   C  CG  . GLU A 1 10  ? 16.959  -16.996 16.687  1.00 51.31 ? 10  GLU A CG  1 
ATOM   27   C  CD  . GLU A 1 10  ? 17.806  -17.529 17.829  1.00 69.73 ? 10  GLU A CD  1 
ATOM   28   O  OE1 . GLU A 1 10  ? 19.049  -17.541 17.698  1.00 75.00 ? 10  GLU A OE1 1 
ATOM   29   O  OE2 . GLU A 1 10  ? 17.224  -17.923 18.869  1.00 83.61 ? 10  GLU A OE2 1 
ATOM   30   N  N   . GLU A 1 11  ? 13.164  -19.551 15.937  1.00 29.60 ? 11  GLU A N   1 
ATOM   31   C  CA  . GLU A 1 11  ? 12.251  -20.498 15.302  1.00 29.10 ? 11  GLU A CA  1 
ATOM   32   C  C   . GLU A 1 11  ? 11.025  -19.782 14.745  1.00 24.03 ? 11  GLU A C   1 
ATOM   33   O  O   . GLU A 1 11  ? 10.571  -20.077 13.632  1.00 21.32 ? 11  GLU A O   1 
ATOM   34   C  CB  . GLU A 1 11  ? 11.827  -21.584 16.293  1.00 33.05 ? 11  GLU A CB  1 
ATOM   35   C  CG  . GLU A 1 11  ? 12.841  -22.708 16.463  1.00 39.21 ? 11  GLU A CG  1 
ATOM   36   C  CD  . GLU A 1 11  ? 12.434  -23.714 17.530  1.00 48.07 ? 11  GLU A CD  1 
ATOM   37   O  OE1 . GLU A 1 11  ? 11.235  -23.776 17.877  1.00 47.01 ? 11  GLU A OE1 1 
ATOM   38   O  OE2 . GLU A 1 11  ? 13.316  -24.449 18.019  1.00 47.52 ? 11  GLU A OE2 1 
ATOM   39   N  N   . ARG A 1 12  ? 10.479  -18.835 15.506  1.00 25.34 ? 12  ARG A N   1 
ATOM   40   C  CA  . ARG A 1 12  ? 9.314   -18.097 15.030  1.00 24.20 ? 12  ARG A CA  1 
ATOM   41   C  C   . ARG A 1 12  ? 9.636   -17.315 13.761  1.00 20.96 ? 12  ARG A C   1 
ATOM   42   O  O   . ARG A 1 12  ? 8.852   -17.321 12.807  1.00 18.72 ? 12  ARG A O   1 
ATOM   43   C  CB  . ARG A 1 12  ? 8.798   -17.164 16.126  1.00 28.07 ? 12  ARG A CB  1 
ATOM   44   C  CG  . ARG A 1 12  ? 7.550   -16.381 15.733  1.00 28.77 ? 12  ARG A CG  1 
ATOM   45   C  CD  . ARG A 1 12  ? 7.031   -15.526 16.888  1.00 28.57 ? 12  ARG A CD  1 
ATOM   46   N  NE  . ARG A 1 12  ? 8.011   -14.534 17.319  1.00 32.17 ? 12  ARG A NE  1 
ATOM   47   C  CZ  . ARG A 1 12  ? 8.743   -14.632 18.425  1.00 36.23 ? 12  ARG A CZ  1 
ATOM   48   N  NH1 . ARG A 1 12  ? 8.602   -15.678 19.227  1.00 35.44 ? 12  ARG A NH1 1 
ATOM   49   N  NH2 . ARG A 1 12  ? 9.616   -13.683 18.734  1.00 30.77 ? 12  ARG A NH2 1 
ATOM   50   N  N   . ARG A 1 13  ? 10.797  -16.660 13.716  1.00 22.09 ? 13  ARG A N   1 
ATOM   51   C  CA  . ARG A 1 13  ? 11.125  -15.859 12.539  1.00 19.72 ? 13  ARG A CA  1 
ATOM   52   C  C   . ARG A 1 13  ? 11.436  -16.734 11.332  1.00 19.93 ? 13  ARG A C   1 
ATOM   53   O  O   . ARG A 1 13  ? 11.158  -16.339 10.195  1.00 19.83 ? 13  ARG A O   1 
ATOM   54   C  CB  . ARG A 1 13  ? 12.288  -14.915 12.859  1.00 23.36 ? 13  ARG A CB  1 
ATOM   55   C  CG  . ARG A 1 13  ? 11.881  -13.797 13.805  1.00 23.59 ? 13  ARG A CG  1 
ATOM   56   C  CD  . ARG A 1 13  ? 13.006  -12.806 14.052  1.00 29.14 ? 13  ARG A CD  1 
ATOM   57   N  NE  . ARG A 1 13  ? 14.046  -13.341 14.927  1.00 26.71 ? 13  ARG A NE  1 
ATOM   58   C  CZ  . ARG A 1 13  ? 14.004  -13.305 16.257  1.00 35.18 ? 13  ARG A CZ  1 
ATOM   59   N  NH1 . ARG A 1 13  ? 12.964  -12.768 16.884  1.00 29.57 ? 13  ARG A NH1 1 
ATOM   60   N  NH2 . ARG A 1 13  ? 15.002  -13.815 16.964  1.00 36.09 ? 13  ARG A NH2 1 
ATOM   61   N  N   . SER A 1 14  ? 11.988  -17.931 11.553  1.00 20.47 ? 14  SER A N   1 
ATOM   62   C  CA  . SER A 1 14  ? 12.158  -18.874 10.450  1.00 19.18 ? 14  SER A CA  1 
ATOM   63   C  C   . SER A 1 14  ? 10.819  -19.240 9.827   1.00 18.57 ? 14  SER A C   1 
ATOM   64   O  O   . SER A 1 14  ? 10.710  -19.360 8.600   1.00 22.50 ? 14  SER A O   1 
ATOM   65   C  CB  . SER A 1 14  ? 12.879  -20.132 10.940  1.00 27.56 ? 14  SER A CB  1 
ATOM   66   O  OG  . SER A 1 14  ? 14.225  -19.840 11.266  1.00 40.10 ? 14  SER A OG  1 
ATOM   67   N  N   . LEU A 1 15  ? 9.787   -19.432 10.657  1.00 19.01 ? 15  LEU A N   1 
ATOM   68   C  CA  . LEU A 1 15  ? 8.461   -19.734 10.130  1.00 19.00 ? 15  LEU A CA  1 
ATOM   69   C  C   . LEU A 1 15  ? 7.886   -18.554 9.357   1.00 22.72 ? 15  LEU A C   1 
ATOM   70   O  O   . LEU A 1 15  ? 7.256   -18.744 8.311   1.00 18.21 ? 15  LEU A O   1 
ATOM   71   C  CB  . LEU A 1 15  ? 7.520   -20.135 11.266  1.00 20.35 ? 15  LEU A CB  1 
ATOM   72   C  CG  . LEU A 1 15  ? 7.767   -21.509 11.888  1.00 23.49 ? 15  LEU A CG  1 
ATOM   73   C  CD1 . LEU A 1 15  ? 6.978   -21.653 13.182  1.00 26.79 ? 15  LEU A CD1 1 
ATOM   74   C  CD2 . LEU A 1 15  ? 7.370   -22.586 10.891  1.00 23.53 ? 15  LEU A CD2 1 
ATOM   75   N  N   . LEU A 1 16  ? 8.079   -17.332 9.864   1.00 22.30 ? 16  LEU A N   1 
ATOM   76   C  CA  . LEU A 1 16  ? 7.569   -16.150 9.169   1.00 18.22 ? 16  LEU A CA  1 
ATOM   77   C  C   . LEU A 1 16  ? 8.127   -16.069 7.755   1.00 19.50 ? 16  LEU A C   1 
ATOM   78   O  O   . LEU A 1 16  ? 7.387   -15.835 6.793   1.00 20.51 ? 16  LEU A O   1 
ATOM   79   C  CB  . LEU A 1 16  ? 7.917   -14.885 9.954   1.00 20.02 ? 16  LEU A CB  1 
ATOM   80   C  CG  . LEU A 1 16  ? 7.360   -14.773 11.374  1.00 25.91 ? 16  LEU A CG  1 
ATOM   81   C  CD1 . LEU A 1 16  ? 7.700   -13.406 11.958  1.00 22.83 ? 16  LEU A CD1 1 
ATOM   82   C  CD2 . LEU A 1 16  ? 5.850   -15.013 11.406  1.00 25.61 ? 16  LEU A CD2 1 
ATOM   83   N  N   . ILE A 1 17  ? 9.435   -16.272 7.607   1.00 16.51 ? 17  ILE A N   1 
ATOM   84   C  CA  . ILE A 1 17  ? 10.044  -16.248 6.280   1.00 17.81 ? 17  ILE A CA  1 
ATOM   85   C  C   . ILE A 1 17  ? 9.427   -17.322 5.396   1.00 18.72 ? 17  ILE A C   1 
ATOM   86   O  O   . ILE A 1 17  ? 9.062   -17.069 4.241   1.00 21.58 ? 17  ILE A O   1 
ATOM   87   C  CB  . ILE A 1 17  ? 11.568  -16.422 6.391   1.00 20.93 ? 17  ILE A CB  1 
ATOM   88   C  CG1 . ILE A 1 17  ? 12.174  -15.263 7.181   1.00 23.90 ? 17  ILE A CG1 1 
ATOM   89   C  CG2 . ILE A 1 17  ? 12.180  -16.534 5.007   1.00 24.35 ? 17  ILE A CG2 1 
ATOM   90   C  CD1 . ILE A 1 17  ? 13.594  -15.511 7.628   1.00 31.01 ? 17  ILE A CD1 1 
ATOM   91   N  N   . LYS A 1 18  ? 9.305   -18.543 5.927   1.00 20.54 ? 18  LYS A N   1 
ATOM   92   C  CA  . LYS A 1 18  ? 8.720   -19.642 5.163   1.00 21.68 ? 18  LYS A CA  1 
ATOM   93   C  C   . LYS A 1 18  ? 7.312   -19.295 4.692   1.00 23.83 ? 18  LYS A C   1 
ATOM   94   O  O   . LYS A 1 18  ? 6.959   -19.511 3.526   1.00 23.35 ? 18  LYS A O   1 
ATOM   95   C  CB  . LYS A 1 18  ? 8.709   -20.911 6.022   1.00 25.33 ? 18  LYS A CB  1 
ATOM   96   C  CG  . LYS A 1 18  ? 8.021   -22.121 5.401   1.00 34.74 ? 18  LYS A CG  1 
ATOM   97   C  CD  . LYS A 1 18  ? 7.825   -23.225 6.455   1.00 30.71 ? 18  LYS A CD  1 
ATOM   98   C  CE  . LYS A 1 18  ? 7.077   -24.433 5.897   1.00 39.84 ? 18  LYS A CE  1 
ATOM   99   N  NZ  . LYS A 1 18  ? 7.845   -25.140 4.832   1.00 52.84 ? 18  LYS A NZ  1 
ATOM   100  N  N   . TRP A 1 19  ? 6.497   -18.738 5.587   1.00 19.12 ? 19  TRP A N   1 
ATOM   101  C  CA  . TRP A 1 19  ? 5.111   -18.445 5.242   1.00 16.11 ? 19  TRP A CA  1 
ATOM   102  C  C   . TRP A 1 19  ? 5.015   -17.296 4.248   1.00 19.96 ? 19  TRP A C   1 
ATOM   103  O  O   . TRP A 1 19  ? 4.158   -17.309 3.358   1.00 22.08 ? 19  TRP A O   1 
ATOM   104  C  CB  . TRP A 1 19  ? 4.322   -18.118 6.504   1.00 16.05 ? 19  TRP A CB  1 
ATOM   105  C  CG  . TRP A 1 19  ? 4.186   -19.280 7.439   1.00 20.41 ? 19  TRP A CG  1 
ATOM   106  C  CD1 . TRP A 1 19  ? 4.210   -20.606 7.110   1.00 20.68 ? 19  TRP A CD1 1 
ATOM   107  C  CD2 . TRP A 1 19  ? 4.025   -19.218 8.857   1.00 22.27 ? 19  TRP A CD2 1 
ATOM   108  N  NE1 . TRP A 1 19  ? 4.060   -21.375 8.239   1.00 23.87 ? 19  TRP A NE1 1 
ATOM   109  C  CE2 . TRP A 1 19  ? 3.945   -20.546 9.327   1.00 24.05 ? 19  TRP A CE2 1 
ATOM   110  C  CE3 . TRP A 1 19  ? 3.930   -18.167 9.777   1.00 19.96 ? 19  TRP A CE3 1 
ATOM   111  C  CZ2 . TRP A 1 19  ? 3.782   -20.851 10.675  1.00 19.94 ? 19  TRP A CZ2 1 
ATOM   112  C  CZ3 . TRP A 1 19  ? 3.769   -18.467 11.114  1.00 18.19 ? 19  TRP A CZ3 1 
ATOM   113  C  CH2 . TRP A 1 19  ? 3.697   -19.805 11.556  1.00 21.59 ? 19  TRP A CH2 1 
ATOM   114  N  N   . LEU A 1 20  ? 5.868   -16.283 4.395   1.00 19.55 ? 20  LEU A N   1 
ATOM   115  C  CA  . LEU A 1 20  ? 5.805   -15.143 3.484   1.00 21.25 ? 20  LEU A CA  1 
ATOM   116  C  C   . LEU A 1 20  ? 6.288   -15.531 2.090   1.00 24.68 ? 20  LEU A C   1 
ATOM   117  O  O   . LEU A 1 20  ? 5.715   -15.094 1.087   1.00 22.06 ? 20  LEU A O   1 
ATOM   118  C  CB  . LEU A 1 20  ? 6.616   -13.976 4.046   1.00 19.16 ? 20  LEU A CB  1 
ATOM   119  C  CG  . LEU A 1 20  ? 6.039   -13.349 5.316   1.00 20.68 ? 20  LEU A CG  1 
ATOM   120  C  CD1 . LEU A 1 20  ? 7.043   -12.414 5.974   1.00 24.05 ? 20  LEU A CD1 1 
ATOM   121  C  CD2 . LEU A 1 20  ? 4.740   -12.604 5.009   1.00 19.86 ? 20  LEU A CD2 1 
ATOM   122  N  N   . LYS A 1 21  ? 7.321   -16.374 2.011   1.00 24.14 ? 21  LYS A N   1 
ATOM   123  C  CA  . LYS A 1 21  ? 7.810   -16.831 0.712   1.00 23.85 ? 21  LYS A CA  1 
ATOM   124  C  C   . LYS A 1 21  ? 6.795   -17.712 -0.007  1.00 25.99 ? 21  LYS A C   1 
ATOM   125  O  O   . LYS A 1 21  ? 6.726   -17.695 -1.243  1.00 31.46 ? 21  LYS A O   1 
ATOM   126  C  CB  . LYS A 1 21  ? 9.126   -17.583 0.888   1.00 25.42 ? 21  LYS A CB  1 
ATOM   127  C  CG  . LYS A 1 21  ? 10.323  -16.680 1.103   1.00 26.75 ? 21  LYS A CG  1 
ATOM   128  C  CD  . LYS A 1 21  ? 11.559  -17.281 0.447   1.00 48.07 ? 21  LYS A CD  1 
ATOM   129  C  CE  . LYS A 1 21  ? 11.470  -17.262 -1.070  1.00 41.88 ? 21  LYS A CE  1 
ATOM   130  N  NZ  . LYS A 1 21  ? 11.614  -15.892 -1.636  1.00 51.59 ? 21  LYS A NZ  1 
ATOM   131  N  N   . ALA A 1 22  ? 6.006   -18.488 0.735   1.00 23.33 ? 22  ALA A N   1 
ATOM   132  C  CA  . ALA A 1 22  ? 5.017   -19.362 0.118   1.00 23.23 ? 22  ALA A CA  1 
ATOM   133  C  C   . ALA A 1 22  ? 3.743   -18.626 -0.269  1.00 30.75 ? 22  ALA A C   1 
ATOM   134  O  O   . ALA A 1 22  ? 2.974   -19.133 -1.092  1.00 29.64 ? 22  ALA A O   1 
ATOM   135  C  CB  . ALA A 1 22  ? 4.668   -20.516 1.064   1.00 26.57 ? 22  ALA A CB  1 
ATOM   136  N  N   . SER A 1 23  ? 3.503   -17.451 0.300   1.00 29.06 ? 23  SER A N   1 
ATOM   137  C  CA  . SER A 1 23  ? 2.234   -16.763 0.126   1.00 24.00 ? 23  SER A CA  1 
ATOM   138  C  C   . SER A 1 23  ? 2.235   -15.930 -1.149  1.00 28.94 ? 23  SER A C   1 
ATOM   139  O  O   . SER A 1 23  ? 3.259   -15.357 -1.540  1.00 31.62 ? 23  SER A O   1 
ATOM   140  C  CB  . SER A 1 23  ? 1.937   -15.873 1.335   1.00 23.91 ? 23  SER A CB  1 
ATOM   141  O  OG  . SER A 1 23  ? 0.649   -15.286 1.225   1.00 29.97 ? 23  SER A OG  1 
ATOM   142  N  N   . ASP A 1 24  ? 1.076   -15.883 -1.799  1.00 27.22 ? 24  ASP A N   1 
ATOM   143  C  CA  . ASP A 1 24  ? 0.846   -15.054 -2.972  1.00 28.49 ? 24  ASP A CA  1 
ATOM   144  C  C   . ASP A 1 24  ? 0.043   -13.804 -2.635  1.00 35.19 ? 24  ASP A C   1 
ATOM   145  O  O   . ASP A 1 24  ? -0.216  -12.987 -3.523  1.00 37.10 ? 24  ASP A O   1 
ATOM   146  C  CB  . ASP A 1 24  ? 0.122   -15.871 -4.053  1.00 32.40 ? 24  ASP A CB  1 
ATOM   147  C  CG  . ASP A 1 24  ? 0.160   -15.209 -5.421  1.00 41.80 ? 24  ASP A CG  1 
ATOM   148  O  OD1 . ASP A 1 24  ? 1.184   -14.573 -5.747  1.00 52.97 ? 24  ASP A OD1 1 
ATOM   149  O  OD2 . ASP A 1 24  ? -0.834  -15.330 -6.169  1.00 44.48 ? 24  ASP A OD2 1 
ATOM   150  N  N   . THR A 1 25  ? -0.359  -13.647 -1.381  1.00 27.60 ? 25  THR A N   1 
ATOM   151  C  CA  . THR A 1 25  ? -1.177  -12.536 -0.920  1.00 26.76 ? 25  THR A CA  1 
ATOM   152  C  C   . THR A 1 25  ? -0.605  -12.026 0.394   1.00 27.04 ? 25  THR A C   1 
ATOM   153  O  O   . THR A 1 25  ? 0.119   -12.751 1.086   1.00 25.60 ? 25  THR A O   1 
ATOM   154  C  CB  . THR A 1 25  ? -2.639  -12.960 -0.720  1.00 30.44 ? 25  THR A CB  1 
ATOM   155  O  OG1 . THR A 1 25  ? -2.693  -14.071 0.183   1.00 36.27 ? 25  THR A OG1 1 
ATOM   156  C  CG2 . THR A 1 25  ? -3.276  -13.358 -2.048  1.00 43.82 ? 25  THR A CG2 1 
ATOM   157  N  N   . PRO A 1 26  ? -0.906  -10.781 0.762   1.00 26.70 ? 26  PRO A N   1 
ATOM   158  C  CA  . PRO A 1 26  ? -0.439  -10.265 2.056   1.00 21.32 ? 26  PRO A CA  1 
ATOM   159  C  C   . PRO A 1 26  ? -0.957  -11.101 3.216   1.00 26.25 ? 26  PRO A C   1 
ATOM   160  O  O   . PRO A 1 26  ? -2.092  -11.580 3.206   1.00 24.40 ? 26  PRO A O   1 
ATOM   161  C  CB  . PRO A 1 26  ? -1.008  -8.840  2.096   1.00 23.52 ? 26  PRO A CB  1 
ATOM   162  C  CG  . PRO A 1 26  ? -1.155  -8.459  0.661   1.00 29.50 ? 26  PRO A CG  1 
ATOM   163  C  CD  . PRO A 1 26  ? -1.547  -9.731  -0.051  1.00 28.77 ? 26  PRO A CD  1 
ATOM   164  N  N   . LEU A 1 27  ? -0.104  -11.279 4.222   1.00 20.13 ? 27  LEU A N   1 
ATOM   165  C  CA  . LEU A 1 27  ? -0.463  -11.959 5.461   1.00 21.81 ? 27  LEU A CA  1 
ATOM   166  C  C   . LEU A 1 27  ? -0.518  -10.928 6.579   1.00 23.33 ? 27  LEU A C   1 
ATOM   167  O  O   . LEU A 1 27  ? 0.491   -10.285 6.878   1.00 20.66 ? 27  LEU A O   1 
ATOM   168  C  CB  . LEU A 1 27  ? 0.543   -13.063 5.792   1.00 22.98 ? 27  LEU A CB  1 
ATOM   169  C  CG  . LEU A 1 27  ? 0.439   -14.294 4.892   1.00 29.42 ? 27  LEU A CG  1 
ATOM   170  C  CD1 . LEU A 1 27  ? 1.537   -15.309 5.213   1.00 24.09 ? 27  LEU A CD1 1 
ATOM   171  C  CD2 . LEU A 1 27  ? -0.941  -14.914 5.060   1.00 32.77 ? 27  LEU A CD2 1 
ATOM   172  N  N   . THR A 1 28  ? -1.688  -10.776 7.198   1.00 20.01 ? 28  THR A N   1 
ATOM   173  C  CA  . THR A 1 28  ? -1.859  -9.758  8.227   1.00 19.55 ? 28  THR A CA  1 
ATOM   174  C  C   . THR A 1 28  ? -1.040  -10.082 9.472   1.00 21.78 ? 28  THR A C   1 
ATOM   175  O  O   . THR A 1 28  ? -0.784  -11.244 9.796   1.00 19.64 ? 28  THR A O   1 
ATOM   176  C  CB  . THR A 1 28  ? -3.333  -9.622  8.619   1.00 25.72 ? 28  THR A CB  1 
ATOM   177  O  OG1 . THR A 1 28  ? -3.766  -10.820 9.275   1.00 25.51 ? 28  THR A OG1 1 
ATOM   178  C  CG2 . THR A 1 28  ? -4.186  -9.386  7.392   1.00 27.09 ? 28  THR A CG2 1 
ATOM   179  N  N   . GLY A 1 29  ? -0.638  -9.028  10.183  1.00 20.26 ? 29  GLY A N   1 
ATOM   180  C  CA  . GLY A 1 29  ? 0.051   -9.232  11.446  1.00 23.79 ? 29  GLY A CA  1 
ATOM   181  C  C   . GLY A 1 29  ? -0.762  -10.076 12.403  1.00 27.07 ? 29  GLY A C   1 
ATOM   182  O  O   . GLY A 1 29  ? -0.217  -10.911 13.132  1.00 21.64 ? 29  GLY A O   1 
ATOM   183  N  N   . ALA A 1 30  ? -2.085  -9.890  12.394  1.00 24.48 ? 30  ALA A N   1 
ATOM   184  C  CA  . ALA A 1 30  ? -2.960  -10.677 13.258  1.00 25.93 ? 30  ALA A CA  1 
ATOM   185  C  C   . ALA A 1 30  ? -2.898  -12.162 12.914  1.00 21.04 ? 30  ALA A C   1 
ATOM   186  O  O   . ALA A 1 30  ? -2.855  -13.014 13.811  1.00 24.74 ? 30  ALA A O   1 
ATOM   187  C  CB  . ALA A 1 30  ? -4.396  -10.160 13.148  1.00 26.84 ? 30  ALA A CB  1 
ATOM   188  N  N   . GLU A 1 31  ? -2.905  -12.490 11.620  1.00 19.89 ? 31  GLU A N   1 
ATOM   189  C  CA  . GLU A 1 31  ? -2.795  -13.884 11.200  1.00 22.24 ? 31  GLU A CA  1 
ATOM   190  C  C   . GLU A 1 31  ? -1.465  -14.489 11.635  1.00 23.56 ? 31  GLU A C   1 
ATOM   191  O  O   . GLU A 1 31  ? -1.423  -15.588 12.198  1.00 21.79 ? 31  GLU A O   1 
ATOM   192  C  CB  . GLU A 1 31  ? -2.962  -13.981 9.683   1.00 24.02 ? 31  GLU A CB  1 
ATOM   193  C  CG  . GLU A 1 31  ? -2.695  -15.365 9.109   1.00 24.98 ? 31  GLU A CG  1 
ATOM   194  C  CD  . GLU A 1 31  ? -3.710  -16.403 9.555   1.00 32.19 ? 31  GLU A CD  1 
ATOM   195  O  OE1 . GLU A 1 31  ? -3.391  -17.608 9.490   1.00 34.33 ? 31  GLU A OE1 1 
ATOM   196  O  OE2 . GLU A 1 31  ? -4.828  -16.020 9.962   1.00 35.41 ? 31  GLU A OE2 1 
ATOM   197  N  N   . LEU A 1 32  ? -0.360  -13.788 11.364  1.00 21.05 ? 32  LEU A N   1 
ATOM   198  C  CA  . LEU A 1 32  ? 0.950   -14.286 11.774  1.00 18.05 ? 32  LEU A CA  1 
ATOM   199  C  C   . LEU A 1 32  ? 1.043   -14.431 13.289  1.00 23.83 ? 32  LEU A C   1 
ATOM   200  O  O   . LEU A 1 32  ? 1.661   -15.377 13.794  1.00 24.92 ? 32  LEU A O   1 
ATOM   201  C  CB  . LEU A 1 32  ? 2.046   -13.353 11.261  1.00 19.92 ? 32  LEU A CB  1 
ATOM   202  C  CG  . LEU A 1 32  ? 2.103   -13.174 9.750   1.00 17.59 ? 32  LEU A CG  1 
ATOM   203  C  CD1 . LEU A 1 32  ? 3.138   -12.116 9.417   1.00 19.10 ? 32  LEU A CD1 1 
ATOM   204  C  CD2 . LEU A 1 32  ? 2.445   -14.497 9.059   1.00 19.82 ? 32  LEU A CD2 1 
ATOM   205  N  N   . ALA A 1 33  ? 0.437   -13.498 14.029  1.00 21.20 ? 33  ALA A N   1 
ATOM   206  C  CA  . ALA A 1 33  ? 0.450   -13.585 15.485  1.00 18.95 ? 33  ALA A CA  1 
ATOM   207  C  C   . ALA A 1 33  ? -0.332  -14.802 15.975  1.00 22.33 ? 33  ALA A C   1 
ATOM   208  O  O   . ALA A 1 33  ? 0.075   -15.463 16.935  1.00 24.88 ? 33  ALA A O   1 
ATOM   209  C  CB  . ALA A 1 33  ? -0.121  -12.303 16.091  1.00 24.45 ? 33  ALA A CB  1 
ATOM   210  N  N   . LYS A 1 34  ? -1.465  -15.104 15.338  1.00 21.89 ? 34  LYS A N   1 
ATOM   211  C  CA  . LYS A 1 34  ? -2.242  -16.267 15.762  1.00 20.45 ? 34  LYS A CA  1 
ATOM   212  C  C   . LYS A 1 34  ? -1.531  -17.572 15.429  1.00 25.23 ? 34  LYS A C   1 
ATOM   213  O  O   . LYS A 1 34  ? -1.616  -18.539 16.198  1.00 24.45 ? 34  LYS A O   1 
ATOM   214  C  CB  . LYS A 1 34  ? -3.626  -16.240 15.117  1.00 23.98 ? 34  LYS A CB  1 
ATOM   215  C  CG  . LYS A 1 34  ? -4.540  -15.163 15.673  1.00 35.19 ? 34  LYS A CG  1 
ATOM   216  C  CD  . LYS A 1 34  ? -5.886  -15.145 14.955  1.00 37.01 ? 34  LYS A CD  1 
ATOM   217  C  CE  . LYS A 1 34  ? -5.755  -14.588 13.548  1.00 44.68 ? 34  LYS A CE  1 
ATOM   218  N  NZ  . LYS A 1 34  ? -7.080  -14.226 12.966  1.00 50.19 ? 34  LYS A NZ  1 
ATOM   219  N  N   . ARG A 1 35  ? -0.826  -17.625 14.296  1.00 21.19 ? 35  ARG A N   1 
ATOM   220  C  CA  . ARG A 1 35  ? -0.094  -18.836 13.940  1.00 21.95 ? 35  ARG A CA  1 
ATOM   221  C  C   . ARG A 1 35  ? 1.059   -19.123 14.887  1.00 24.96 ? 35  ARG A C   1 
ATOM   222  O  O   . ARG A 1 35  ? 1.538   -20.260 14.928  1.00 23.96 ? 35  ARG A O   1 
ATOM   223  C  CB  . ARG A 1 35  ? 0.463   -18.736 12.525  1.00 19.94 ? 35  ARG A CB  1 
ATOM   224  C  CG  . ARG A 1 35  ? -0.563  -18.632 11.435  1.00 21.60 ? 35  ARG A CG  1 
ATOM   225  C  CD  . ARG A 1 35  ? 0.142   -18.673 10.082  1.00 23.61 ? 35  ARG A CD  1 
ATOM   226  N  NE  . ARG A 1 35  ? -0.782  -18.549 8.965   1.00 20.39 ? 35  ARG A NE  1 
ATOM   227  C  CZ  . ARG A 1 35  ? -0.411  -18.582 7.692   1.00 23.67 ? 35  ARG A CZ  1 
ATOM   228  N  NH1 . ARG A 1 35  ? 0.867   -18.745 7.379   1.00 22.20 ? 35  ARG A NH1 1 
ATOM   229  N  NH2 . ARG A 1 35  ? -1.313  -18.455 6.732   1.00 27.57 ? 35  ARG A NH2 1 
ATOM   230  N  N   . THR A 1 36  ? 1.541   -18.121 15.621  1.00 21.79 ? 36  THR A N   1 
ATOM   231  C  CA  . THR A 1 36  ? 2.716   -18.286 16.460  1.00 18.74 ? 36  THR A CA  1 
ATOM   232  C  C   . THR A 1 36  ? 2.461   -17.991 17.932  1.00 23.20 ? 36  THR A C   1 
ATOM   233  O  O   . THR A 1 36  ? 3.413   -18.021 18.723  1.00 24.57 ? 36  THR A O   1 
ATOM   234  C  CB  . THR A 1 36  ? 3.853   -17.388 15.953  1.00 25.99 ? 36  THR A CB  1 
ATOM   235  O  OG1 . THR A 1 36  ? 3.413   -16.024 15.950  1.00 23.17 ? 36  THR A OG1 1 
ATOM   236  C  CG2 . THR A 1 36  ? 4.246   -17.780 14.537  1.00 25.23 ? 36  THR A CG2 1 
ATOM   237  N  N   . ASN A 1 37  ? 1.214   -17.709 18.320  1.00 20.54 ? 37  ASN A N   1 
ATOM   238  C  CA  . ASN A 1 37  ? 0.857   -17.459 19.716  1.00 25.21 ? 37  ASN A CA  1 
ATOM   239  C  C   . ASN A 1 37  ? 1.609   -16.264 20.295  1.00 32.05 ? 37  ASN A C   1 
ATOM   240  O  O   . ASN A 1 37  ? 2.084   -16.304 21.431  1.00 28.18 ? 37  ASN A O   1 
ATOM   241  C  CB  . ASN A 1 37  ? 1.090   -18.697 20.583  1.00 30.94 ? 37  ASN A CB  1 
ATOM   242  C  CG  . ASN A 1 37  ? -0.146  -19.538 20.727  1.00 47.52 ? 37  ASN A CG  1 
ATOM   243  O  OD1 . ASN A 1 37  ? -0.969  -19.305 21.611  1.00 51.25 ? 37  ASN A OD1 1 
ATOM   244  N  ND2 . ASN A 1 37  ? -0.289  -20.524 19.856  1.00 43.65 ? 37  ASN A ND2 1 
ATOM   245  N  N   . VAL A 1 38  ? 1.729   -15.192 19.518  1.00 23.16 ? 38  VAL A N   1 
ATOM   246  C  CA  . VAL A 1 38  ? 2.288   -13.942 20.011  1.00 25.65 ? 38  VAL A CA  1 
ATOM   247  C  C   . VAL A 1 38  ? 1.313   -12.813 19.703  1.00 24.55 ? 38  VAL A C   1 
ATOM   248  O  O   . VAL A 1 38  ? 0.232   -13.026 19.158  1.00 29.25 ? 38  VAL A O   1 
ATOM   249  C  CB  . VAL A 1 38  ? 3.682   -13.632 19.427  1.00 25.30 ? 38  VAL A CB  1 
ATOM   250  C  CG1 . VAL A 1 38  ? 4.698   -14.676 19.862  1.00 30.12 ? 38  VAL A CG1 1 
ATOM   251  C  CG2 . VAL A 1 38  ? 3.619   -13.500 17.904  1.00 27.12 ? 38  VAL A CG2 1 
ATOM   252  N  N   . SER A 1 39  ? 1.711   -11.600 20.064  1.00 28.35 ? 39  SER A N   1 
ATOM   253  C  CA  . SER A 1 39  ? 0.920   -10.414 19.787  1.00 34.32 ? 39  SER A CA  1 
ATOM   254  C  C   . SER A 1 39  ? 1.356   -9.804  18.459  1.00 25.19 ? 39  SER A C   1 
ATOM   255  O  O   . SER A 1 39  ? 2.452   -10.074 17.958  1.00 23.30 ? 39  SER A O   1 
ATOM   256  C  CB  . SER A 1 39  ? 1.070   -9.384  20.909  1.00 34.94 ? 39  SER A CB  1 
ATOM   257  O  OG  . SER A 1 39  ? 2.423   -9.001  21.053  1.00 33.76 ? 39  SER A OG  1 
ATOM   258  N  N   . ARG A 1 40  ? 0.476   -8.976  17.885  1.00 25.80 ? 40  ARG A N   1 
ATOM   259  C  CA  . ARG A 1 40  ? 0.848   -8.265  16.666  1.00 31.31 ? 40  ARG A CA  1 
ATOM   260  C  C   . ARG A 1 40  ? 2.094   -7.419  16.893  1.00 31.33 ? 40  ARG A C   1 
ATOM   261  O  O   . ARG A 1 40  ? 2.912   -7.258  15.983  1.00 28.65 ? 40  ARG A O   1 
ATOM   262  C  CB  . ARG A 1 40  ? -0.304  -7.390  16.166  1.00 36.63 ? 40  ARG A CB  1 
ATOM   263  C  CG  . ARG A 1 40  ? 0.004   -6.693  14.854  1.00 39.86 ? 40  ARG A CG  1 
ATOM   264  C  CD  . ARG A 1 40  ? -0.853  -5.459  14.646  1.00 59.36 ? 40  ARG A CD  1 
ATOM   265  N  NE  . ARG A 1 40  ? -0.035  -4.439  13.998  1.00 52.13 ? 40  ARG A NE  1 
ATOM   266  C  CZ  . ARG A 1 40  ? 0.636   -3.494  14.652  1.00 54.70 ? 40  ARG A CZ  1 
ATOM   267  N  NH1 . ARG A 1 40  ? 1.377   -2.600  13.983  1.00 58.32 ? 40  ARG A NH1 1 
ATOM   268  N  NH2 . ARG A 1 40  ? 0.585   -3.456  15.975  1.00 60.92 ? 40  ARG A NH2 1 
ATOM   269  N  N   . GLN A 1 41  ? 2.264   -6.883  18.108  1.00 29.99 ? 41  GLN A N   1 
ATOM   270  C  CA  . GLN A 1 41  ? 3.468   -6.115  18.424  1.00 31.23 ? 41  GLN A CA  1 
ATOM   271  C  C   . GLN A 1 41  ? 4.728   -6.963  18.290  1.00 26.17 ? 41  GLN A C   1 
ATOM   272  O  O   . GLN A 1 41  ? 5.757   -6.486  17.799  1.00 22.40 ? 41  GLN A O   1 
ATOM   273  C  CB  . GLN A 1 41  ? 3.374   -5.538  19.838  1.00 30.79 ? 41  GLN A CB  1 
ATOM   274  C  CG  . GLN A 1 41  ? 4.628   -4.817  20.290  1.00 29.83 ? 41  GLN A CG  1 
ATOM   275  C  CD  . GLN A 1 41  ? 4.847   -3.533  19.523  1.00 34.11 ? 41  GLN A CD  1 
ATOM   276  O  OE1 . GLN A 1 41  ? 3.915   -2.988  18.937  1.00 40.87 ? 41  GLN A OE1 1 
ATOM   277  N  NE2 . GLN A 1 41  ? 6.088   -3.051  19.504  1.00 33.17 ? 41  GLN A NE2 1 
ATOM   278  N  N   . VAL A 1 42  ? 4.678   -8.215  18.747  1.00 22.62 ? 42  VAL A N   1 
ATOM   279  C  CA  . VAL A 1 42  ? 5.833   -9.095  18.588  1.00 23.67 ? 42  VAL A CA  1 
ATOM   280  C  C   . VAL A 1 42  ? 6.121   -9.331  17.110  1.00 19.02 ? 42  VAL A C   1 
ATOM   281  O  O   . VAL A 1 42  ? 7.285   -9.401  16.694  1.00 20.31 ? 42  VAL A O   1 
ATOM   282  C  CB  . VAL A 1 42  ? 5.608   -10.416 19.347  1.00 24.03 ? 42  VAL A CB  1 
ATOM   283  C  CG1 . VAL A 1 42  ? 6.731   -11.391 19.050  1.00 25.25 ? 42  VAL A CG1 1 
ATOM   284  C  CG2 . VAL A 1 42  ? 5.517   -10.152 20.844  1.00 27.45 ? 42  VAL A CG2 1 
ATOM   285  N  N   . ILE A 1 43  ? 5.070   -9.442  16.291  1.00 19.79 ? 43  ILE A N   1 
ATOM   286  C  CA  . ILE A 1 43  ? 5.270   -9.626  14.854  1.00 17.08 ? 43  ILE A CA  1 
ATOM   287  C  C   . ILE A 1 43  ? 5.943   -8.399  14.245  1.00 20.03 ? 43  ILE A C   1 
ATOM   288  O  O   . ILE A 1 43  ? 6.815   -8.522  13.377  1.00 18.23 ? 43  ILE A O   1 
ATOM   289  C  CB  . ILE A 1 43  ? 3.935   -9.950  14.155  1.00 19.42 ? 43  ILE A CB  1 
ATOM   290  C  CG1 . ILE A 1 43  ? 3.380   -11.282 14.664  1.00 19.25 ? 43  ILE A CG1 1 
ATOM   291  C  CG2 . ILE A 1 43  ? 4.113   -10.009 12.632  1.00 19.20 ? 43  ILE A CG2 1 
ATOM   292  C  CD1 . ILE A 1 43  ? 4.317   -12.469 14.413  1.00 22.25 ? 43  ILE A CD1 1 
ATOM   293  N  N   . VAL A 1 44  ? 5.565   -7.202  14.697  1.00 18.53 ? 44  VAL A N   1 
ATOM   294  C  CA  . VAL A 1 44  ? 6.240   -5.990  14.223  1.00 17.52 ? 44  VAL A CA  1 
ATOM   295  C  C   . VAL A 1 44  ? 7.734   -6.064  14.513  1.00 19.89 ? 44  VAL A C   1 
ATOM   296  O  O   . VAL A 1 44  ? 8.571   -5.751  13.656  1.00 20.81 ? 44  VAL A O   1 
ATOM   297  C  CB  . VAL A 1 44  ? 5.617   -4.737  14.863  1.00 16.88 ? 44  VAL A CB  1 
ATOM   298  C  CG1 . VAL A 1 44  ? 6.474   -3.512  14.543  1.00 22.54 ? 44  VAL A CG1 1 
ATOM   299  C  CG2 . VAL A 1 44  ? 4.206   -4.535  14.368  1.00 21.82 ? 44  VAL A CG2 1 
ATOM   300  N  N   . GLN A 1 45  ? 8.088   -6.475  15.734  1.00 17.81 ? 45  GLN A N   1 
ATOM   301  C  CA  . GLN A 1 45  ? 9.493   -6.578  16.117  1.00 17.93 ? 45  GLN A CA  1 
ATOM   302  C  C   . GLN A 1 45  ? 10.211  -7.668  15.328  1.00 20.89 ? 45  GLN A C   1 
ATOM   303  O  O   . GLN A 1 45  ? 11.349  -7.468  14.883  1.00 20.39 ? 45  GLN A O   1 
ATOM   304  C  CB  . GLN A 1 45  ? 9.597   -6.836  17.620  1.00 23.73 ? 45  GLN A CB  1 
ATOM   305  C  CG  . GLN A 1 45  ? 9.111   -5.656  18.451  1.00 23.15 ? 45  GLN A CG  1 
ATOM   306  C  CD  . GLN A 1 45  ? 8.993   -5.974  19.923  1.00 38.07 ? 45  GLN A CD  1 
ATOM   307  O  OE1 . GLN A 1 45  ? 8.289   -5.284  20.658  1.00 39.85 ? 45  GLN A OE1 1 
ATOM   308  N  NE2 . GLN A 1 45  ? 9.677   -7.025  20.362  1.00 43.60 ? 45  GLN A NE2 1 
ATOM   309  N  N   . ASP A 1 46  ? 9.572   -8.829  15.154  1.00 20.97 ? 46  ASP A N   1 
ATOM   310  C  CA  . ASP A 1 46  ? 10.153  -9.890  14.331  1.00 20.00 ? 46  ASP A CA  1 
ATOM   311  C  C   . ASP A 1 46  ? 10.461  -9.395  12.924  1.00 19.23 ? 46  ASP A C   1 
ATOM   312  O  O   . ASP A 1 46  ? 11.557  -9.616  12.396  1.00 18.57 ? 46  ASP A O   1 
ATOM   313  C  CB  . ASP A 1 46  ? 9.198   -11.082 14.251  1.00 20.76 ? 46  ASP A CB  1 
ATOM   314  C  CG  . ASP A 1 46  ? 9.137   -11.879 15.526  1.00 32.62 ? 46  ASP A CG  1 
ATOM   315  O  OD1 . ASP A 1 46  ? 10.073  -11.789 16.348  1.00 32.18 ? 46  ASP A OD1 1 
ATOM   316  O  OD2 . ASP A 1 46  ? 8.143   -12.618 15.692  1.00 36.16 ? 46  ASP A OD2 1 
ATOM   317  N  N   . VAL A 1 47  ? 9.485   -8.756  12.282  1.00 18.54 ? 47  VAL A N   1 
ATOM   318  C  CA  . VAL A 1 47  ? 9.694   -8.297  10.913  1.00 15.74 ? 47  VAL A CA  1 
ATOM   319  C  C   . VAL A 1 47  ? 10.769  -7.218  10.869  1.00 19.68 ? 47  VAL A C   1 
ATOM   320  O  O   . VAL A 1 47  ? 11.587  -7.178  9.944   1.00 19.49 ? 47  VAL A O   1 
ATOM   321  C  CB  . VAL A 1 47  ? 8.361   -7.818  10.311  1.00 19.21 ? 47  VAL A CB  1 
ATOM   322  C  CG1 . VAL A 1 47  ? 8.573   -7.160  8.956   1.00 19.57 ? 47  VAL A CG1 1 
ATOM   323  C  CG2 . VAL A 1 47  ? 7.405   -8.989  10.175  1.00 20.03 ? 47  VAL A CG2 1 
ATOM   324  N  N   . SER A 1 48  ? 10.803  -6.337  11.876  1.00 20.13 ? 48  SER A N   1 
ATOM   325  C  CA  . SER A 1 48  ? 11.872  -5.346  11.950  1.00 16.53 ? 48  SER A CA  1 
ATOM   326  C  C   . SER A 1 48  ? 13.247  -6.017  11.986  1.00 20.10 ? 48  SER A C   1 
ATOM   327  O  O   . SER A 1 48  ? 14.171  -5.609  11.272  1.00 20.23 ? 48  SER A O   1 
ATOM   328  C  CB  . SER A 1 48  ? 11.674  -4.451  13.175  1.00 21.91 ? 48  SER A CB  1 
ATOM   329  O  OG  . SER A 1 48  ? 10.438  -3.757  13.107  1.00 20.72 ? 48  SER A OG  1 
ATOM   330  N  N   . LEU A 1 49  ? 13.402  -7.045  12.821  1.00 18.45 ? 49  LEU A N   1 
ATOM   331  C  CA  . LEU A 1 49  ? 14.675  -7.765  12.882  1.00 20.52 ? 49  LEU A CA  1 
ATOM   332  C  C   . LEU A 1 49  ? 15.008  -8.412  11.544  1.00 21.81 ? 49  LEU A C   1 
ATOM   333  O  O   . LEU A 1 49  ? 16.168  -8.414  11.116  1.00 21.85 ? 49  LEU A O   1 
ATOM   334  C  CB  . LEU A 1 49  ? 14.623  -8.829  13.978  1.00 16.86 ? 49  LEU A CB  1 
ATOM   335  C  CG  . LEU A 1 49  ? 14.464  -8.295  15.401  1.00 24.27 ? 49  LEU A CG  1 
ATOM   336  C  CD1 . LEU A 1 49  ? 14.292  -9.443  16.372  1.00 32.21 ? 49  LEU A CD1 1 
ATOM   337  C  CD2 . LEU A 1 49  ? 15.662  -7.446  15.793  1.00 28.74 ? 49  LEU A CD2 1 
ATOM   338  N  N   . LEU A 1 50  ? 14.004  -8.979  10.876  1.00 20.77 ? 50  LEU A N   1 
ATOM   339  C  CA  . LEU A 1 50  ? 14.232  -9.606  9.577   1.00 20.54 ? 50  LEU A CA  1 
ATOM   340  C  C   . LEU A 1 50  ? 14.634  -8.579  8.525   1.00 24.94 ? 50  LEU A C   1 
ATOM   341  O  O   . LEU A 1 50  ? 15.472  -8.859  7.660   1.00 20.52 ? 50  LEU A O   1 
ATOM   342  C  CB  . LEU A 1 50  ? 12.975  -10.365 9.150   1.00 17.36 ? 50  LEU A CB  1 
ATOM   343  C  CG  . LEU A 1 50  ? 12.706  -11.598 10.007  1.00 20.99 ? 50  LEU A CG  1 
ATOM   344  C  CD1 . LEU A 1 50  ? 11.390  -12.253 9.619   1.00 23.72 ? 50  LEU A CD1 1 
ATOM   345  C  CD2 . LEU A 1 50  ? 13.856  -12.580 9.853   1.00 27.33 ? 50  LEU A CD2 1 
ATOM   346  N  N   . LYS A 1 51  ? 14.051  -7.380  8.580   1.00 20.62 ? 51  LYS A N   1 
ATOM   347  C  CA  . LYS A 1 51  ? 14.439  -6.342  7.629   1.00 17.93 ? 51  LYS A CA  1 
ATOM   348  C  C   . LYS A 1 51  ? 15.884  -5.909  7.847   1.00 20.86 ? 51  LYS A C   1 
ATOM   349  O  O   . LYS A 1 51  ? 16.603  -5.632  6.883   1.00 21.31 ? 51  LYS A O   1 
ATOM   350  C  CB  . LYS A 1 51  ? 13.494  -5.143  7.745   1.00 22.20 ? 51  LYS A CB  1 
ATOM   351  C  CG  . LYS A 1 51  ? 12.075  -5.463  7.331   1.00 19.76 ? 51  LYS A CG  1 
ATOM   352  C  CD  . LYS A 1 51  ? 11.104  -4.376  7.762   1.00 33.84 ? 51  LYS A CD  1 
ATOM   353  C  CE  . LYS A 1 51  ? 11.070  -3.260  6.749   1.00 41.23 ? 51  LYS A CE  1 
ATOM   354  N  NZ  . LYS A 1 51  ? 10.012  -2.262  7.073   1.00 46.92 ? 51  LYS A NZ  1 
ATOM   355  N  N   . ALA A 1 52  ? 16.325  -5.844  9.105   1.00 19.60 ? 52  ALA A N   1 
ATOM   356  C  CA  . ALA A 1 52  ? 17.721  -5.540  9.389   1.00 20.42 ? 52  ALA A CA  1 
ATOM   357  C  C   . ALA A 1 52  ? 18.663  -6.651  8.938   1.00 28.42 ? 52  ALA A C   1 
ATOM   358  O  O   . ALA A 1 52  ? 19.866  -6.405  8.803   1.00 31.86 ? 52  ALA A O   1 
ATOM   359  C  CB  . ALA A 1 52  ? 17.917  -5.266  10.881  1.00 23.82 ? 52  ALA A CB  1 
ATOM   360  N  N   . LYS A 1 53  ? 18.154  -7.861  8.707   1.00 24.11 ? 53  LYS A N   1 
ATOM   361  C  CA  . LYS A 1 53  ? 18.931  -8.926  8.082   1.00 23.25 ? 53  LYS A CA  1 
ATOM   362  C  C   . LYS A 1 53  ? 18.796  -8.926  6.566   1.00 32.09 ? 53  LYS A C   1 
ATOM   363  O  O   . LYS A 1 53  ? 19.156  -9.920  5.922   1.00 30.06 ? 53  LYS A O   1 
ATOM   364  C  CB  . LYS A 1 53  ? 18.522  -10.292 8.646   1.00 30.16 ? 53  LYS A CB  1 
ATOM   365  C  CG  . LYS A 1 53  ? 18.644  -10.392 10.157  1.00 33.56 ? 53  LYS A CG  1 
ATOM   366  C  CD  . LYS A 1 53  ? 18.553  -11.825 10.643  1.00 51.79 ? 53  LYS A CD  1 
ATOM   367  C  CE  . LYS A 1 53  ? 19.899  -12.524 10.525  1.00 59.78 ? 53  LYS A CE  1 
ATOM   368  N  NZ  . LYS A 1 53  ? 20.933  -11.867 11.375  1.00 59.35 ? 53  LYS A NZ  1 
ATOM   369  N  N   . ASN A 1 54  ? 18.274  -7.838  5.997   1.00 26.72 ? 54  ASN A N   1 
ATOM   370  C  CA  . ASN A 1 54  ? 18.175  -7.592  4.562   1.00 26.62 ? 54  ASN A CA  1 
ATOM   371  C  C   . ASN A 1 54  ? 17.130  -8.460  3.870   1.00 29.93 ? 54  ASN A C   1 
ATOM   372  O  O   . ASN A 1 54  ? 17.204  -8.663  2.653   1.00 25.60 ? 54  ASN A O   1 
ATOM   373  C  CB  . ASN A 1 54  ? 19.536  -7.743  3.873   1.00 36.60 ? 54  ASN A CB  1 
ATOM   374  C  CG  . ASN A 1 54  ? 20.535  -6.692  4.327   1.00 42.80 ? 54  ASN A CG  1 
ATOM   375  O  OD1 . ASN A 1 54  ? 20.156  -5.581  4.704   1.00 38.53 ? 54  ASN A OD1 1 
ATOM   376  N  ND2 . ASN A 1 54  ? 21.815  -7.039  4.294   1.00 49.48 ? 54  ASN A ND2 1 
ATOM   377  N  N   . HIS A 1 55  ? 16.146  -8.964  4.607   1.00 23.38 ? 55  HIS A N   1 
ATOM   378  C  CA  . HIS A 1 55  ? 14.972  -9.570  3.979   1.00 18.76 ? 55  HIS A CA  1 
ATOM   379  C  C   . HIS A 1 55  ? 14.086  -8.466  3.416   1.00 25.49 ? 55  HIS A C   1 
ATOM   380  O  O   . HIS A 1 55  ? 13.714  -7.549  4.160   1.00 26.99 ? 55  HIS A O   1 
ATOM   381  C  CB  . HIS A 1 55  ? 14.178  -10.402 4.986   1.00 19.94 ? 55  HIS A CB  1 
ATOM   382  C  CG  . HIS A 1 55  ? 14.842  -11.684 5.378   1.00 21.47 ? 55  HIS A CG  1 
ATOM   383  N  ND1 . HIS A 1 55  ? 14.732  -12.834 4.625   1.00 20.30 ? 55  HIS A ND1 1 
ATOM   384  C  CD2 . HIS A 1 55  ? 15.612  -12.000 6.445   1.00 24.09 ? 55  HIS A CD2 1 
ATOM   385  C  CE1 . HIS A 1 55  ? 15.411  -13.805 5.212   1.00 19.84 ? 55  HIS A CE1 1 
ATOM   386  N  NE2 . HIS A 1 55  ? 15.957  -13.324 6.315   1.00 24.95 ? 55  HIS A NE2 1 
ATOM   387  N  N   . PRO A 1 56  ? 13.723  -8.506  2.127   1.00 22.76 ? 56  PRO A N   1 
ATOM   388  C  CA  . PRO A 1 56  ? 12.847  -7.468  1.554   1.00 26.95 ? 56  PRO A CA  1 
ATOM   389  C  C   . PRO A 1 56  ? 11.378  -7.690  1.902   1.00 21.54 ? 56  PRO A C   1 
ATOM   390  O  O   . PRO A 1 56  ? 10.532  -7.937  1.040   1.00 25.37 ? 56  PRO A O   1 
ATOM   391  C  CB  . PRO A 1 56  ? 13.127  -7.598  0.052   1.00 34.23 ? 56  PRO A CB  1 
ATOM   392  C  CG  . PRO A 1 56  ? 13.451  -9.038  -0.132  1.00 28.19 ? 56  PRO A CG  1 
ATOM   393  C  CD  . PRO A 1 56  ? 14.221  -9.438  1.096   1.00 21.86 ? 56  PRO A CD  1 
ATOM   394  N  N   . ILE A 1 57  ? 11.071  -7.610  3.191   1.00 21.60 ? 57  ILE A N   1 
ATOM   395  C  CA  . ILE A 1 57  ? 9.703   -7.743  3.677   1.00 16.52 ? 57  ILE A CA  1 
ATOM   396  C  C   . ILE A 1 57  ? 9.104   -6.351  3.781   1.00 24.23 ? 57  ILE A C   1 
ATOM   397  O  O   . ILE A 1 57  ? 9.744   -5.424  4.289   1.00 25.15 ? 57  ILE A O   1 
ATOM   398  C  CB  . ILE A 1 57  ? 9.663   -8.466  5.032   1.00 18.51 ? 57  ILE A CB  1 
ATOM   399  C  CG1 . ILE A 1 57  ? 10.194  -9.893  4.900   1.00 22.99 ? 57  ILE A CG1 1 
ATOM   400  C  CG2 . ILE A 1 57  ? 8.241   -8.479  5.596   1.00 20.49 ? 57  ILE A CG2 1 
ATOM   401  C  CD1 . ILE A 1 57  ? 10.402  -10.577 6.237   1.00 24.38 ? 57  ILE A CD1 1 
ATOM   402  N  N   . LEU A 1 58  ? 7.887   -6.202  3.277   1.00 19.77 ? 58  LEU A N   1 
ATOM   403  C  CA  . LEU A 1 58  ? 7.180   -4.934  3.272   1.00 20.70 ? 58  LEU A CA  1 
ATOM   404  C  C   . LEU A 1 58  ? 5.896   -5.100  4.065   1.00 20.46 ? 58  LEU A C   1 
ATOM   405  O  O   . LEU A 1 58  ? 5.163   -6.073  3.863   1.00 20.75 ? 58  LEU A O   1 
ATOM   406  C  CB  . LEU A 1 58  ? 6.876   -4.495  1.834   1.00 28.75 ? 58  LEU A CB  1 
ATOM   407  C  CG  . LEU A 1 58  ? 6.310   -3.099  1.578   1.00 36.03 ? 58  LEU A CG  1 
ATOM   408  C  CD1 . LEU A 1 58  ? 7.171   -2.034  2.241   1.00 39.02 ? 58  LEU A CD1 1 
ATOM   409  C  CD2 . LEU A 1 58  ? 6.220   -2.854  0.076   1.00 37.73 ? 58  LEU A CD2 1 
ATOM   410  N  N   . ALA A 1 59  ? 5.634   -4.167  4.973   1.00 20.61 ? 59  ALA A N   1 
ATOM   411  C  CA  . ALA A 1 59  ? 4.332   -4.074  5.615   1.00 19.71 ? 59  ALA A CA  1 
ATOM   412  C  C   . ALA A 1 59  ? 3.433   -3.208  4.743   1.00 22.58 ? 59  ALA A C   1 
ATOM   413  O  O   . ALA A 1 59  ? 3.767   -2.054  4.460   1.00 24.24 ? 59  ALA A O   1 
ATOM   414  C  CB  . ALA A 1 59  ? 4.453   -3.492  7.023   1.00 22.55 ? 59  ALA A CB  1 
ATOM   415  N  N   . THR A 1 60  ? 2.316   -3.766  4.298   1.00 20.63 ? 60  THR A N   1 
ATOM   416  C  CA  . THR A 1 60  ? 1.341   -3.020  3.518   1.00 19.89 ? 60  THR A CA  1 
ATOM   417  C  C   . THR A 1 60  ? 0.072   -2.845  4.335   1.00 23.41 ? 60  THR A C   1 
ATOM   418  O  O   . THR A 1 60  ? -0.053  -3.354  5.454   1.00 27.71 ? 60  THR A O   1 
ATOM   419  C  CB  . THR A 1 60  ? 1.030   -3.713  2.192   1.00 19.01 ? 60  THR A CB  1 
ATOM   420  O  OG1 . THR A 1 60  ? 0.102   -4.784  2.417   1.00 24.94 ? 60  THR A OG1 1 
ATOM   421  C  CG2 . THR A 1 60  ? 2.305   -4.251  1.557   1.00 29.65 ? 60  THR A CG2 1 
ATOM   422  N  N   . ALA A 1 61  ? -0.881  -2.112  3.758   1.00 22.29 ? 61  ALA A N   1 
ATOM   423  C  CA  . ALA A 1 61  ? -2.152  -1.891  4.430   1.00 26.53 ? 61  ALA A CA  1 
ATOM   424  C  C   . ALA A 1 61  ? -2.962  -3.171  4.571   1.00 28.70 ? 61  ALA A C   1 
ATOM   425  O  O   . ALA A 1 61  ? -3.891  -3.208  5.386   1.00 29.89 ? 61  ALA A O   1 
ATOM   426  C  CB  . ALA A 1 61  ? -2.971  -0.842  3.677   1.00 24.90 ? 61  ALA A CB  1 
ATOM   427  N  N   . GLN A 1 62  ? -2.641  -4.212  3.797   1.00 21.69 ? 62  GLN A N   1 
ATOM   428  C  CA  . GLN A 1 62  ? -3.338  -5.491  3.879   1.00 32.80 ? 62  GLN A CA  1 
ATOM   429  C  C   . GLN A 1 62  ? -2.526  -6.582  4.556   1.00 28.27 ? 62  GLN A C   1 
ATOM   430  O  O   . GLN A 1 62  ? -3.016  -7.707  4.667   1.00 25.03 ? 62  GLN A O   1 
ATOM   431  C  CB  . GLN A 1 62  ? -3.741  -5.994  2.487   1.00 37.82 ? 62  GLN A CB  1 
ATOM   432  C  CG  . GLN A 1 62  ? -4.894  -5.261  1.865   1.00 40.91 ? 62  GLN A CG  1 
ATOM   433  C  CD  . GLN A 1 62  ? -4.479  -3.891  1.441   1.00 28.91 ? 62  GLN A CD  1 
ATOM   434  O  OE1 . GLN A 1 62  ? -3.533  -3.739  0.669   1.00 44.30 ? 62  GLN A OE1 1 
ATOM   435  N  NE2 . GLN A 1 62  ? -5.148  -2.880  1.969   1.00 35.14 ? 62  GLN A NE2 1 
ATOM   436  N  N   . GLY A 1 63  ? -1.304  -6.295  4.989   1.00 22.50 ? 63  GLY A N   1 
ATOM   437  C  CA  . GLY A 1 63  ? -0.458  -7.287  5.620   1.00 21.92 ? 63  GLY A CA  1 
ATOM   438  C  C   . GLY A 1 63  ? 0.920   -7.327  5.005   1.00 22.31 ? 63  GLY A C   1 
ATOM   439  O  O   . GLY A 1 63  ? 1.260   -6.549  4.110   1.00 18.59 ? 63  GLY A O   1 
ATOM   440  N  N   . TYR A 1 64  ? 1.732   -8.258  5.503   1.00 18.48 ? 64  TYR A N   1 
ATOM   441  C  CA  . TYR A 1 64  ? 3.129   -8.331  5.106   1.00 16.23 ? 64  TYR A CA  1 
ATOM   442  C  C   . TYR A 1 64  ? 3.292   -9.109  3.810   1.00 17.35 ? 64  TYR A C   1 
ATOM   443  O  O   . TYR A 1 64  ? 2.583   -10.084 3.551   1.00 18.34 ? 64  TYR A O   1 
ATOM   444  C  CB  . TYR A 1 64  ? 3.961   -8.986  6.207   1.00 17.44 ? 64  TYR A CB  1 
ATOM   445  C  CG  . TYR A 1 64  ? 3.941   -8.219  7.508   1.00 15.66 ? 64  TYR A CG  1 
ATOM   446  C  CD1 . TYR A 1 64  ? 4.882   -7.231  7.761   1.00 17.57 ? 64  TYR A CD1 1 
ATOM   447  C  CD2 . TYR A 1 64  ? 2.985   -8.481  8.481   1.00 19.06 ? 64  TYR A CD2 1 
ATOM   448  C  CE1 . TYR A 1 64  ? 4.872   -6.524  8.940   1.00 17.93 ? 64  TYR A CE1 1 
ATOM   449  C  CE2 . TYR A 1 64  ? 2.967   -7.776  9.672   1.00 22.29 ? 64  TYR A CE2 1 
ATOM   450  C  CZ  . TYR A 1 64  ? 3.914   -6.793  9.895   1.00 19.92 ? 64  TYR A CZ  1 
ATOM   451  O  OH  . TYR A 1 64  ? 3.913   -6.082  11.080  1.00 21.38 ? 64  TYR A OH  1 
ATOM   452  N  N   . ILE A 1 65  ? 4.247   -8.673  2.994   1.00 15.92 ? 65  ILE A N   1 
ATOM   453  C  CA  . ILE A 1 65  ? 4.579   -9.359  1.756   1.00 20.99 ? 65  ILE A CA  1 
ATOM   454  C  C   . ILE A 1 65  ? 6.091   -9.482  1.663   1.00 22.67 ? 65  ILE A C   1 
ATOM   455  O  O   . ILE A 1 65  ? 6.836   -8.639  2.174   1.00 22.53 ? 65  ILE A O   1 
ATOM   456  C  CB  . ILE A 1 65  ? 4.019   -8.631  0.512   1.00 26.03 ? 65  ILE A CB  1 
ATOM   457  C  CG1 . ILE A 1 65  ? 4.672   -7.260  0.357   1.00 28.84 ? 65  ILE A CG1 1 
ATOM   458  C  CG2 . ILE A 1 65  ? 2.509   -8.483  0.610   1.00 23.78 ? 65  ILE A CG2 1 
ATOM   459  C  CD1 . ILE A 1 65  ? 4.153   -6.464  -0.826  1.00 41.57 ? 65  ILE A CD1 1 
ATOM   460  N  N   . TYR A 1 66  ? 6.541   -10.551 1.020   1.00 19.03 ? 66  TYR A N   1 
ATOM   461  C  CA  . TYR A 1 66  ? 7.947   -10.736 0.690   1.00 20.13 ? 66  TYR A CA  1 
ATOM   462  C  C   . TYR A 1 66  ? 8.130   -10.365 -0.777  1.00 23.09 ? 66  TYR A C   1 
ATOM   463  O  O   . TYR A 1 66  ? 7.517   -10.982 -1.653  1.00 28.36 ? 66  TYR A O   1 
ATOM   464  C  CB  . TYR A 1 66  ? 8.384   -12.177 0.946   1.00 20.96 ? 66  TYR A CB  1 
ATOM   465  C  CG  . TYR A 1 66  ? 9.856   -12.329 1.251   1.00 21.65 ? 66  TYR A CG  1 
ATOM   466  C  CD1 . TYR A 1 66  ? 10.809  -12.161 0.255   1.00 24.47 ? 66  TYR A CD1 1 
ATOM   467  C  CD2 . TYR A 1 66  ? 10.287  -12.674 2.523   1.00 24.20 ? 66  TYR A CD2 1 
ATOM   468  C  CE1 . TYR A 1 66  ? 12.151  -12.299 0.525   1.00 22.91 ? 66  TYR A CE1 1 
ATOM   469  C  CE2 . TYR A 1 66  ? 11.628  -12.822 2.803   1.00 21.43 ? 66  TYR A CE2 1 
ATOM   470  C  CZ  . TYR A 1 66  ? 12.555  -12.636 1.798   1.00 20.18 ? 66  TYR A CZ  1 
ATOM   471  O  OH  . TYR A 1 66  ? 13.892  -12.782 2.070   1.00 26.21 ? 66  TYR A OH  1 
ATOM   472  N  N   . MET A 1 67  ? 8.947   -9.347  -1.040  1.00 27.55 ? 67  MET A N   1 
ATOM   473  C  CA  . MET A 1 67  ? 9.053   -8.807  -2.389  1.00 30.01 ? 67  MET A CA  1 
ATOM   474  C  C   . MET A 1 67  ? 9.735   -9.801  -3.322  1.00 35.47 ? 67  MET A C   1 
ATOM   475  O  O   . MET A 1 67  ? 10.790  -10.349 -2.996  1.00 39.86 ? 67  MET A O   1 
ATOM   476  C  CB  . MET A 1 67  ? 9.818   -7.483  -2.367  1.00 34.02 ? 67  MET A CB  1 
ATOM   477  C  CG  . MET A 1 67  ? 9.018   -6.330  -1.773  1.00 52.33 ? 67  MET A CG  1 
ATOM   478  S  SD  . MET A 1 67  ? 9.894   -4.751  -1.767  1.00 70.03 ? 67  MET A SD  1 
ATOM   479  C  CE  . MET A 1 67  ? 10.824  -4.860  -0.240  1.00 53.49 ? 67  MET A CE  1 
ATOM   480  N  N   . LYS A 1 68  ? 9.117   -10.035 -4.481  1.00 46.85 ? 68  LYS A N   1 
ATOM   481  C  CA  . LYS A 1 68  ? 9.683   -10.876 -5.528  1.00 59.56 ? 68  LYS A CA  1 
ATOM   482  C  C   . LYS A 1 68  ? 9.099   -10.441 -6.867  1.00 69.20 ? 68  LYS A C   1 
ATOM   483  O  O   . LYS A 1 68  ? 8.180   -9.620  -6.928  1.00 69.94 ? 68  LYS A O   1 
ATOM   484  C  CB  . LYS A 1 68  ? 9.417   -12.363 -5.269  1.00 55.76 ? 68  LYS A CB  1 
ATOM   485  C  CG  . LYS A 1 68  ? 7.960   -12.767 -5.398  1.00 61.28 ? 68  LYS A CG  1 
ATOM   486  C  CD  . LYS A 1 68  ? 7.782   -14.257 -5.156  1.00 66.17 ? 68  LYS A CD  1 
ATOM   487  C  CE  . LYS A 1 68  ? 6.333   -14.679 -5.346  1.00 68.48 ? 68  LYS A CE  1 
ATOM   488  N  NZ  . LYS A 1 68  ? 6.150   -16.146 -5.151  1.00 62.04 ? 68  LYS A NZ  1 
ATOM   489  N  N   . GLU A 1 69  ? 9.632   -11.009 -7.946  1.00 77.85 ? 69  GLU A N   1 
ATOM   490  C  CA  . GLU A 1 69  ? 9.316   -10.544 -9.290  1.00 75.17 ? 69  GLU A CA  1 
ATOM   491  C  C   . GLU A 1 69  ? 8.172   -11.340 -9.916  1.00 78.33 ? 69  GLU A C   1 
ATOM   492  O  O   . GLU A 1 69  ? 7.863   -12.464 -9.515  1.00 72.89 ? 69  GLU A O   1 
ATOM   493  C  CB  . GLU A 1 69  ? 10.554  -10.617 -10.187 1.00 72.66 ? 69  GLU A CB  1 
ATOM   494  C  CG  . GLU A 1 69  ? 11.657  -9.628  -9.821  1.00 79.71 ? 69  GLU A CG  1 
ATOM   495  C  CD  . GLU A 1 69  ? 11.188  -8.180  -9.811  1.00 82.25 ? 69  GLU A CD  1 
ATOM   496  O  OE1 . GLU A 1 69  ? 10.244  -7.843  -10.556 1.00 84.64 ? 69  GLU A OE1 1 
ATOM   497  O  OE2 . GLU A 1 69  ? 11.766  -7.375  -9.052  1.00 86.00 ? 69  GLU A OE2 1 
ATOM   498  N  N   . ALA A 1 70  ? 7.549   -10.733 -10.924 1.00 77.05 ? 70  ALA A N   1 
ATOM   499  C  CA  . ALA A 1 70  ? 6.407   -11.305 -11.619 1.00 80.37 ? 70  ALA A CA  1 
ATOM   500  C  C   . ALA A 1 70  ? 6.847   -12.050 -12.877 1.00 80.31 ? 70  ALA A C   1 
ATOM   501  O  O   . ALA A 1 70  ? 7.977   -11.911 -13.350 1.00 76.65 ? 70  ALA A O   1 
ATOM   502  C  CB  . ALA A 1 70  ? 5.399   -10.213 -11.984 1.00 77.19 ? 70  ALA A CB  1 
ATOM   503  N  N   . ASN A 1 71  ? 5.924   -12.850 -13.421 1.00 80.51 ? 71  ASN A N   1 
ATOM   504  C  CA  . ASN A 1 71  ? 6.229   -13.628 -14.620 1.00 83.51 ? 71  ASN A CA  1 
ATOM   505  C  C   . ASN A 1 71  ? 6.367   -12.739 -15.850 1.00 84.30 ? 71  ASN A C   1 
ATOM   506  O  O   . ASN A 1 71  ? 7.161   -13.044 -16.749 1.00 76.84 ? 71  ASN A O   1 
ATOM   507  C  CB  . ASN A 1 71  ? 5.158   -14.699 -14.842 1.00 79.28 ? 71  ASN A CB  1 
ATOM   508  C  CG  . ASN A 1 71  ? 3.745   -14.139 -14.811 1.00 82.15 ? 71  ASN A CG  1 
ATOM   509  O  OD1 . ASN A 1 71  ? 3.479   -13.049 -15.319 1.00 83.18 ? 71  ASN A OD1 1 
ATOM   510  N  ND2 . ASN A 1 71  ? 2.829   -14.889 -14.208 1.00 81.79 ? 71  ASN A ND2 1 
ATOM   511  N  N   . THR A 1 72  ? 5.602   -11.654 -15.915 1.00 85.83 ? 72  THR A N   1 
ATOM   512  C  CA  . THR A 1 72  ? 5.771   -10.618 -16.922 1.00 75.64 ? 72  THR A CA  1 
ATOM   513  C  C   . THR A 1 72  ? 6.083   -9.310  -16.212 1.00 73.33 ? 72  THR A C   1 
ATOM   514  O  O   . THR A 1 72  ? 5.523   -9.027  -15.147 1.00 73.97 ? 72  THR A O   1 
ATOM   515  C  CB  . THR A 1 72  ? 4.512   -10.463 -17.790 1.00 75.41 ? 72  THR A CB  1 
ATOM   516  O  OG1 . THR A 1 72  ? 4.096   -11.748 -18.268 1.00 75.30 ? 72  THR A OG1 1 
ATOM   517  C  CG2 . THR A 1 72  ? 4.789   -9.551  -18.981 1.00 58.23 ? 72  THR A CG2 1 
ATOM   518  N  N   . VAL A 1 73  ? 6.988   -8.520  -16.783 1.00 65.46 ? 73  VAL A N   1 
ATOM   519  C  CA  . VAL A 1 73  ? 7.344   -7.240  -16.180 1.00 66.68 ? 73  VAL A CA  1 
ATOM   520  C  C   . VAL A 1 73  ? 6.214   -6.250  -16.427 1.00 62.42 ? 73  VAL A C   1 
ATOM   521  O  O   . VAL A 1 73  ? 5.755   -6.071  -17.563 1.00 62.58 ? 73  VAL A O   1 
ATOM   522  C  CB  . VAL A 1 73  ? 8.689   -6.727  -16.721 1.00 65.41 ? 73  VAL A CB  1 
ATOM   523  C  CG1 . VAL A 1 73  ? 8.710   -6.748  -18.227 1.00 56.70 ? 73  VAL A CG1 1 
ATOM   524  C  CG2 . VAL A 1 73  ? 8.972   -5.323  -16.200 1.00 55.91 ? 73  VAL A CG2 1 
ATOM   525  N  N   . GLN A 1 74  ? 5.754   -5.616  -15.357 1.00 49.70 ? 74  GLN A N   1 
ATOM   526  C  CA  . GLN A 1 74  ? 4.574   -4.772  -15.380 1.00 49.01 ? 74  GLN A CA  1 
ATOM   527  C  C   . GLN A 1 74  ? 4.938   -3.335  -15.739 1.00 40.86 ? 74  GLN A C   1 
ATOM   528  O  O   . GLN A 1 74  ? 6.084   -2.902  -15.599 1.00 50.70 ? 74  GLN A O   1 
ATOM   529  C  CB  . GLN A 1 74  ? 3.881   -4.810  -14.018 1.00 50.22 ? 74  GLN A CB  1 
ATOM   530  C  CG  . GLN A 1 74  ? 3.741   -6.207  -13.436 1.00 52.27 ? 74  GLN A CG  1 
ATOM   531  C  CD  . GLN A 1 74  ? 2.302   -6.677  -13.386 1.00 61.92 ? 74  GLN A CD  1 
ATOM   532  O  OE1 . GLN A 1 74  ? 1.488   -6.311  -14.233 1.00 55.56 ? 74  GLN A OE1 1 
ATOM   533  N  NE2 . GLN A 1 74  ? 1.979   -7.490  -12.387 1.00 65.90 ? 74  GLN A NE2 1 
ATOM   534  N  N   . ALA A 1 75  ? 3.943   -2.597  -16.217 1.00 33.30 ? 75  ALA A N   1 
ATOM   535  C  CA  . ALA A 1 75  ? 4.107   -1.168  -16.424 1.00 31.21 ? 75  ALA A CA  1 
ATOM   536  C  C   . ALA A 1 75  ? 3.965   -0.439  -15.095 1.00 29.29 ? 75  ALA A C   1 
ATOM   537  O  O   . ALA A 1 75  ? 3.200   -0.847  -14.218 1.00 27.11 ? 75  ALA A O   1 
ATOM   538  C  CB  . ALA A 1 75  ? 3.080   -0.643  -17.425 1.00 31.72 ? 75  ALA A CB  1 
ATOM   539  N  N   . GLN A 1 76  ? 4.720   0.646   -14.946 1.00 28.45 ? 76  GLN A N   1 
ATOM   540  C  CA  . GLN A 1 76  ? 4.719   1.408   -13.707 1.00 29.94 ? 76  GLN A CA  1 
ATOM   541  C  C   . GLN A 1 76  ? 4.741   2.892   -14.039 1.00 31.28 ? 76  GLN A C   1 
ATOM   542  O  O   . GLN A 1 76  ? 5.375   3.307   -15.014 1.00 30.28 ? 76  GLN A O   1 
ATOM   543  C  CB  . GLN A 1 76  ? 5.922   1.037   -12.834 1.00 41.86 ? 76  GLN A CB  1 
ATOM   544  C  CG  . GLN A 1 76  ? 5.888   1.625   -11.440 1.00 45.51 ? 76  GLN A CG  1 
ATOM   545  C  CD  . GLN A 1 76  ? 7.223   1.504   -10.729 1.00 56.17 ? 76  GLN A CD  1 
ATOM   546  O  OE1 . GLN A 1 76  ? 7.450   0.569   -9.962  1.00 55.08 ? 76  GLN A OE1 1 
ATOM   547  N  NE2 . GLN A 1 76  ? 8.114   2.456   -10.985 1.00 51.84 ? 76  GLN A NE2 1 
ATOM   548  N  N   . ARG A 1 77  ? 4.047   3.693   -13.235 1.00 28.45 ? 77  ARG A N   1 
ATOM   549  C  CA  . ARG A 1 77  ? 4.039   5.124   -13.491 1.00 27.40 ? 77  ARG A CA  1 
ATOM   550  C  C   . ARG A 1 77  ? 3.855   5.888   -12.191 1.00 29.04 ? 77  ARG A C   1 
ATOM   551  O  O   . ARG A 1 77  ? 3.108   5.459   -11.308 1.00 24.96 ? 77  ARG A O   1 
ATOM   552  C  CB  . ARG A 1 77  ? 2.941   5.503   -14.487 1.00 25.37 ? 77  ARG A CB  1 
ATOM   553  C  CG  . ARG A 1 77  ? 3.165   6.859   -15.136 1.00 35.82 ? 77  ARG A CG  1 
ATOM   554  C  CD  . ARG A 1 77  ? 2.194   7.108   -16.270 1.00 45.26 ? 77  ARG A CD  1 
ATOM   555  N  NE  . ARG A 1 77  ? 2.236   6.053   -17.280 1.00 38.68 ? 77  ARG A NE  1 
ATOM   556  C  CZ  . ARG A 1 77  ? 1.338   5.927   -18.252 1.00 44.17 ? 77  ARG A CZ  1 
ATOM   557  N  NH1 . ARG A 1 77  ? 0.336   6.790   -18.342 1.00 38.81 ? 77  ARG A NH1 1 
ATOM   558  N  NH2 . ARG A 1 77  ? 1.437   4.939   -19.130 1.00 40.74 ? 77  ARG A NH2 1 
ATOM   559  N  N   . VAL A 1 78  ? 4.552   7.012   -12.083 1.00 24.81 ? 78  VAL A N   1 
ATOM   560  C  CA  . VAL A 1 78  ? 4.383   7.936   -10.970 1.00 24.35 ? 78  VAL A CA  1 
ATOM   561  C  C   . VAL A 1 78  ? 3.365   8.985   -11.389 1.00 24.12 ? 78  VAL A C   1 
ATOM   562  O  O   . VAL A 1 78  ? 3.491   9.592   -12.458 1.00 25.55 ? 78  VAL A O   1 
ATOM   563  C  CB  . VAL A 1 78  ? 5.728   8.571   -10.579 1.00 25.36 ? 78  VAL A CB  1 
ATOM   564  C  CG1 . VAL A 1 78  ? 5.539   9.609   -9.502  1.00 25.86 ? 78  VAL A CG1 1 
ATOM   565  C  CG2 . VAL A 1 78  ? 6.685   7.498   -10.080 1.00 24.42 ? 78  VAL A CG2 1 
ATOM   566  N  N   . VAL A 1 79  ? 2.332   9.182   -10.569 1.00 19.92 ? 79  VAL A N   1 
ATOM   567  C  CA  . VAL A 1 79  ? 1.206   10.035  -10.933 1.00 18.51 ? 79  VAL A CA  1 
ATOM   568  C  C   . VAL A 1 79  ? 1.005   11.090  -9.856  1.00 24.00 ? 79  VAL A C   1 
ATOM   569  O  O   . VAL A 1 79  ? 0.973   10.766  -8.664  1.00 22.29 ? 79  VAL A O   1 
ATOM   570  C  CB  . VAL A 1 79  ? -0.084  9.218   -11.135 1.00 26.95 ? 79  VAL A CB  1 
ATOM   571  C  CG1 . VAL A 1 79  ? -1.240  10.128  -11.522 1.00 26.78 ? 79  VAL A CG1 1 
ATOM   572  C  CG2 . VAL A 1 79  ? 0.132   8.160   -12.208 1.00 28.17 ? 79  VAL A CG2 1 
ATOM   573  N  N   . ALA A 1 80  ? 0.852   12.345  -10.278 1.00 19.53 ? 80  ALA A N   1 
ATOM   574  C  CA  . ALA A 1 80  ? 0.561   13.448  -9.369  1.00 22.79 ? 80  ALA A CA  1 
ATOM   575  C  C   . ALA A 1 80  ? -0.947  13.663  -9.302  1.00 23.38 ? 80  ALA A C   1 
ATOM   576  O  O   . ALA A 1 80  ? -1.586  13.932  -10.329 1.00 22.32 ? 80  ALA A O   1 
ATOM   577  C  CB  . ALA A 1 80  ? 1.269   14.725  -9.825  1.00 22.10 ? 80  ALA A CB  1 
ATOM   578  N  N   . CYS A 1 81  ? -1.506  13.566  -8.096  1.00 24.32 ? 81  CYS A N   1 
ATOM   579  C  CA  . CYS A 1 81  ? -2.945  13.583  -7.878  1.00 19.33 ? 81  CYS A CA  1 
ATOM   580  C  C   . CYS A 1 81  ? -3.345  14.720  -6.947  1.00 22.82 ? 81  CYS A C   1 
ATOM   581  O  O   . CYS A 1 81  ? -2.523  15.275  -6.211  1.00 21.52 ? 81  CYS A O   1 
ATOM   582  C  CB  . CYS A 1 81  ? -3.429  12.256  -7.274  1.00 25.94 ? 81  CYS A CB  1 
ATOM   583  S  SG  . CYS A 1 81  ? -2.993  10.808  -8.242  1.00 26.23 ? 81  CYS A SG  1 
ATOM   584  N  N   . GLN A 1 82  ? -4.636  15.045  -6.972  1.00 20.71 ? 82  GLN A N   1 
ATOM   585  C  CA  . GLN A 1 82  ? -5.204  15.997  -6.023  1.00 22.83 ? 82  GLN A CA  1 
ATOM   586  C  C   . GLN A 1 82  ? -6.709  15.795  -5.978  1.00 23.70 ? 82  GLN A C   1 
ATOM   587  O  O   . GLN A 1 82  ? -7.356  15.750  -7.028  1.00 30.89 ? 82  GLN A O   1 
ATOM   588  C  CB  . GLN A 1 82  ? -4.874  17.442  -6.410  1.00 25.54 ? 82  GLN A CB  1 
ATOM   589  C  CG  . GLN A 1 82  ? -5.451  18.476  -5.454  1.00 24.84 ? 82  GLN A CG  1 
ATOM   590  C  CD  . GLN A 1 82  ? -5.056  19.894  -5.823  1.00 43.24 ? 82  GLN A CD  1 
ATOM   591  O  OE1 . GLN A 1 82  ? -4.683  20.170  -6.965  1.00 37.87 ? 82  GLN A OE1 1 
ATOM   592  N  NE2 . GLN A 1 82  ? -5.126  20.799  -4.853  1.00 33.85 ? 82  GLN A NE2 1 
ATOM   593  N  N   . HIS A 1 83  ? -7.265  15.680  -4.774  1.00 27.32 ? 83  HIS A N   1 
ATOM   594  C  CA  . HIS A 1 83  ? -8.711  15.586  -4.625  1.00 25.07 ? 83  HIS A CA  1 
ATOM   595  C  C   . HIS A 1 83  ? -9.117  16.186  -3.287  1.00 26.08 ? 83  HIS A C   1 
ATOM   596  O  O   . HIS A 1 83  ? -8.285  16.453  -2.417  1.00 22.70 ? 83  HIS A O   1 
ATOM   597  C  CB  . HIS A 1 83  ? -9.207  14.135  -4.758  1.00 25.32 ? 83  HIS A CB  1 
ATOM   598  C  CG  . HIS A 1 83  ? -8.636  13.189  -3.745  1.00 27.72 ? 83  HIS A CG  1 
ATOM   599  N  ND1 . HIS A 1 83  ? -8.851  13.325  -2.390  1.00 29.81 ? 83  HIS A ND1 1 
ATOM   600  C  CD2 . HIS A 1 83  ? -7.876  12.077  -3.895  1.00 24.18 ? 83  HIS A CD2 1 
ATOM   601  C  CE1 . HIS A 1 83  ? -8.237  12.348  -1.748  1.00 31.02 ? 83  HIS A CE1 1 
ATOM   602  N  NE2 . HIS A 1 83  ? -7.637  11.578  -2.636  1.00 21.46 ? 83  HIS A NE2 1 
ATOM   603  N  N   . GLY A 1 84  ? -10.423 16.398  -3.135  1.00 28.17 ? 84  GLY A N   1 
ATOM   604  C  CA  . GLY A 1 84  ? -10.970 16.948  -1.917  1.00 29.42 ? 84  GLY A CA  1 
ATOM   605  C  C   . GLY A 1 84  ? -10.914 15.969  -0.764  1.00 32.35 ? 84  GLY A C   1 
ATOM   606  O  O   . GLY A 1 84  ? -10.689 14.766  -0.947  1.00 26.53 ? 84  GLY A O   1 
ATOM   607  N  N   . PRO A 1 85  ? -11.141 16.468  0.455   1.00 23.57 ? 85  PRO A N   1 
ATOM   608  C  CA  . PRO A 1 85  ? -10.984 15.619  1.647   1.00 27.25 ? 85  PRO A CA  1 
ATOM   609  C  C   . PRO A 1 85  ? -12.027 14.523  1.782   1.00 29.77 ? 85  PRO A C   1 
ATOM   610  O  O   . PRO A 1 85  ? -11.920 13.720  2.718   1.00 33.78 ? 85  PRO A O   1 
ATOM   611  C  CB  . PRO A 1 85  ? -11.086 16.620  2.807   1.00 34.22 ? 85  PRO A CB  1 
ATOM   612  C  CG  . PRO A 1 85  ? -11.872 17.755  2.255   1.00 27.07 ? 85  PRO A CG  1 
ATOM   613  C  CD  . PRO A 1 85  ? -11.510 17.853  0.802   1.00 27.70 ? 85  PRO A CD  1 
ATOM   614  N  N   . ALA A 1 86  ? -13.023 14.451  0.897   1.00 23.33 ? 86  ALA A N   1 
ATOM   615  C  CA  . ALA A 1 86  ? -14.040 13.410  0.983   1.00 25.52 ? 86  ALA A CA  1 
ATOM   616  C  C   . ALA A 1 86  ? -14.012 12.453  -0.200  1.00 22.54 ? 86  ALA A C   1 
ATOM   617  O  O   . ALA A 1 86  ? -14.883 11.580  -0.297  1.00 26.10 ? 86  ALA A O   1 
ATOM   618  C  CB  . ALA A 1 86  ? -15.431 14.033  1.104   1.00 27.06 ? 86  ALA A CB  1 
ATOM   619  N  N   . ASP A 1 87  ? -13.040 12.587  -1.097  1.00 26.23 ? 87  ASP A N   1 
ATOM   620  C  CA  . ASP A 1 87  ? -13.036 11.833  -2.342  1.00 22.60 ? 87  ASP A CA  1 
ATOM   621  C  C   . ASP A 1 87  ? -11.977 10.742  -2.370  1.00 21.30 ? 87  ASP A C   1 
ATOM   622  O  O   . ASP A 1 87  ? -11.699 10.193  -3.439  1.00 23.19 ? 87  ASP A O   1 
ATOM   623  C  CB  . ASP A 1 87  ? -12.848 12.779  -3.528  1.00 24.20 ? 87  ASP A CB  1 
ATOM   624  C  CG  . ASP A 1 87  ? -14.101 13.586  -3.830  1.00 30.14 ? 87  ASP A CG  1 
ATOM   625  O  OD1 . ASP A 1 87  ? -15.211 13.079  -3.562  1.00 35.08 ? 87  ASP A OD1 1 
ATOM   626  O  OD2 . ASP A 1 87  ? -13.974 14.716  -4.335  1.00 39.86 ? 87  ASP A OD2 1 
ATOM   627  N  N   . MET A 1 88  ? -11.390 10.405  -1.223  1.00 24.85 ? 88  MET A N   1 
ATOM   628  C  CA  . MET A 1 88  ? -10.344 9.387   -1.207  1.00 21.78 ? 88  MET A CA  1 
ATOM   629  C  C   . MET A 1 88  ? -10.876 8.036   -1.669  1.00 21.57 ? 88  MET A C   1 
ATOM   630  O  O   . MET A 1 88  ? -10.274 7.380   -2.526  1.00 20.39 ? 88  MET A O   1 
ATOM   631  C  CB  . MET A 1 88  ? -9.751  9.272   0.189   1.00 24.87 ? 88  MET A CB  1 
ATOM   632  C  CG  . MET A 1 88  ? -8.702  8.207   0.303   1.00 33.42 ? 88  MET A CG  1 
ATOM   633  S  SD  . MET A 1 88  ? -8.240  8.051   2.023   1.00 42.68 ? 88  MET A SD  1 
ATOM   634  C  CE  . MET A 1 88  ? -9.813  7.625   2.764   1.00 41.05 ? 88  MET A CE  1 
ATOM   635  N  N   . LYS A 1 89  ? -12.003 7.593   -1.109  1.00 20.63 ? 89  LYS A N   1 
ATOM   636  C  CA  . LYS A 1 89  ? -12.505 6.269   -1.465  1.00 22.05 ? 89  LYS A CA  1 
ATOM   637  C  C   . LYS A 1 89  ? -12.839 6.185   -2.950  1.00 25.00 ? 89  LYS A C   1 
ATOM   638  O  O   . LYS A 1 89  ? -12.535 5.182   -3.605  1.00 23.20 ? 89  LYS A O   1 
ATOM   639  C  CB  . LYS A 1 89  ? -13.723 5.918   -0.609  1.00 22.95 ? 89  LYS A CB  1 
ATOM   640  C  CG  . LYS A 1 89  ? -14.185 4.477   -0.773  1.00 22.53 ? 89  LYS A CG  1 
ATOM   641  C  CD  . LYS A 1 89  ? -15.326 4.140   0.170   1.00 29.39 ? 89  LYS A CD  1 
ATOM   642  C  CE  . LYS A 1 89  ? -15.712 2.677   0.046   1.00 35.61 ? 89  LYS A CE  1 
ATOM   643  N  NZ  . LYS A 1 89  ? -16.794 2.311   1.000   1.00 41.55 ? 89  LYS A NZ  1 
ATOM   644  N  N   . ASP A 1 90  ? -13.444 7.238   -3.509  1.00 21.72 ? 90  ASP A N   1 
ATOM   645  C  CA  . ASP A 1 90  ? -13.814 7.202   -4.923  1.00 23.14 ? 90  ASP A CA  1 
ATOM   646  C  C   . ASP A 1 90  ? -12.584 7.185   -5.818  1.00 21.92 ? 90  ASP A C   1 
ATOM   647  O  O   . ASP A 1 90  ? -12.567 6.498   -6.844  1.00 21.86 ? 90  ASP A O   1 
ATOM   648  C  CB  . ASP A 1 90  ? -14.695 8.401   -5.279  1.00 26.09 ? 90  ASP A CB  1 
ATOM   649  C  CG  . ASP A 1 90  ? -15.298 8.288   -6.667  1.00 27.49 ? 90  ASP A CG  1 
ATOM   650  O  OD1 . ASP A 1 90  ? -16.051 7.321   -6.909  1.00 30.30 ? 90  ASP A OD1 1 
ATOM   651  O  OD2 . ASP A 1 90  ? -15.000 9.149   -7.523  1.00 29.54 ? 90  ASP A OD2 1 
ATOM   652  N  N   . GLU A 1 91  ? -11.546 7.943   -5.459  1.00 21.57 ? 91  GLU A N   1 
ATOM   653  C  CA  . GLU A 1 91  ? -10.316 7.904   -6.242  1.00 17.77 ? 91  GLU A CA  1 
ATOM   654  C  C   . GLU A 1 91  ? -9.718  6.500   -6.247  1.00 17.59 ? 91  GLU A C   1 
ATOM   655  O  O   . GLU A 1 91  ? -9.356  5.969   -7.303  1.00 19.61 ? 91  GLU A O   1 
ATOM   656  C  CB  . GLU A 1 91  ? -9.295  8.905   -5.693  1.00 19.76 ? 91  GLU A CB  1 
ATOM   657  C  CG  . GLU A 1 91  ? -7.971  8.847   -6.441  1.00 17.41 ? 91  GLU A CG  1 
ATOM   658  C  CD  . GLU A 1 91  ? -6.779  9.167   -5.555  1.00 22.29 ? 91  GLU A CD  1 
ATOM   659  O  OE1 . GLU A 1 91  ? -5.779  9.702   -6.067  1.00 30.21 ? 91  GLU A OE1 1 
ATOM   660  O  OE2 . GLU A 1 91  ? -6.857  8.897   -4.340  1.00 28.77 ? 91  GLU A OE2 1 
ATOM   661  N  N   . LEU A 1 92  ? -9.593  5.889   -5.066  1.00 15.26 ? 92  LEU A N   1 
ATOM   662  C  CA  . LEU A 1 92  ? -8.920  4.597   -4.972  1.00 19.66 ? 92  LEU A CA  1 
ATOM   663  C  C   . LEU A 1 92  ? -9.738  3.501   -5.643  1.00 24.05 ? 92  LEU A C   1 
ATOM   664  O  O   . LEU A 1 92  ? -9.181  2.628   -6.318  1.00 18.26 ? 92  LEU A O   1 
ATOM   665  C  CB  . LEU A 1 92  ? -8.653  4.256   -3.507  1.00 14.27 ? 92  LEU A CB  1 
ATOM   666  C  CG  . LEU A 1 92  ? -7.766  5.256   -2.759  1.00 16.84 ? 92  LEU A CG  1 
ATOM   667  C  CD1 . LEU A 1 92  ? -7.738  4.927   -1.276  1.00 22.22 ? 92  LEU A CD1 1 
ATOM   668  C  CD2 . LEU A 1 92  ? -6.358  5.259   -3.352  1.00 18.33 ? 92  LEU A CD2 1 
ATOM   669  N  N   . LEU A 1 93  ? -11.061 3.540   -5.482  1.00 17.30 ? 93  LEU A N   1 
ATOM   670  C  CA  . LEU A 1 93  ? -11.915 2.567   -6.160  1.00 20.61 ? 93  LEU A CA  1 
ATOM   671  C  C   . LEU A 1 93  ? -11.803 2.688   -7.673  1.00 21.89 ? 93  LEU A C   1 
ATOM   672  O  O   . LEU A 1 93  ? -11.841 1.679   -8.388  1.00 23.08 ? 93  LEU A O   1 
ATOM   673  C  CB  . LEU A 1 93  ? -13.369 2.744   -5.718  1.00 24.06 ? 93  LEU A CB  1 
ATOM   674  C  CG  . LEU A 1 93  ? -13.759 2.185   -4.352  1.00 24.67 ? 93  LEU A CG  1 
ATOM   675  C  CD1 . LEU A 1 93  ? -15.184 2.590   -4.008  1.00 25.96 ? 93  LEU A CD1 1 
ATOM   676  C  CD2 . LEU A 1 93  ? -13.631 0.665   -4.343  1.00 22.45 ? 93  LEU A CD2 1 
ATOM   677  N  N   . THR A 1 94  ? -11.685 3.918   -8.185  1.00 21.99 ? 94  THR A N   1 
ATOM   678  C  CA  . THR A 1 94  ? -11.540 4.105   -9.627  1.00 18.33 ? 94  THR A CA  1 
ATOM   679  C  C   . THR A 1 94  ? -10.292 3.406   -10.146 1.00 23.33 ? 94  THR A C   1 
ATOM   680  O  O   . THR A 1 94  ? -10.299 2.834   -11.243 1.00 23.64 ? 94  THR A O   1 
ATOM   681  C  CB  . THR A 1 94  ? -11.492 5.596   -9.961  1.00 25.93 ? 94  THR A CB  1 
ATOM   682  O  OG1 . THR A 1 94  ? -12.705 6.222   -9.526  1.00 26.80 ? 94  THR A OG1 1 
ATOM   683  C  CG2 . THR A 1 94  ? -11.318 5.811   -11.459 1.00 29.97 ? 94  THR A CG2 1 
ATOM   684  N  N   . LEU A 1 95  ? -9.216  3.426   -9.359  1.00 20.93 ? 95  LEU A N   1 
ATOM   685  C  CA  . LEU A 1 95  ? -7.968  2.803   -9.784  1.00 18.90 ? 95  LEU A CA  1 
ATOM   686  C  C   . LEU A 1 95  ? -8.059  1.279   -9.753  1.00 18.41 ? 95  LEU A C   1 
ATOM   687  O  O   . LEU A 1 95  ? -7.685  0.611   -10.724 1.00 19.90 ? 95  LEU A O   1 
ATOM   688  C  CB  . LEU A 1 95  ? -6.823  3.302   -8.906  1.00 18.22 ? 95  LEU A CB  1 
ATOM   689  C  CG  . LEU A 1 95  ? -6.505  4.777   -9.171  1.00 20.67 ? 95  LEU A CG  1 
ATOM   690  C  CD1 . LEU A 1 95  ? -5.565  5.346   -8.123  1.00 20.47 ? 95  LEU A CD1 1 
ATOM   691  C  CD2 . LEU A 1 95  ? -5.907  4.907   -10.554 1.00 20.52 ? 95  LEU A CD2 1 
ATOM   692  N  N   . VAL A 1 96  ? -8.538  0.703   -8.644  1.00 20.44 ? 96  VAL A N   1 
ATOM   693  C  CA  . VAL A 1 96  ? -8.553  -0.760  -8.593  1.00 18.94 ? 96  VAL A CA  1 
ATOM   694  C  C   . VAL A 1 96  ? -9.560  -1.320  -9.582  1.00 24.04 ? 96  VAL A C   1 
ATOM   695  O  O   . VAL A 1 96  ? -9.373  -2.425  -10.104 1.00 19.47 ? 96  VAL A O   1 
ATOM   696  C  CB  . VAL A 1 96  ? -8.805  -1.283  -7.165  1.00 19.87 ? 96  VAL A CB  1 
ATOM   697  C  CG1 . VAL A 1 96  ? -7.671  -0.837  -6.239  1.00 19.02 ? 96  VAL A CG1 1 
ATOM   698  C  CG2 . VAL A 1 96  ? -10.163 -0.839  -6.633  1.00 19.53 ? 96  VAL A CG2 1 
ATOM   699  N  N   . ASP A 1 97  ? -10.627 -0.573  -9.883  1.00 19.27 ? 97  ASP A N   1 
ATOM   700  C  CA  . ASP A 1 97  ? -11.588 -1.060  -10.868 1.00 25.37 ? 97  ASP A CA  1 
ATOM   701  C  C   . ASP A 1 97  ? -10.997 -1.148  -12.271 1.00 22.50 ? 97  ASP A C   1 
ATOM   702  O  O   . ASP A 1 97  ? -11.573 -1.829  -13.126 1.00 24.21 ? 97  ASP A O   1 
ATOM   703  C  CB  . ASP A 1 97  ? -12.836 -0.174  -10.886 1.00 25.61 ? 97  ASP A CB  1 
ATOM   704  C  CG  . ASP A 1 97  ? -13.768 -0.461  -9.731  1.00 32.13 ? 97  ASP A CG  1 
ATOM   705  O  OD1 . ASP A 1 97  ? -13.498 -1.409  -8.960  1.00 25.51 ? 97  ASP A OD1 1 
ATOM   706  O  OD2 . ASP A 1 97  ? -14.787 0.250   -9.604  1.00 28.27 ? 97  ASP A OD2 1 
ATOM   707  N  N   . HIS A 1 98  ? -9.876  -0.479  -12.537 1.00 18.81 ? 98  HIS A N   1 
ATOM   708  C  CA  . HIS A 1 98  ? -9.187  -0.608  -13.813 1.00 23.89 ? 98  HIS A CA  1 
ATOM   709  C  C   . HIS A 1 98  ? -8.064  -1.637  -13.770 1.00 28.01 ? 98  HIS A C   1 
ATOM   710  O  O   . HIS A 1 98  ? -7.261  -1.706  -14.707 1.00 29.41 ? 98  HIS A O   1 
ATOM   711  C  CB  . HIS A 1 98  ? -8.643  0.749   -14.265 1.00 30.99 ? 98  HIS A CB  1 
ATOM   712  C  CG  . HIS A 1 98  ? -9.698  1.670   -14.790 1.00 28.13 ? 98  HIS A CG  1 
ATOM   713  N  ND1 . HIS A 1 98  ? -10.571 2.347   -13.967 1.00 32.90 ? 98  HIS A ND1 1 
ATOM   714  C  CD2 . HIS A 1 98  ? -10.044 1.998   -16.057 1.00 36.03 ? 98  HIS A CD2 1 
ATOM   715  C  CE1 . HIS A 1 98  ? -11.398 3.069   -14.704 1.00 35.05 ? 98  HIS A CE1 1 
ATOM   716  N  NE2 . HIS A 1 98  ? -11.100 2.873   -15.975 1.00 32.35 ? 98  HIS A NE2 1 
ATOM   717  N  N   . GLY A 1 99  ? -7.999  -2.446  -12.718 1.00 21.53 ? 99  GLY A N   1 
ATOM   718  C  CA  . GLY A 1 99  ? -6.962  -3.453  -12.617 1.00 22.81 ? 99  GLY A CA  1 
ATOM   719  C  C   . GLY A 1 99  ? -5.590  -2.911  -12.314 1.00 26.78 ? 99  GLY A C   1 
ATOM   720  O  O   . GLY A 1 99  ? -4.592  -3.567  -12.625 1.00 25.85 ? 99  GLY A O   1 
ATOM   721  N  N   . VAL A 1 100 ? -5.507  -1.730  -11.713 1.00 21.09 ? 100 VAL A N   1 
ATOM   722  C  CA  . VAL A 1 100 ? -4.240  -1.103  -11.359 1.00 20.89 ? 100 VAL A CA  1 
ATOM   723  C  C   . VAL A 1 100 ? -3.948  -1.408  -9.897  1.00 19.12 ? 100 VAL A C   1 
ATOM   724  O  O   . VAL A 1 100 ? -4.839  -1.302  -9.046  1.00 21.71 ? 100 VAL A O   1 
ATOM   725  C  CB  . VAL A 1 100 ? -4.295  0.415   -11.607 1.00 24.41 ? 100 VAL A CB  1 
ATOM   726  C  CG1 . VAL A 1 100 ? -3.105  1.108   -10.989 1.00 24.69 ? 100 VAL A CG1 1 
ATOM   727  C  CG2 . VAL A 1 100 ? -4.369  0.702   -13.105 1.00 23.74 ? 100 VAL A CG2 1 
ATOM   728  N  N   . LEU A 1 101 ? -2.708  -1.799  -9.602  1.00 21.35 ? 101 LEU A N   1 
ATOM   729  C  CA  . LEU A 1 101 ? -2.263  -1.937  -8.219  1.00 18.78 ? 101 LEU A CA  1 
ATOM   730  C  C   . LEU A 1 101 ? -1.795  -0.579  -7.714  1.00 19.35 ? 101 LEU A C   1 
ATOM   731  O  O   . LEU A 1 101 ? -0.909  0.038   -8.313  1.00 21.15 ? 101 LEU A O   1 
ATOM   732  C  CB  . LEU A 1 101 ? -1.131  -2.958  -8.109  1.00 26.20 ? 101 LEU A CB  1 
ATOM   733  C  CG  . LEU A 1 101 ? -0.443  -3.049  -6.744  1.00 28.63 ? 101 LEU A CG  1 
ATOM   734  C  CD1 . LEU A 1 101 ? -1.354  -3.715  -5.714  1.00 22.06 ? 101 LEU A CD1 1 
ATOM   735  C  CD2 . LEU A 1 101 ? 0.895   -3.768  -6.847  1.00 33.27 ? 101 LEU A CD2 1 
ATOM   736  N  N   . ILE A 1 102 ? -2.384  -0.109  -6.617  1.00 18.63 ? 102 ILE A N   1 
ATOM   737  C  CA  . ILE A 1 102 ? -1.978  1.156   -6.011  1.00 18.10 ? 102 ILE A CA  1 
ATOM   738  C  C   . ILE A 1 102 ? -0.836  0.811   -5.065  1.00 17.81 ? 102 ILE A C   1 
ATOM   739  O  O   . ILE A 1 102 ? -1.059  0.387   -3.931  1.00 20.91 ? 102 ILE A O   1 
ATOM   740  C  CB  . ILE A 1 102 ? -3.134  1.848   -5.290  1.00 17.39 ? 102 ILE A CB  1 
ATOM   741  C  CG1 . ILE A 1 102 ? -4.334  1.959   -6.231  1.00 21.00 ? 102 ILE A CG1 1 
ATOM   742  C  CG2 . ILE A 1 102 ? -2.696  3.240   -4.820  1.00 20.61 ? 102 ILE A CG2 1 
ATOM   743  C  CD1 . ILE A 1 102 ? -5.624  2.351   -5.548  1.00 22.99 ? 102 ILE A CD1 1 
ATOM   744  N  N   . LYS A 1 103 ? 0.393   0.956   -5.556  1.00 19.55 ? 103 LYS A N   1 
ATOM   745  C  CA  . LYS A 1 103 ? 1.541   0.474   -4.802  1.00 18.78 ? 103 LYS A CA  1 
ATOM   746  C  C   . LYS A 1 103 ? 1.757   1.296   -3.543  1.00 21.92 ? 103 LYS A C   1 
ATOM   747  O  O   . LYS A 1 103 ? 1.984   0.744   -2.460  1.00 20.29 ? 103 LYS A O   1 
ATOM   748  C  CB  . LYS A 1 103 ? 2.794   0.495   -5.679  1.00 22.28 ? 103 LYS A CB  1 
ATOM   749  C  CG  . LYS A 1 103 ? 4.051   0.033   -4.959  1.00 31.96 ? 103 LYS A CG  1 
ATOM   750  C  CD  . LYS A 1 103 ? 5.296   0.277   -5.797  1.00 42.33 ? 103 LYS A CD  1 
ATOM   751  C  CE  . LYS A 1 103 ? 6.563   0.051   -4.985  1.00 50.60 ? 103 LYS A CE  1 
ATOM   752  N  NZ  . LYS A 1 103 ? 7.792   0.270   -5.797  1.00 55.96 ? 103 LYS A NZ  1 
ATOM   753  N  N   . ASP A 1 104 ? 1.699   2.616   -3.658  1.00 18.77 ? 104 ASP A N   1 
ATOM   754  C  CA  . ASP A 1 104 ? 1.964   3.447   -2.495  1.00 17.71 ? 104 ASP A CA  1 
ATOM   755  C  C   . ASP A 1 104 ? 1.296   4.801   -2.679  1.00 16.81 ? 104 ASP A C   1 
ATOM   756  O  O   . ASP A 1 104 ? 0.673   5.085   -3.708  1.00 19.46 ? 104 ASP A O   1 
ATOM   757  C  CB  . ASP A 1 104 ? 3.471   3.600   -2.249  1.00 23.47 ? 104 ASP A CB  1 
ATOM   758  C  CG  . ASP A 1 104 ? 4.221   4.137   -3.455  1.00 29.84 ? 104 ASP A CG  1 
ATOM   759  O  OD1 . ASP A 1 104 ? 3.664   4.976   -4.188  1.00 28.16 ? 104 ASP A OD1 1 
ATOM   760  O  OD2 . ASP A 1 104 ? 5.390   3.744   -3.651  1.00 37.50 ? 104 ASP A OD2 1 
ATOM   761  N  N   . VAL A 1 105 ? 1.428   5.630   -1.656  1.00 17.21 ? 105 VAL A N   1 
ATOM   762  C  CA  . VAL A 1 105 ? 1.016   7.028   -1.691  1.00 16.77 ? 105 VAL A CA  1 
ATOM   763  C  C   . VAL A 1 105 ? 2.136   7.827   -1.045  1.00 20.52 ? 105 VAL A C   1 
ATOM   764  O  O   . VAL A 1 105 ? 2.760   7.360   -0.088  1.00 17.79 ? 105 VAL A O   1 
ATOM   765  C  CB  . VAL A 1 105 ? -0.323  7.243   -0.955  1.00 17.28 ? 105 VAL A CB  1 
ATOM   766  C  CG1 . VAL A 1 105 ? -0.229  6.791   0.499   1.00 17.91 ? 105 VAL A CG1 1 
ATOM   767  C  CG2 . VAL A 1 105 ? -0.757  8.705   -1.047  1.00 19.51 ? 105 VAL A CG2 1 
ATOM   768  N  N   . THR A 1 106 ? 2.418   9.014   -1.578  1.00 18.21 ? 106 THR A N   1 
ATOM   769  C  CA  . THR A 1 106 ? 3.416   9.892   -0.981  1.00 16.91 ? 106 THR A CA  1 
ATOM   770  C  C   . THR A 1 106 ? 2.804   11.263  -0.747  1.00 17.25 ? 106 THR A C   1 
ATOM   771  O  O   . THR A 1 106 ? 2.123   11.795  -1.626  1.00 18.92 ? 106 THR A O   1 
ATOM   772  C  CB  . THR A 1 106 ? 4.660   10.021  -1.871  1.00 21.94 ? 106 THR A CB  1 
ATOM   773  O  OG1 . THR A 1 106 ? 5.224   8.728   -2.111  1.00 21.96 ? 106 THR A OG1 1 
ATOM   774  C  CG2 . THR A 1 106 ? 5.698   10.902  -1.203  1.00 20.79 ? 106 THR A CG2 1 
ATOM   775  N  N   . VAL A 1 107 ? 3.039   11.824  0.438   1.00 14.32 ? 107 VAL A N   1 
ATOM   776  C  CA  . VAL A 1 107 ? 2.642   13.188  0.760   1.00 18.35 ? 107 VAL A CA  1 
ATOM   777  C  C   . VAL A 1 107 ? 3.889   14.000  1.078   1.00 16.88 ? 107 VAL A C   1 
ATOM   778  O  O   . VAL A 1 107 ? 4.777   13.536  1.801   1.00 20.09 ? 107 VAL A O   1 
ATOM   779  C  CB  . VAL A 1 107 ? 1.645   13.225  1.936   1.00 23.48 ? 107 VAL A CB  1 
ATOM   780  C  CG1 . VAL A 1 107 ? 1.362   14.654  2.350   1.00 33.10 ? 107 VAL A CG1 1 
ATOM   781  C  CG2 . VAL A 1 107 ? 0.356   12.531  1.542   1.00 25.27 ? 107 VAL A CG2 1 
ATOM   782  N  N   . ASP A 1 108 ? 3.950   15.217  0.532   1.00 18.29 ? 108 ASP A N   1 
ATOM   783  C  CA  . ASP A 1 108 ? 5.044   16.161  0.774   1.00 17.68 ? 108 ASP A CA  1 
ATOM   784  C  C   . ASP A 1 108 ? 4.716   16.913  2.054   1.00 24.59 ? 108 ASP A C   1 
ATOM   785  O  O   . ASP A 1 108 ? 4.032   17.938  2.039   1.00 25.65 ? 108 ASP A O   1 
ATOM   786  C  CB  . ASP A 1 108 ? 5.196   17.102  -0.420  1.00 22.33 ? 108 ASP A CB  1 
ATOM   787  C  CG  . ASP A 1 108 ? 6.400   18.028  -0.310  1.00 26.36 ? 108 ASP A CG  1 
ATOM   788  O  OD1 . ASP A 1 108 ? 6.854   18.324  0.814   1.00 24.34 ? 108 ASP A OD1 1 
ATOM   789  O  OD2 . ASP A 1 108 ? 6.878   18.487  -1.371  1.00 24.22 ? 108 ASP A OD2 1 
ATOM   790  N  N   . HIS A 1 109 ? 5.232   16.412  3.180   1.00 22.54 ? 109 HIS A N   1 
ATOM   791  C  CA  . HIS A 1 109 ? 4.862   16.948  4.489   1.00 26.44 ? 109 HIS A CA  1 
ATOM   792  C  C   . HIS A 1 109 ? 5.820   18.065  4.892   1.00 25.27 ? 109 HIS A C   1 
ATOM   793  O  O   . HIS A 1 109 ? 7.042   17.896  4.777   1.00 25.93 ? 109 HIS A O   1 
ATOM   794  C  CB  . HIS A 1 109 ? 4.875   15.845  5.538   1.00 25.41 ? 109 HIS A CB  1 
ATOM   795  C  CG  . HIS A 1 109 ? 4.213   16.224  6.827   1.00 28.18 ? 109 HIS A CG  1 
ATOM   796  N  ND1 . HIS A 1 109 ? 4.836   16.987  7.789   1.00 30.78 ? 109 HIS A ND1 1 
ATOM   797  C  CD2 . HIS A 1 109 ? 2.980   15.941  7.310   1.00 33.71 ? 109 HIS A CD2 1 
ATOM   798  C  CE1 . HIS A 1 109 ? 4.016   17.160  8.812   1.00 35.55 ? 109 HIS A CE1 1 
ATOM   799  N  NE2 . HIS A 1 109 ? 2.883   16.536  8.546   1.00 36.08 ? 109 HIS A NE2 1 
ATOM   800  N  N   . PRO A 1 110 ? 5.314   19.201  5.374   1.00 34.84 ? 110 PRO A N   1 
ATOM   801  C  CA  . PRO A 1 110 ? 6.203   20.334  5.680   1.00 35.91 ? 110 PRO A CA  1 
ATOM   802  C  C   . PRO A 1 110 ? 7.204   20.059  6.791   1.00 35.21 ? 110 PRO A C   1 
ATOM   803  O  O   . PRO A 1 110 ? 8.242   20.730  6.844   1.00 42.52 ? 110 PRO A O   1 
ATOM   804  C  CB  . PRO A 1 110 ? 5.225   21.452  6.071   1.00 38.53 ? 110 PRO A CB  1 
ATOM   805  C  CG  . PRO A 1 110 ? 3.981   20.736  6.493   1.00 40.63 ? 110 PRO A CG  1 
ATOM   806  C  CD  . PRO A 1 110 ? 3.899   19.532  5.606   1.00 34.75 ? 110 PRO A CD  1 
ATOM   807  N  N   . VAL A 1 111 ? 6.941   19.096  7.668   1.00 32.08 ? 111 VAL A N   1 
ATOM   808  C  CA  . VAL A 1 111 ? 7.853   18.760  8.757   1.00 27.80 ? 111 VAL A CA  1 
ATOM   809  C  C   . VAL A 1 111 ? 8.700   17.539  8.423   1.00 26.81 ? 111 VAL A C   1 
ATOM   810  O  O   . VAL A 1 111 ? 9.921   17.563  8.569   1.00 28.40 ? 111 VAL A O   1 
ATOM   811  C  CB  . VAL A 1 111 ? 7.062   18.552  10.067  1.00 42.53 ? 111 VAL A CB  1 
ATOM   812  C  CG1 . VAL A 1 111 ? 8.000   18.140  11.190  1.00 41.11 ? 111 VAL A CG1 1 
ATOM   813  C  CG2 . VAL A 1 111 ? 6.311   19.821  10.432  1.00 42.22 ? 111 VAL A CG2 1 
ATOM   814  N  N   . TYR A 1 112 ? 8.069   16.462  7.963   1.00 25.50 ? 112 TYR A N   1 
ATOM   815  C  CA  . TYR A 1 112 ? 8.771   15.207  7.745   1.00 24.26 ? 112 TYR A CA  1 
ATOM   816  C  C   . TYR A 1 112 ? 9.413   15.093  6.370   1.00 25.91 ? 112 TYR A C   1 
ATOM   817  O  O   . TYR A 1 112 ? 10.218  14.180  6.159   1.00 29.33 ? 112 TYR A O   1 
ATOM   818  C  CB  . TYR A 1 112 ? 7.817   14.031  7.928   1.00 21.62 ? 112 TYR A CB  1 
ATOM   819  C  CG  . TYR A 1 112 ? 7.263   13.899  9.321   1.00 28.22 ? 112 TYR A CG  1 
ATOM   820  C  CD1 . TYR A 1 112 ? 8.028   13.350  10.341  1.00 30.32 ? 112 TYR A CD1 1 
ATOM   821  C  CD2 . TYR A 1 112 ? 5.971   14.312  9.618   1.00 35.89 ? 112 TYR A CD2 1 
ATOM   822  C  CE1 . TYR A 1 112 ? 7.522   13.223  11.624  1.00 40.22 ? 112 TYR A CE1 1 
ATOM   823  C  CE2 . TYR A 1 112 ? 5.457   14.188  10.897  1.00 39.22 ? 112 TYR A CE2 1 
ATOM   824  C  CZ  . TYR A 1 112 ? 6.237   13.641  11.893  1.00 45.16 ? 112 TYR A CZ  1 
ATOM   825  O  OH  . TYR A 1 112 ? 5.725   13.513  13.166  1.00 49.77 ? 112 TYR A OH  1 
ATOM   826  N  N   . GLY A 1 113 ? 9.088   15.983  5.440   1.00 24.65 ? 113 GLY A N   1 
ATOM   827  C  CA  . GLY A 1 113 ? 9.455   15.740  4.058   1.00 24.81 ? 113 GLY A CA  1 
ATOM   828  C  C   . GLY A 1 113 ? 8.502   14.730  3.442   1.00 20.90 ? 113 GLY A C   1 
ATOM   829  O  O   . GLY A 1 113 ? 7.392   14.520  3.924   1.00 17.42 ? 113 GLY A O   1 
ATOM   830  N  N   . ASP A 1 114 ? 8.948   14.098  2.361   1.00 18.65 ? 114 ASP A N   1 
ATOM   831  C  CA  . ASP A 1 114 ? 8.119   13.099  1.702   1.00 17.15 ? 114 ASP A CA  1 
ATOM   832  C  C   . ASP A 1 114 ? 7.857   11.940  2.653   1.00 19.29 ? 114 ASP A C   1 
ATOM   833  O  O   . ASP A 1 114 ? 8.790   11.352  3.201   1.00 20.07 ? 114 ASP A O   1 
ATOM   834  C  CB  . ASP A 1 114 ? 8.799   12.587  0.430   1.00 21.75 ? 114 ASP A CB  1 
ATOM   835  C  CG  . ASP A 1 114 ? 8.507   13.454  -0.788  1.00 25.67 ? 114 ASP A CG  1 
ATOM   836  O  OD1 . ASP A 1 114 ? 7.498   14.190  -0.788  1.00 19.53 ? 114 ASP A OD1 1 
ATOM   837  O  OD2 . ASP A 1 114 ? 9.290   13.385  -1.761  1.00 25.34 ? 114 ASP A OD2 1 
ATOM   838  N  N   . ILE A 1 115 ? 6.581   11.630  2.851   1.00 16.48 ? 115 ILE A N   1 
ATOM   839  C  CA  . ILE A 1 115 ? 6.130   10.488  3.638   1.00 13.85 ? 115 ILE A CA  1 
ATOM   840  C  C   . ILE A 1 115 ? 5.429   9.532   2.688   1.00 17.59 ? 115 ILE A C   1 
ATOM   841  O  O   . ILE A 1 115 ? 4.442   9.914   2.049   1.00 17.84 ? 115 ILE A O   1 
ATOM   842  C  CB  . ILE A 1 115 ? 5.169   10.921  4.756   1.00 21.57 ? 115 ILE A CB  1 
ATOM   843  C  CG1 . ILE A 1 115 ? 5.830   11.918  5.700   1.00 28.39 ? 115 ILE A CG1 1 
ATOM   844  C  CG2 . ILE A 1 115 ? 4.692   9.730   5.525   1.00 27.62 ? 115 ILE A CG2 1 
ATOM   845  C  CD1 . ILE A 1 115 ? 4.881   12.428  6.767   1.00 38.25 ? 115 ILE A CD1 1 
ATOM   846  N  N   . THR A 1 116 ? 5.904   8.287   2.616   1.00 16.86 ? 116 THR A N   1 
ATOM   847  C  CA  . THR A 1 116 ? 5.354   7.303   1.690   1.00 16.39 ? 116 THR A CA  1 
ATOM   848  C  C   . THR A 1 116 ? 4.824   6.104   2.464   1.00 23.62 ? 116 THR A C   1 
ATOM   849  O  O   . THR A 1 116 ? 5.547   5.527   3.280   1.00 20.18 ? 116 THR A O   1 
ATOM   850  C  CB  . THR A 1 116 ? 6.409   6.834   0.684   1.00 20.14 ? 116 THR A CB  1 
ATOM   851  O  OG1 . THR A 1 116 ? 6.922   7.959   -0.038  1.00 26.43 ? 116 THR A OG1 1 
ATOM   852  C  CG2 . THR A 1 116 ? 5.806   5.832   -0.298  1.00 18.87 ? 116 THR A CG2 1 
ATOM   853  N  N   . ALA A 1 117 ? 3.577   5.716   2.190   1.00 19.06 ? 117 ALA A N   1 
ATOM   854  C  CA  . ALA A 1 117 ? 2.969   4.536   2.798   1.00 18.90 ? 117 ALA A CA  1 
ATOM   855  C  C   . ALA A 1 117 ? 2.818   3.451   1.743   1.00 20.13 ? 117 ALA A C   1 
ATOM   856  O  O   . ALA A 1 117 ? 2.322   3.712   0.644   1.00 17.64 ? 117 ALA A O   1 
ATOM   857  C  CB  . ALA A 1 117 ? 1.606   4.863   3.416   1.00 18.49 ? 117 ALA A CB  1 
ATOM   858  N  N   . SER A 1 118 ? 3.250   2.237   2.076   1.00 19.54 ? 118 SER A N   1 
ATOM   859  C  CA  . SER A 1 118 ? 3.146   1.099   1.164   1.00 19.50 ? 118 SER A CA  1 
ATOM   860  C  C   . SER A 1 118 ? 1.730   0.545   1.263   1.00 27.66 ? 118 SER A C   1 
ATOM   861  O  O   . SER A 1 118 ? 1.416   -0.266  2.131   1.00 32.83 ? 118 SER A O   1 
ATOM   862  C  CB  . SER A 1 118 ? 4.185   0.042   1.514   1.00 25.10 ? 118 SER A CB  1 
ATOM   863  O  OG  . SER A 1 118 ? 5.494   0.572   1.442   1.00 30.32 ? 118 SER A OG  1 
ATOM   864  N  N   . LEU A 1 119 ? 0.851   0.988   0.362   1.00 21.37 ? 119 LEU A N   1 
ATOM   865  C  CA  . LEU A 1 119 ? -0.557  0.612   0.475   1.00 23.04 ? 119 LEU A CA  1 
ATOM   866  C  C   . LEU A 1 119 ? -0.829  -0.751  -0.150  1.00 21.52 ? 119 LEU A C   1 
ATOM   867  O  O   . LEU A 1 119 ? -1.490  -1.597  0.463   1.00 22.37 ? 119 LEU A O   1 
ATOM   868  C  CB  . LEU A 1 119 ? -1.442  1.674   -0.184  1.00 20.72 ? 119 LEU A CB  1 
ATOM   869  C  CG  . LEU A 1 119 ? -1.401  3.088   0.393   1.00 20.89 ? 119 LEU A CG  1 
ATOM   870  C  CD1 . LEU A 1 119 ? -2.358  3.987   -0.384  1.00 21.73 ? 119 LEU A CD1 1 
ATOM   871  C  CD2 . LEU A 1 119 ? -1.749  3.092   1.871   1.00 21.40 ? 119 LEU A CD2 1 
ATOM   872  N  N   A HIS A 1 120 ? -0.330  -0.959  -1.368  0.50 24.91 ? 120 HIS A N   1 
ATOM   873  N  N   B HIS A 1 120 ? -0.357  -0.969  -1.377  0.50 24.92 ? 120 HIS A N   1 
ATOM   874  C  CA  A HIS A 1 120 ? -0.544  -2.183  -2.141  0.50 25.79 ? 120 HIS A CA  1 
ATOM   875  C  CA  B HIS A 1 120 ? -0.546  -2.240  -2.086  0.50 25.83 ? 120 HIS A CA  1 
ATOM   876  C  C   A HIS A 1 120 ? -2.022  -2.563  -2.186  0.50 26.15 ? 120 HIS A C   1 
ATOM   877  C  C   B HIS A 1 120 ? -2.027  -2.589  -2.238  0.50 26.15 ? 120 HIS A C   1 
ATOM   878  O  O   A HIS A 1 120 ? -2.412  -3.695  -1.896  0.50 23.37 ? 120 HIS A O   1 
ATOM   879  O  O   B HIS A 1 120 ? -2.430  -3.740  -2.070  0.50 23.33 ? 120 HIS A O   1 
ATOM   880  C  CB  A HIS A 1 120 ? 0.321   -3.324  -1.604  0.50 27.09 ? 120 HIS A CB  1 
ATOM   881  C  CB  B HIS A 1 120 ? 0.207   -3.377  -1.387  0.50 26.47 ? 120 HIS A CB  1 
ATOM   882  C  CG  A HIS A 1 120 ? 1.730   -3.290  -2.111  0.50 22.37 ? 120 HIS A CG  1 
ATOM   883  C  CG  B HIS A 1 120 ? 0.467   -4.564  -2.262  0.50 23.41 ? 120 HIS A CG  1 
ATOM   884  N  ND1 A HIS A 1 120 ? 2.226   -4.228  -2.990  0.50 28.60 ? 120 HIS A ND1 1 
ATOM   885  N  ND1 B HIS A 1 120 ? -0.392  -5.639  -2.335  0.50 30.87 ? 120 HIS A ND1 1 
ATOM   886  C  CD2 A HIS A 1 120 ? 2.739   -2.418  -1.883  0.50 30.08 ? 120 HIS A CD2 1 
ATOM   887  C  CD2 B HIS A 1 120 ? 1.494   -4.848  -3.096  0.50 28.00 ? 120 HIS A CD2 1 
ATOM   888  C  CE1 A HIS A 1 120 ? 3.484   -3.941  -3.272  0.50 27.13 ? 120 HIS A CE1 1 
ATOM   889  C  CE1 B HIS A 1 120 ? 0.094   -6.533  -3.178  0.50 27.26 ? 120 HIS A CE1 1 
ATOM   890  N  NE2 A HIS A 1 120 ? 3.820   -2.847  -2.613  0.50 25.13 ? 120 HIS A NE2 1 
ATOM   891  N  NE2 B HIS A 1 120 ? 1.236   -6.076  -3.656  0.50 29.44 ? 120 HIS A NE2 1 
ATOM   892  N  N   . LEU A 1 121 ? -2.850  -1.589  -2.563  1.00 22.92 ? 121 LEU A N   1 
ATOM   893  C  CA  . LEU A 1 121 ? -4.286  -1.808  -2.712  1.00 17.95 ? 121 LEU A CA  1 
ATOM   894  C  C   . LEU A 1 121 ? -4.583  -2.454  -4.058  1.00 19.28 ? 121 LEU A C   1 
ATOM   895  O  O   . LEU A 1 121 ? -4.127  -1.975  -5.101  1.00 21.10 ? 121 LEU A O   1 
ATOM   896  C  CB  . LEU A 1 121 ? -5.045  -0.485  -2.597  1.00 19.29 ? 121 LEU A CB  1 
ATOM   897  C  CG  . LEU A 1 121 ? -4.854  0.298   -1.296  1.00 23.15 ? 121 LEU A CG  1 
ATOM   898  C  CD1 . LEU A 1 121 ? -5.537  1.659   -1.366  1.00 23.00 ? 121 LEU A CD1 1 
ATOM   899  C  CD2 . LEU A 1 121 ? -5.397  -0.498  -0.135  1.00 25.23 ? 121 LEU A CD2 1 
ATOM   900  N  N   . LYS A 1 122 ? -5.367  -3.529  -4.039  1.00 18.05 ? 122 LYS A N   1 
ATOM   901  C  CA  . LYS A 1 122 ? -5.556  -4.312  -5.252  1.00 20.74 ? 122 LYS A CA  1 
ATOM   902  C  C   . LYS A 1 122 ? -7.026  -4.583  -5.552  1.00 19.43 ? 122 LYS A C   1 
ATOM   903  O  O   . LYS A 1 122 ? -7.398  -4.756  -6.718  1.00 25.80 ? 122 LYS A O   1 
ATOM   904  C  CB  . LYS A 1 122 ? -4.793  -5.637  -5.137  1.00 25.71 ? 122 LYS A CB  1 
ATOM   905  C  CG  . LYS A 1 122 ? -4.660  -6.377  -6.449  1.00 29.76 ? 122 LYS A CG  1 
ATOM   906  C  CD  . LYS A 1 122 ? -4.013  -7.738  -6.259  1.00 34.00 ? 122 LYS A CD  1 
ATOM   907  C  CE  . LYS A 1 122 ? -3.907  -8.481  -7.585  1.00 35.42 ? 122 LYS A CE  1 
ATOM   908  N  NZ  . LYS A 1 122 ? -3.085  -7.729  -8.574  1.00 31.84 ? 122 LYS A NZ  1 
ATOM   909  N  N   . SER A 1 123 ? -7.868  -4.629  -4.521  1.00 18.66 ? 123 SER A N   1 
ATOM   910  C  CA  . SER A 1 123 ? -9.268  -4.996  -4.685  1.00 19.99 ? 123 SER A CA  1 
ATOM   911  C  C   . SER A 1 123 ? -10.184 -3.938  -4.084  1.00 24.75 ? 123 SER A C   1 
ATOM   912  O  O   . SER A 1 123 ? -9.758  -3.082  -3.306  1.00 21.40 ? 123 SER A O   1 
ATOM   913  C  CB  . SER A 1 123 ? -9.564  -6.345  -4.032  1.00 24.41 ? 123 SER A CB  1 
ATOM   914  O  OG  . SER A 1 123 ? -9.495  -6.242  -2.620  1.00 23.38 ? 123 SER A OG  1 
ATOM   915  N  N   . ARG A 1 124 ? -11.465 -4.013  -4.458  1.00 20.35 ? 124 ARG A N   1 
ATOM   916  C  CA  . ARG A 1 124 ? -12.466 -3.142  -3.845  1.00 22.13 ? 124 ARG A CA  1 
ATOM   917  C  C   . ARG A 1 124 ? -12.521 -3.343  -2.338  1.00 25.94 ? 124 ARG A C   1 
ATOM   918  O  O   . ARG A 1 124 ? -12.663 -2.377  -1.578  1.00 23.45 ? 124 ARG A O   1 
ATOM   919  C  CB  . ARG A 1 124 ? -13.840 -3.403  -4.459  1.00 19.51 ? 124 ARG A CB  1 
ATOM   920  C  CG  . ARG A 1 124 ? -14.009 -2.873  -5.858  1.00 25.17 ? 124 ARG A CG  1 
ATOM   921  C  CD  . ARG A 1 124 ? -15.465 -2.970  -6.274  1.00 24.84 ? 124 ARG A CD  1 
ATOM   922  N  NE  . ARG A 1 124 ? -15.716 -2.311  -7.549  1.00 27.25 ? 124 ARG A NE  1 
ATOM   923  C  CZ  . ARG A 1 124 ? -16.869 -2.379  -8.207  1.00 29.22 ? 124 ARG A CZ  1 
ATOM   924  N  NH1 . ARG A 1 124 ? -17.873 -3.080  -7.703  1.00 30.75 ? 124 ARG A NH1 1 
ATOM   925  N  NH2 . ARG A 1 124 ? -17.018 -1.747  -9.366  1.00 29.71 ? 124 ARG A NH2 1 
ATOM   926  N  N   . LYS A 1 125 ? -12.418 -4.593  -1.884  1.00 24.21 ? 125 LYS A N   1 
ATOM   927  C  CA  . LYS A 1 125 ? -12.443 -4.857  -0.450  1.00 25.45 ? 125 LYS A CA  1 
ATOM   928  C  C   . LYS A 1 125 ? -11.226 -4.257  0.246   1.00 25.83 ? 125 LYS A C   1 
ATOM   929  O  O   . LYS A 1 125 ? -11.340 -3.735  1.364   1.00 26.71 ? 125 LYS A O   1 
ATOM   930  C  CB  . LYS A 1 125 ? -12.520 -6.362  -0.197  1.00 26.96 ? 125 LYS A CB  1 
ATOM   931  C  CG  . LYS A 1 125 ? -12.981 -6.726  1.204   1.00 40.38 ? 125 LYS A CG  1 
ATOM   932  C  CD  . LYS A 1 125 ? -12.748 -8.200  1.493   1.00 49.17 ? 125 LYS A CD  1 
ATOM   933  C  CE  . LYS A 1 125 ? -13.572 -8.672  2.679   1.00 62.06 ? 125 LYS A CE  1 
ATOM   934  N  NZ  . LYS A 1 125 ? -14.649 -9.613  2.263   1.00 58.60 ? 125 LYS A NZ  1 
ATOM   935  N  N   . ASP A 1 126 ? -10.046 -4.337  -0.388  1.00 23.07 ? 126 ASP A N   1 
ATOM   936  C  CA  . ASP A 1 126 ? -8.862  -3.657  0.139   1.00 23.37 ? 126 ASP A CA  1 
ATOM   937  C  C   . ASP A 1 126 ? -9.148  -2.181  0.369   1.00 24.18 ? 126 ASP A C   1 
ATOM   938  O  O   . ASP A 1 126 ? -8.844  -1.625  1.432   1.00 23.05 ? 126 ASP A O   1 
ATOM   939  C  CB  . ASP A 1 126 ? -7.682  -3.780  -0.830  1.00 21.15 ? 126 ASP A CB  1 
ATOM   940  C  CG  . ASP A 1 126 ? -7.112  -5.180  -0.918  1.00 29.57 ? 126 ASP A CG  1 
ATOM   941  O  OD1 . ASP A 1 126 ? -7.469  -6.044  -0.093  1.00 27.86 ? 126 ASP A OD1 1 
ATOM   942  O  OD2 . ASP A 1 126 ? -6.282  -5.400  -1.829  1.00 25.73 ? 126 ASP A OD2 1 
ATOM   943  N  N   . VAL A 1 127 ? -9.717  -1.528  -0.641  1.00 22.87 ? 127 VAL A N   1 
ATOM   944  C  CA  . VAL A 1 127 ? -9.966  -0.095  -0.565  1.00 21.01 ? 127 VAL A CA  1 
ATOM   945  C  C   . VAL A 1 127 ? -10.998 0.208   0.514   1.00 24.43 ? 127 VAL A C   1 
ATOM   946  O  O   . VAL A 1 127 ? -10.814 1.112   1.338   1.00 22.00 ? 127 VAL A O   1 
ATOM   947  C  CB  . VAL A 1 127 ? -10.412 0.437   -1.938  1.00 19.95 ? 127 VAL A CB  1 
ATOM   948  C  CG1 . VAL A 1 127 ? -10.911 1.873   -1.809  1.00 23.88 ? 127 VAL A CG1 1 
ATOM   949  C  CG2 . VAL A 1 127 ? -9.270  0.349   -2.944  1.00 18.88 ? 127 VAL A CG2 1 
ATOM   950  N  N   . ALA A 1 128 ? -12.101 -0.544  0.522   1.00 21.99 ? 128 ALA A N   1 
ATOM   951  C  CA  . ALA A 1 128 ? -13.173 -0.269  1.475   1.00 26.64 ? 128 ALA A CA  1 
ATOM   952  C  C   . ALA A 1 128 ? -12.694 -0.436  2.911   1.00 29.70 ? 128 ALA A C   1 
ATOM   953  O  O   . ALA A 1 128 ? -12.976 0.412   3.770   1.00 27.24 ? 128 ALA A O   1 
ATOM   954  C  CB  . ALA A 1 128 ? -14.368 -1.180  1.200   1.00 30.34 ? 128 ALA A CB  1 
ATOM   955  N  N   . LEU A 1 129 ? -11.968 -1.523  3.190   1.00 28.39 ? 129 LEU A N   1 
ATOM   956  C  CA  . LEU A 1 129 ? -11.464 -1.759  4.541   1.00 28.61 ? 129 LEU A CA  1 
ATOM   957  C  C   . LEU A 1 129 ? -10.434 -0.712  4.942   1.00 25.92 ? 129 LEU A C   1 
ATOM   958  O  O   . LEU A 1 129 ? -10.391 -0.286  6.103   1.00 24.97 ? 129 LEU A O   1 
ATOM   959  C  CB  . LEU A 1 129 ? -10.851 -3.155  4.642   1.00 28.87 ? 129 LEU A CB  1 
ATOM   960  C  CG  . LEU A 1 129 ? -11.784 -4.357  4.809   1.00 50.76 ? 129 LEU A CG  1 
ATOM   961  C  CD1 . LEU A 1 129 ? -11.068 -5.647  4.442   1.00 45.32 ? 129 LEU A CD1 1 
ATOM   962  C  CD2 . LEU A 1 129 ? -12.319 -4.432  6.228   1.00 54.04 ? 129 LEU A CD2 1 
ATOM   963  N  N   . PHE A 1 130 ? -9.576  -0.305  4.004   1.00 23.21 ? 130 PHE A N   1 
ATOM   964  C  CA  . PHE A 1 130 ? -8.562  0.696   4.320   1.00 19.67 ? 130 PHE A CA  1 
ATOM   965  C  C   . PHE A 1 130 ? -9.206  2.036   4.648   1.00 24.81 ? 130 PHE A C   1 
ATOM   966  O  O   . PHE A 1 130 ? -8.840  2.694   5.629   1.00 27.30 ? 130 PHE A O   1 
ATOM   967  C  CB  . PHE A 1 130 ? -7.586  0.828   3.154   1.00 22.71 ? 130 PHE A CB  1 
ATOM   968  C  CG  . PHE A 1 130 ? -6.601  1.944   3.307   1.00 25.35 ? 130 PHE A CG  1 
ATOM   969  C  CD1 . PHE A 1 130 ? -5.681  1.939   4.341   1.00 22.64 ? 130 PHE A CD1 1 
ATOM   970  C  CD2 . PHE A 1 130 ? -6.573  2.987   2.397   1.00 27.08 ? 130 PHE A CD2 1 
ATOM   971  C  CE1 . PHE A 1 130 ? -4.764  2.960   4.478   1.00 30.72 ? 130 PHE A CE1 1 
ATOM   972  C  CE2 . PHE A 1 130 ? -5.650  4.007   2.524   1.00 30.64 ? 130 PHE A CE2 1 
ATOM   973  C  CZ  . PHE A 1 130 ? -4.746  3.992   3.567   1.00 27.19 ? 130 PHE A CZ  1 
ATOM   974  N  N   . CYS A 1 131 ? -10.179 2.453   3.835   1.00 24.30 ? 131 CYS A N   1 
ATOM   975  C  CA  . CYS A 1 131 ? -10.832 3.736   4.069   1.00 26.99 ? 131 CYS A CA  1 
ATOM   976  C  C   . CYS A 1 131 ? -11.612 3.730   5.379   1.00 27.65 ? 131 CYS A C   1 
ATOM   977  O  O   . CYS A 1 131 ? -11.639 4.733   6.099   1.00 33.47 ? 131 CYS A O   1 
ATOM   978  C  CB  . CYS A 1 131 ? -11.743 4.080   2.891   1.00 22.84 ? 131 CYS A CB  1 
ATOM   979  S  SG  . CYS A 1 131 ? -10.838 4.454   1.359   1.00 29.16 ? 131 CYS A SG  1 
ATOM   980  N  N   . LYS A 1 132 ? -12.241 2.601   5.711   1.00 30.15 ? 132 LYS A N   1 
ATOM   981  C  CA  . LYS A 1 132 ? -12.949 2.496   6.983   1.00 31.31 ? 132 LYS A CA  1 
ATOM   982  C  C   . LYS A 1 132 ? -11.983 2.600   8.159   1.00 43.50 ? 132 LYS A C   1 
ATOM   983  O  O   . LYS A 1 132 ? -12.238 3.330   9.125   1.00 38.54 ? 132 LYS A O   1 
ATOM   984  C  CB  . LYS A 1 132 ? -13.730 1.183   7.045   1.00 35.63 ? 132 LYS A CB  1 
ATOM   985  C  CG  . LYS A 1 132 ? -14.298 0.879   8.425   1.00 41.24 ? 132 LYS A CG  1 
ATOM   986  C  CD  . LYS A 1 132 ? -15.587 0.079   8.343   1.00 52.18 ? 132 LYS A CD  1 
ATOM   987  C  CE  . LYS A 1 132 ? -15.336 -1.319  7.805   1.00 58.00 ? 132 LYS A CE  1 
ATOM   988  N  NZ  . LYS A 1 132 ? -14.208 -1.988  8.511   1.00 65.52 ? 132 LYS A NZ  1 
ATOM   989  N  N   . ARG A 1 133 ? -10.863 1.876   8.092   1.00 31.86 ? 133 ARG A N   1 
ATOM   990  C  CA  . ARG A 1 133 ? -9.897  1.904   9.186   1.00 37.21 ? 133 ARG A CA  1 
ATOM   991  C  C   . ARG A 1 133 ? -9.265  3.280   9.356   1.00 39.74 ? 133 ARG A C   1 
ATOM   992  O  O   . ARG A 1 133 ? -8.944  3.677   10.482  1.00 39.51 ? 133 ARG A O   1 
ATOM   993  C  CB  . ARG A 1 133 ? -8.809  0.856   8.960   1.00 32.59 ? 133 ARG A CB  1 
ATOM   994  C  CG  . ARG A 1 133 ? -9.226  -0.546  9.314   1.00 40.90 ? 133 ARG A CG  1 
ATOM   995  C  CD  . ARG A 1 133 ? -8.043  -1.493  9.302   1.00 51.88 ? 133 ARG A CD  1 
ATOM   996  N  NE  . ARG A 1 133 ? -8.155  -2.483  8.237   1.00 65.06 ? 133 ARG A NE  1 
ATOM   997  C  CZ  . ARG A 1 133 ? -9.051  -3.466  8.215   1.00 61.73 ? 133 ARG A CZ  1 
ATOM   998  N  NH1 . ARG A 1 133 ? -9.078  -4.313  7.195   1.00 60.45 ? 133 ARG A NH1 1 
ATOM   999  N  NH2 . ARG A 1 133 ? -9.918  -3.608  9.209   1.00 70.40 ? 133 ARG A NH2 1 
ATOM   1000 N  N   . MET A 1 134 ? -9.077  4.022   8.266   1.00 35.20 ? 134 MET A N   1 
ATOM   1001 C  CA  . MET A 1 134 ? -8.434  5.324   8.398   1.00 40.14 ? 134 MET A CA  1 
ATOM   1002 C  C   . MET A 1 134 ? -9.381  6.353   8.999   1.00 41.34 ? 134 MET A C   1 
ATOM   1003 O  O   . MET A 1 134 ? -8.955  7.210   9.782   1.00 45.74 ? 134 MET A O   1 
ATOM   1004 C  CB  . MET A 1 134 ? -7.921  5.804   7.050   1.00 42.18 ? 134 MET A CB  1 
ATOM   1005 C  CG  . MET A 1 134 ? -6.724  6.716   7.167   1.00 53.92 ? 134 MET A CG  1 
ATOM   1006 S  SD  . MET A 1 134 ? -6.518  7.619   5.639   1.00 59.17 ? 134 MET A SD  1 
ATOM   1007 C  CE  . MET A 1 134 ? -6.972  6.310   4.530   1.00 50.84 ? 134 MET A CE  1 
ATOM   1008 N  N   . GLU A 1 135 ? -10.664 6.295   8.640   1.00 40.47 ? 135 GLU A N   1 
ATOM   1009 C  CA  . GLU A 1 135 ? -11.616 7.228   9.233   1.00 54.05 ? 135 GLU A CA  1 
ATOM   1010 C  C   . GLU A 1 135 ? -11.855 6.914   10.705  1.00 49.91 ? 135 GLU A C   1 
ATOM   1011 O  O   . GLU A 1 135 ? -12.097 7.831   11.498  1.00 47.82 ? 135 GLU A O   1 
ATOM   1012 C  CB  . GLU A 1 135 ? -12.933 7.218   8.455   1.00 47.92 ? 135 GLU A CB  1 
ATOM   1013 C  CG  . GLU A 1 135 ? -13.853 6.047   8.763   1.00 54.69 ? 135 GLU A CG  1 
ATOM   1014 C  CD  . GLU A 1 135 ? -15.302 6.337   8.421   1.00 62.07 ? 135 GLU A CD  1 
ATOM   1015 O  OE1 . GLU A 1 135 ? -15.635 6.386   7.217   1.00 71.56 ? 135 GLU A OE1 1 
ATOM   1016 O  OE2 . GLU A 1 135 ? -16.108 6.519   9.357   1.00 62.21 ? 135 GLU A OE2 1 
ATOM   1017 N  N   . GLU A 1 136 ? -11.772 5.637   11.092  1.00 51.96 ? 136 GLU A N   1 
ATOM   1018 C  CA  . GLU A 1 136 ? -11.954 5.267   12.491  1.00 48.65 ? 136 GLU A CA  1 
ATOM   1019 C  C   . GLU A 1 136 ? -10.770 5.676   13.354  1.00 53.44 ? 136 GLU A C   1 
ATOM   1020 O  O   . GLU A 1 136 ? -10.928 5.824   14.570  1.00 57.90 ? 136 GLU A O   1 
ATOM   1021 C  CB  . GLU A 1 136 ? -12.193 3.762   12.620  1.00 49.91 ? 136 GLU A CB  1 
ATOM   1022 C  CG  . GLU A 1 136 ? -13.524 3.287   12.060  1.00 49.23 ? 136 GLU A CG  1 
ATOM   1023 C  CD  . GLU A 1 136 ? -13.685 1.780   12.142  1.00 55.82 ? 136 GLU A CD  1 
ATOM   1024 O  OE1 . GLU A 1 136 ? -14.827 1.294   11.997  1.00 56.07 ? 136 GLU A OE1 1 
ATOM   1025 O  OE2 . GLU A 1 136 ? -12.671 1.081   12.353  1.00 66.83 ? 136 GLU A OE2 1 
ATOM   1026 N  N   . SER A 1 137 ? -9.594  5.855   12.761  1.00 49.82 ? 137 SER A N   1 
ATOM   1027 C  CA  . SER A 1 137 ? -8.426  6.351   13.464  1.00 50.87 ? 137 SER A CA  1 
ATOM   1028 C  C   . SER A 1 137 ? -8.327  7.866   13.258  1.00 57.24 ? 137 SER A C   1 
ATOM   1029 O  O   . SER A 1 137 ? -9.299  8.517   12.853  1.00 60.49 ? 137 SER A O   1 
ATOM   1030 C  CB  . SER A 1 137 ? -7.180  5.604   12.974  1.00 55.57 ? 137 SER A CB  1 
ATOM   1031 O  OG  . SER A 1 137 ? -6.836  5.999   11.658  1.00 55.11 ? 137 SER A OG  1 
ATOM   1032 N  N   . ASN A 1 138 ? -7.153  8.437   13.536  1.00 64.42 ? 138 ASN A N   1 
ATOM   1033 C  CA  . ASN A 1 138 ? -6.954  9.866   13.306  1.00 70.18 ? 138 ASN A CA  1 
ATOM   1034 C  C   . ASN A 1 138 ? -7.073  10.207  11.825  1.00 68.42 ? 138 ASN A C   1 
ATOM   1035 O  O   . ASN A 1 138 ? -7.711  11.202  11.460  1.00 74.17 ? 138 ASN A O   1 
ATOM   1036 C  CB  . ASN A 1 138 ? -5.594  10.299  13.853  1.00 74.01 ? 138 ASN A CB  1 
ATOM   1037 C  CG  . ASN A 1 138 ? -4.447  9.510   13.253  1.00 81.80 ? 138 ASN A CG  1 
ATOM   1038 O  OD1 . ASN A 1 138 ? -4.352  8.295   13.436  1.00 82.32 ? 138 ASN A OD1 1 
ATOM   1039 N  ND2 . ASN A 1 138 ? -3.569  10.197  12.530  1.00 80.45 ? 138 ASN A ND2 1 
ATOM   1040 N  N   . GLY A 1 139 ? -6.467  9.392   10.961  1.00 72.53 ? 139 GLY A N   1 
ATOM   1041 C  CA  . GLY A 1 139 ? -6.610  9.512   9.520   1.00 65.60 ? 139 GLY A CA  1 
ATOM   1042 C  C   . GLY A 1 139 ? -6.236  10.862  8.937   1.00 67.14 ? 139 GLY A C   1 
ATOM   1043 O  O   . GLY A 1 139 ? -7.059  11.503  8.276   1.00 76.89 ? 139 GLY A O   1 
ATOM   1044 N  N   . THR A 1 140 ? -4.995  11.294  9.154   1.00 63.29 ? 140 THR A N   1 
ATOM   1045 C  CA  . THR A 1 140 ? -4.563  12.631  8.772   1.00 68.49 ? 140 THR A CA  1 
ATOM   1046 C  C   . THR A 1 140 ? -3.302  12.583  7.909   1.00 64.13 ? 140 THR A C   1 
ATOM   1047 O  O   . THR A 1 140 ? -2.491  13.510  7.927   1.00 65.67 ? 140 THR A O   1 
ATOM   1048 C  CB  . THR A 1 140 ? -4.338  13.483  10.022  1.00 67.84 ? 140 THR A CB  1 
ATOM   1049 O  OG1 . THR A 1 140 ? -5.345  13.179  10.990  1.00 77.26 ? 140 THR A OG1 1 
ATOM   1050 C  CG2 . THR A 1 140 ? -4.451  14.963  9.694   1.00 66.98 ? 140 THR A CG2 1 
ATOM   1051 N  N   . LEU A 1 141 ? -3.118  11.501  7.142   1.00 58.84 ? 141 LEU A N   1 
ATOM   1052 C  CA  . LEU A 1 141 ? -1.969  11.441  6.242   1.00 52.74 ? 141 LEU A CA  1 
ATOM   1053 C  C   . LEU A 1 141 ? -2.114  12.450  5.108   1.00 46.89 ? 141 LEU A C   1 
ATOM   1054 O  O   . LEU A 1 141 ? -1.146  13.130  4.747   1.00 41.99 ? 141 LEU A O   1 
ATOM   1055 C  CB  . LEU A 1 141 ? -1.794  10.025  5.689   1.00 52.20 ? 141 LEU A CB  1 
ATOM   1056 C  CG  . LEU A 1 141 ? -0.526  9.798   4.851   1.00 51.04 ? 141 LEU A CG  1 
ATOM   1057 C  CD1 . LEU A 1 141 ? 0.330   8.687   5.439   1.00 51.74 ? 141 LEU A CD1 1 
ATOM   1058 C  CD2 . LEU A 1 141 ? -0.859  9.492   3.400   1.00 47.24 ? 141 LEU A CD2 1 
ATOM   1059 N  N   . LEU A 1 142 ? -3.315  12.569  4.547   1.00 42.34 ? 142 LEU A N   1 
ATOM   1060 C  CA  . LEU A 1 142 ? -3.602  13.571  3.520   1.00 50.78 ? 142 LEU A CA  1 
ATOM   1061 C  C   . LEU A 1 142 ? -4.382  14.729  4.143   1.00 61.75 ? 142 LEU A C   1 
ATOM   1062 O  O   . LEU A 1 142 ? -5.578  14.924  3.914   1.00 45.90 ? 142 LEU A O   1 
ATOM   1063 C  CB  . LEU A 1 142 ? -4.363  12.936  2.360   1.00 44.59 ? 142 LEU A CB  1 
ATOM   1064 C  CG  . LEU A 1 142 ? -4.378  13.708  1.040   1.00 39.42 ? 142 LEU A CG  1 
ATOM   1065 C  CD1 . LEU A 1 142 ? -2.989  13.739  0.429   1.00 39.40 ? 142 LEU A CD1 1 
ATOM   1066 C  CD2 . LEU A 1 142 ? -5.382  13.095  0.081   1.00 36.69 ? 142 LEU A CD2 1 
ATOM   1067 N  N   . SER A 1 143 ? -3.667  15.508  4.948   1.00 50.35 ? 143 SER A N   1 
ATOM   1068 C  CA  . SER A 1 143 ? -4.283  16.582  5.709   1.00 59.22 ? 143 SER A CA  1 
ATOM   1069 C  C   . SER A 1 143 ? -4.481  17.818  4.833   1.00 63.20 ? 143 SER A C   1 
ATOM   1070 O  O   . SER A 1 143 ? -4.150  17.835  3.644   1.00 65.05 ? 143 SER A O   1 
ATOM   1071 C  CB  . SER A 1 143 ? -3.435  16.912  6.935   1.00 59.90 ? 143 SER A CB  1 
ATOM   1072 O  OG  . SER A 1 143 ? -2.112  17.246  6.557   1.00 59.45 ? 143 SER A OG  1 
ATOM   1073 N  N   . THR A 1 144 ? -5.022  18.878  5.441   1.00 67.05 ? 144 THR A N   1 
ATOM   1074 C  CA  . THR A 1 144 ? -5.157  20.163  4.767   1.00 56.59 ? 144 THR A CA  1 
ATOM   1075 C  C   . THR A 1 144 ? -3.807  20.769  4.402   1.00 60.76 ? 144 THR A C   1 
ATOM   1076 O  O   . THR A 1 144 ? -3.769  21.823  3.758   1.00 62.14 ? 144 THR A O   1 
ATOM   1077 C  CB  . THR A 1 144 ? -5.924  21.143  5.656   1.00 65.39 ? 144 THR A CB  1 
ATOM   1078 O  OG1 . THR A 1 144 ? -5.049  21.638  6.675   1.00 71.19 ? 144 THR A OG1 1 
ATOM   1079 C  CG2 . THR A 1 144 ? -7.106  20.451  6.318   1.00 58.32 ? 144 THR A CG2 1 
ATOM   1080 N  N   . LEU A 1 145 ? -2.705  20.127  4.802   1.00 62.22 ? 145 LEU A N   1 
ATOM   1081 C  CA  . LEU A 1 145 ? -1.382  20.709  4.607   1.00 63.81 ? 145 LEU A CA  1 
ATOM   1082 C  C   . LEU A 1 145 ? -1.025  20.804  3.129   1.00 50.95 ? 145 LEU A C   1 
ATOM   1083 O  O   . LEU A 1 145 ? -0.446  21.802  2.691   1.00 54.42 ? 145 LEU A O   1 
ATOM   1084 C  CB  . LEU A 1 145 ? -0.335  19.890  5.367   1.00 55.53 ? 145 LEU A CB  1 
ATOM   1085 C  CG  . LEU A 1 145 ? -0.110  20.112  6.869   1.00 62.46 ? 145 LEU A CG  1 
ATOM   1086 C  CD1 . LEU A 1 145 ? -1.404  20.284  7.643   1.00 61.66 ? 145 LEU A CD1 1 
ATOM   1087 C  CD2 . LEU A 1 145 ? 0.696   18.956  7.445   1.00 52.22 ? 145 LEU A CD2 1 
ATOM   1088 N  N   . THR A 1 146 ? -1.361  19.780  2.343   1.00 48.47 ? 146 THR A N   1 
ATOM   1089 C  CA  . THR A 1 146 ? -1.057  19.778  0.917   1.00 41.63 ? 146 THR A CA  1 
ATOM   1090 C  C   . THR A 1 146 ? -2.278  20.043  0.047   1.00 30.70 ? 146 THR A C   1 
ATOM   1091 O  O   . THR A 1 146 ? -2.190  19.895  -1.175  1.00 28.91 ? 146 THR A O   1 
ATOM   1092 C  CB  . THR A 1 146 ? -0.411  18.455  0.498   1.00 43.63 ? 146 THR A CB  1 
ATOM   1093 O  OG1 . THR A 1 146 ? -1.212  17.356  0.958   1.00 46.73 ? 146 THR A OG1 1 
ATOM   1094 C  CG2 . THR A 1 146 ? 1.012   18.348  1.047   1.00 32.70 ? 146 THR A CG2 1 
ATOM   1095 N  N   . LYS A 1 147 ? -3.408  20.430  0.642   1.00 33.91 ? 147 LYS A N   1 
ATOM   1096 C  CA  . LYS A 1 147 ? -4.634  20.701  -0.114  1.00 32.92 ? 147 LYS A CA  1 
ATOM   1097 C  C   . LYS A 1 147 ? -5.003  19.515  -1.001  1.00 28.32 ? 147 LYS A C   1 
ATOM   1098 O  O   . LYS A 1 147 ? -5.464  19.676  -2.135  1.00 27.26 ? 147 LYS A O   1 
ATOM   1099 C  CB  . LYS A 1 147 ? -4.498  21.976  -0.947  1.00 42.47 ? 147 LYS A CB  1 
ATOM   1100 C  CG  . LYS A 1 147 ? -4.216  23.224  -0.137  1.00 39.41 ? 147 LYS A CG  1 
ATOM   1101 C  CD  . LYS A 1 147 ? -5.418  24.147  -0.155  1.00 61.27 ? 147 LYS A CD  1 
ATOM   1102 C  CE  . LYS A 1 147 ? -5.385  25.128  1.002   1.00 57.83 ? 147 LYS A CE  1 
ATOM   1103 N  NZ  . LYS A 1 147 ? -6.729  25.725  1.246   1.00 62.89 ? 147 LYS A NZ  1 
ATOM   1104 N  N   . GLY A 1 148 ? -4.766  18.307  -0.490  1.00 24.82 ? 148 GLY A N   1 
ATOM   1105 C  CA  . GLY A 1 148 ? -5.103  17.093  -1.208  1.00 25.48 ? 148 GLY A CA  1 
ATOM   1106 C  C   . GLY A 1 148 ? -4.083  16.631  -2.227  1.00 25.41 ? 148 GLY A C   1 
ATOM   1107 O  O   . GLY A 1 148 ? -4.301  15.594  -2.867  1.00 20.08 ? 148 GLY A O   1 
ATOM   1108 N  N   . VAL A 1 149 ? -2.978  17.352  -2.393  1.00 24.06 ? 149 VAL A N   1 
ATOM   1109 C  CA  . VAL A 1 149 ? -1.978  17.009  -3.399  1.00 14.98 ? 149 VAL A CA  1 
ATOM   1110 C  C   . VAL A 1 149 ? -1.143  15.840  -2.892  1.00 18.47 ? 149 VAL A C   1 
ATOM   1111 O  O   . VAL A 1 149 ? -0.674  15.853  -1.750  1.00 18.19 ? 149 VAL A O   1 
ATOM   1112 C  CB  . VAL A 1 149 ? -1.096  18.228  -3.714  1.00 22.98 ? 149 VAL A CB  1 
ATOM   1113 C  CG1 . VAL A 1 149 ? 0.032   17.846  -4.647  1.00 16.49 ? 149 VAL A CG1 1 
ATOM   1114 C  CG2 . VAL A 1 149 ? -1.934  19.349  -4.318  1.00 29.01 ? 149 VAL A CG2 1 
ATOM   1115 N  N   . HIS A 1 150 ? -0.951  14.829  -3.738  1.00 17.71 ? 150 HIS A N   1 
ATOM   1116 C  CA  . HIS A 1 150 ? -0.194  13.644  -3.339  1.00 16.97 ? 150 HIS A CA  1 
ATOM   1117 C  C   . HIS A 1 150 ? 0.214   12.860  -4.579  1.00 18.23 ? 150 HIS A C   1 
ATOM   1118 O  O   . HIS A 1 150 ? -0.327  13.064  -5.669  1.00 19.59 ? 150 HIS A O   1 
ATOM   1119 C  CB  . HIS A 1 150 ? -1.002  12.757  -2.385  1.00 20.07 ? 150 HIS A CB  1 
ATOM   1120 C  CG  . HIS A 1 150 ? -2.264  12.217  -2.982  1.00 21.08 ? 150 HIS A CG  1 
ATOM   1121 N  ND1 . HIS A 1 150 ? -3.345  13.019  -3.281  1.00 19.59 ? 150 HIS A ND1 1 
ATOM   1122 C  CD2 . HIS A 1 150 ? -2.624  10.956  -3.327  1.00 21.27 ? 150 HIS A CD2 1 
ATOM   1123 C  CE1 . HIS A 1 150 ? -4.314  12.278  -3.788  1.00 27.07 ? 150 HIS A CE1 1 
ATOM   1124 N  NE2 . HIS A 1 150 ? -3.904  11.023  -3.822  1.00 20.43 ? 150 HIS A NE2 1 
ATOM   1125 N  N   . MET A 1 151 ? 1.170   11.950  -4.389  1.00 17.43 ? 151 MET A N   1 
ATOM   1126 C  CA  . MET A 1 151 ? 1.691   11.088  -5.443  1.00 17.24 ? 151 MET A CA  1 
ATOM   1127 C  C   . MET A 1 151 ? 1.214   9.658   -5.233  1.00 20.08 ? 151 MET A C   1 
ATOM   1128 O  O   . MET A 1 151 ? 1.007   9.222   -4.100  1.00 17.06 ? 151 MET A O   1 
ATOM   1129 C  CB  . MET A 1 151 ? 3.225   11.069  -5.459  1.00 18.84 ? 151 MET A CB  1 
ATOM   1130 C  CG  . MET A 1 151 ? 3.899   12.423  -5.373  1.00 26.18 ? 151 MET A CG  1 
ATOM   1131 S  SD  . MET A 1 151 ? 3.493   13.448  -6.793  1.00 22.41 ? 151 MET A SD  1 
ATOM   1132 C  CE  . MET A 1 151 ? 4.184   12.497  -8.142  1.00 19.37 ? 151 MET A CE  1 
ATOM   1133 N  N   . HIS A 1 152 ? 1.068   8.923   -6.332  1.00 17.48 ? 152 HIS A N   1 
ATOM   1134 C  CA  . HIS A 1 152 ? 0.903   7.475   -6.284  1.00 16.53 ? 152 HIS A CA  1 
ATOM   1135 C  C   . HIS A 1 152 ? 1.907   6.849   -7.234  1.00 20.20 ? 152 HIS A C   1 
ATOM   1136 O  O   . HIS A 1 152 ? 2.157   7.389   -8.314  1.00 23.56 ? 152 HIS A O   1 
ATOM   1137 C  CB  . HIS A 1 152 ? -0.509  7.020   -6.714  1.00 19.40 ? 152 HIS A CB  1 
ATOM   1138 C  CG  . HIS A 1 152 ? -1.576  7.257   -5.693  1.00 21.05 ? 152 HIS A CG  1 
ATOM   1139 N  ND1 . HIS A 1 152 ? -1.560  6.683   -4.439  1.00 17.36 ? 152 HIS A ND1 1 
ATOM   1140 C  CD2 . HIS A 1 152 ? -2.711  7.991   -5.757  1.00 17.67 ? 152 HIS A CD2 1 
ATOM   1141 C  CE1 . HIS A 1 152 ? -2.632  7.068   -3.770  1.00 17.88 ? 152 HIS A CE1 1 
ATOM   1142 N  NE2 . HIS A 1 152 ? -3.344  7.864   -4.547  1.00 17.77 ? 152 HIS A NE2 1 
ATOM   1143 N  N   . THR A 1 153 ? 2.475   5.710   -6.844  1.00 19.18 ? 153 THR A N   1 
ATOM   1144 C  CA  . THR A 1 153 ? 3.105   4.806   -7.799  1.00 23.00 ? 153 THR A CA  1 
ATOM   1145 C  C   . THR A 1 153 ? 2.077   3.745   -8.172  1.00 24.21 ? 153 THR A C   1 
ATOM   1146 O  O   . THR A 1 153 ? 1.579   3.027   -7.299  1.00 20.10 ? 153 THR A O   1 
ATOM   1147 C  CB  . THR A 1 153 ? 4.368   4.157   -7.232  1.00 28.44 ? 153 THR A CB  1 
ATOM   1148 O  OG1 . THR A 1 153 ? 5.312   5.176   -6.883  1.00 29.48 ? 153 THR A OG1 1 
ATOM   1149 C  CG2 . THR A 1 153 ? 4.995   3.234   -8.268  1.00 30.98 ? 153 THR A CG2 1 
ATOM   1150 N  N   . LEU A 1 154 ? 1.742   3.671   -9.457  1.00 21.70 ? 154 LEU A N   1 
ATOM   1151 C  CA  . LEU A 1 154 ? 0.747   2.741   -9.965  1.00 21.22 ? 154 LEU A CA  1 
ATOM   1152 C  C   . LEU A 1 154 ? 1.430   1.673   -10.807 1.00 22.05 ? 154 LEU A C   1 
ATOM   1153 O  O   . LEU A 1 154 ? 2.423   1.941   -11.485 1.00 25.63 ? 154 LEU A O   1 
ATOM   1154 C  CB  . LEU A 1 154 ? -0.306  3.466   -10.809 1.00 21.32 ? 154 LEU A CB  1 
ATOM   1155 C  CG  . LEU A 1 154 ? -1.037  4.624   -10.128 1.00 21.70 ? 154 LEU A CG  1 
ATOM   1156 C  CD1 . LEU A 1 154 ? -2.000  5.288   -11.098 1.00 24.02 ? 154 LEU A CD1 1 
ATOM   1157 C  CD2 . LEU A 1 154 ? -1.774  4.122   -8.900  1.00 21.38 ? 154 LEU A CD2 1 
ATOM   1158 N  N   . GLU A 1 155 ? 0.883   0.461   -10.769 1.00 19.41 ? 155 GLU A N   1 
ATOM   1159 C  CA  . GLU A 1 155 ? 1.430   -0.656  -11.524 1.00 26.76 ? 155 GLU A CA  1 
ATOM   1160 C  C   . GLU A 1 155 ? 0.307   -1.407  -12.225 1.00 28.25 ? 155 GLU A C   1 
ATOM   1161 O  O   . GLU A 1 155 ? -0.759  -1.626  -11.647 1.00 26.40 ? 155 GLU A O   1 
ATOM   1162 C  CB  . GLU A 1 155 ? 2.211   -1.585  -10.595 1.00 29.50 ? 155 GLU A CB  1 
ATOM   1163 C  CG  . GLU A 1 155 ? 2.715   -2.859  -11.225 1.00 50.06 ? 155 GLU A CG  1 
ATOM   1164 C  CD  . GLU A 1 155 ? 3.129   -3.876  -10.180 1.00 53.01 ? 155 GLU A CD  1 
ATOM   1165 O  OE1 . GLU A 1 155 ? 2.548   -4.986  -10.161 1.00 59.46 ? 155 GLU A OE1 1 
ATOM   1166 O  OE2 . GLU A 1 155 ? 4.031   -3.556  -9.367  1.00 59.67 ? 155 GLU A OE2 1 
ATOM   1167 N  N   . ALA A 1 156 ? 0.543   -1.789  -13.479 1.00 25.98 ? 156 ALA A N   1 
ATOM   1168 C  CA  . ALA A 1 156 ? -0.478  -2.468  -14.265 1.00 26.28 ? 156 ALA A CA  1 
ATOM   1169 C  C   . ALA A 1 156 ? 0.200   -3.397  -15.263 1.00 28.42 ? 156 ALA A C   1 
ATOM   1170 O  O   . ALA A 1 156 ? 1.427   -3.416  -15.396 1.00 29.75 ? 156 ALA A O   1 
ATOM   1171 C  CB  . ALA A 1 156 ? -1.396  -1.468  -14.977 1.00 25.90 ? 156 ALA A CB  1 
ATOM   1172 N  N   . GLU A 1 157 ? -0.617  -4.166  -15.984 1.00 35.96 ? 157 GLU A N   1 
ATOM   1173 C  CA  . GLU A 1 157 ? -0.073  -5.111  -16.953 1.00 32.32 ? 157 GLU A CA  1 
ATOM   1174 C  C   . GLU A 1 157 ? 0.452   -4.423  -18.206 1.00 36.68 ? 157 GLU A C   1 
ATOM   1175 O  O   . GLU A 1 157 ? 1.285   -5.003  -18.911 1.00 32.95 ? 157 GLU A O   1 
ATOM   1176 C  CB  . GLU A 1 157 ? -1.133  -6.142  -17.344 1.00 37.27 ? 157 GLU A CB  1 
ATOM   1177 C  CG  . GLU A 1 157 ? -1.622  -7.024  -16.206 1.00 39.90 ? 157 GLU A CG  1 
ATOM   1178 C  CD  . GLU A 1 157 ? -0.574  -8.007  -15.724 1.00 57.98 ? 157 GLU A CD  1 
ATOM   1179 O  OE1 . GLU A 1 157 ? -0.547  -8.297  -14.508 1.00 59.52 ? 157 GLU A OE1 1 
ATOM   1180 O  OE2 . GLU A 1 157 ? 0.223   -8.491  -16.556 1.00 66.26 ? 157 GLU A OE2 1 
ATOM   1181 N  N   . SER A 1 158 ? -0.011  -3.209  -18.504 1.00 37.50 ? 158 SER A N   1 
ATOM   1182 C  CA  . SER A 1 158 ? 0.401   -2.529  -19.723 1.00 41.40 ? 158 SER A CA  1 
ATOM   1183 C  C   . SER A 1 158 ? 0.324   -1.021  -19.539 1.00 37.80 ? 158 SER A C   1 
ATOM   1184 O  O   . SER A 1 158 ? -0.364  -0.512  -18.648 1.00 31.52 ? 158 SER A O   1 
ATOM   1185 C  CB  . SER A 1 158 ? -0.464  -2.938  -20.917 1.00 25.68 ? 158 SER A CB  1 
ATOM   1186 O  OG  . SER A 1 158 ? -1.786  -2.446  -20.770 1.00 33.05 ? 158 SER A OG  1 
ATOM   1187 N  N   . GLU A 1 159 ? 1.033   -0.309  -20.418 1.00 37.70 ? 159 GLU A N   1 
ATOM   1188 C  CA  . GLU A 1 159 ? 0.922   1.144   -20.459 1.00 36.17 ? 159 GLU A CA  1 
ATOM   1189 C  C   . GLU A 1 159 ? -0.459  1.582   -20.916 1.00 36.07 ? 159 GLU A C   1 
ATOM   1190 O  O   . GLU A 1 159 ? -0.934  2.650   -20.514 1.00 37.94 ? 159 GLU A O   1 
ATOM   1191 C  CB  . GLU A 1 159 ? 1.992   1.725   -21.384 1.00 37.24 ? 159 GLU A CB  1 
ATOM   1192 C  CG  . GLU A 1 159 ? 3.414   1.348   -20.998 1.00 42.59 ? 159 GLU A CG  1 
ATOM   1193 C  CD  . GLU A 1 159 ? 3.914   2.110   -19.788 1.00 50.79 ? 159 GLU A CD  1 
ATOM   1194 O  OE1 . GLU A 1 159 ? 3.237   3.070   -19.360 1.00 55.84 ? 159 GLU A OE1 1 
ATOM   1195 O  OE2 . GLU A 1 159 ? 4.990   1.750   -19.265 1.00 50.56 ? 159 GLU A OE2 1 
ATOM   1196 N  N   . ALA A 1 160 ? -1.111  0.782   -21.761 1.00 34.87 ? 160 ALA A N   1 
ATOM   1197 C  CA  . ALA A 1 160 ? -2.475  1.100   -22.165 1.00 35.37 ? 160 ALA A CA  1 
ATOM   1198 C  C   . ALA A 1 160 ? -3.402  1.157   -20.960 1.00 37.38 ? 160 ALA A C   1 
ATOM   1199 O  O   . ALA A 1 160 ? -4.216  2.077   -20.840 1.00 38.35 ? 160 ALA A O   1 
ATOM   1200 C  CB  . ALA A 1 160 ? -2.978  0.074   -23.182 1.00 42.23 ? 160 ALA A CB  1 
ATOM   1201 N  N   . ILE A 1 161 ? -3.271  0.194   -20.045 1.00 31.84 ? 161 ILE A N   1 
ATOM   1202 C  CA  . ILE A 1 161 ? -4.173  0.124   -18.899 1.00 31.78 ? 161 ILE A CA  1 
ATOM   1203 C  C   . ILE A 1 161 ? -3.935  1.294   -17.950 1.00 30.15 ? 161 ILE A C   1 
ATOM   1204 O  O   . ILE A 1 161 ? -4.887  1.879   -17.417 1.00 31.72 ? 161 ILE A O   1 
ATOM   1205 C  CB  . ILE A 1 161 ? -4.020  -1.238  -18.197 1.00 32.08 ? 161 ILE A CB  1 
ATOM   1206 C  CG1 . ILE A 1 161 ? -4.582  -2.347  -19.093 1.00 40.23 ? 161 ILE A CG1 1 
ATOM   1207 C  CG2 . ILE A 1 161 ? -4.704  -1.234  -16.836 1.00 30.49 ? 161 ILE A CG2 1 
ATOM   1208 C  CD1 . ILE A 1 161 ? -4.441  -3.735  -18.520 1.00 44.57 ? 161 ILE A CD1 1 
ATOM   1209 N  N   . LEU A 1 162 ? -2.669  1.656   -17.723 1.00 26.45 ? 162 LEU A N   1 
ATOM   1210 C  CA  . LEU A 1 162 ? -2.377  2.843   -16.921 1.00 28.08 ? 162 LEU A CA  1 
ATOM   1211 C  C   . LEU A 1 162 ? -2.996  4.093   -17.541 1.00 28.62 ? 162 LEU A C   1 
ATOM   1212 O  O   . LEU A 1 162 ? -3.550  4.935   -16.828 1.00 29.42 ? 162 LEU A O   1 
ATOM   1213 C  CB  . LEU A 1 162 ? -0.866  3.014   -16.754 1.00 28.44 ? 162 LEU A CB  1 
ATOM   1214 C  CG  . LEU A 1 162 ? -0.128  2.022   -15.849 1.00 31.55 ? 162 LEU A CG  1 
ATOM   1215 C  CD1 . LEU A 1 162 ? 1.371   2.297   -15.849 1.00 28.39 ? 162 LEU A CD1 1 
ATOM   1216 C  CD2 . LEU A 1 162 ? -0.674  2.071   -14.431 1.00 30.94 ? 162 LEU A CD2 1 
ATOM   1217 N  N   . ASP A 1 163 ? -2.937  4.217   -18.872 1.00 31.61 ? 163 ASP A N   1 
ATOM   1218 C  CA  . ASP A 1 163 ? -3.505  5.390   -19.532 1.00 31.58 ? 163 ASP A CA  1 
ATOM   1219 C  C   . ASP A 1 163 ? -5.006  5.497   -19.296 1.00 32.95 ? 163 ASP A C   1 
ATOM   1220 O  O   . ASP A 1 163 ? -5.519  6.585   -19.014 1.00 30.73 ? 163 ASP A O   1 
ATOM   1221 C  CB  . ASP A 1 163 ? -3.205  5.357   -21.033 1.00 33.57 ? 163 ASP A CB  1 
ATOM   1222 C  CG  . ASP A 1 163 ? -1.723  5.471   -21.336 1.00 43.26 ? 163 ASP A CG  1 
ATOM   1223 O  OD1 . ASP A 1 163 ? -0.986  6.046   -20.508 1.00 47.35 ? 163 ASP A OD1 1 
ATOM   1224 O  OD2 . ASP A 1 163 ? -1.297  4.999   -22.412 1.00 50.56 ? 163 ASP A OD2 1 
ATOM   1225 N  N   . GLU A 1 164 ? -5.733  4.381   -19.407 1.00 28.86 ? 164 GLU A N   1 
ATOM   1226 C  CA  . GLU A 1 164 ? -7.181  4.441   -19.216 1.00 30.92 ? 164 GLU A CA  1 
ATOM   1227 C  C   . GLU A 1 164 ? -7.538  4.791   -17.780 1.00 30.30 ? 164 GLU A C   1 
ATOM   1228 O  O   . GLU A 1 164 ? -8.479  5.558   -17.538 1.00 31.70 ? 164 GLU A O   1 
ATOM   1229 C  CB  . GLU A 1 164 ? -7.844  3.116   -19.603 1.00 36.46 ? 164 GLU A CB  1 
ATOM   1230 C  CG  . GLU A 1 164 ? -7.164  2.338   -20.709 1.00 49.34 ? 164 GLU A CG  1 
ATOM   1231 C  CD  . GLU A 1 164 ? -7.587  0.875   -20.745 1.00 71.14 ? 164 GLU A CD  1 
ATOM   1232 O  OE1 . GLU A 1 164 ? -8.814  0.611   -20.740 1.00 70.99 ? 164 GLU A OE1 1 
ATOM   1233 O  OE2 . GLU A 1 164 ? -6.696  -0.010  -20.796 1.00 66.23 ? 164 GLU A OE2 1 
ATOM   1234 N  N   . ALA A 1 165 ? -6.810  4.227   -16.814 1.00 28.04 ? 165 ALA A N   1 
ATOM   1235 C  CA  . ALA A 1 165 ? -7.078  4.531   -15.412 1.00 30.56 ? 165 ALA A CA  1 
ATOM   1236 C  C   . ALA A 1 165 ? -6.756  5.984   -15.092 1.00 27.26 ? 165 ALA A C   1 
ATOM   1237 O  O   . ALA A 1 165 ? -7.527  6.660   -14.397 1.00 28.86 ? 165 ALA A O   1 
ATOM   1238 C  CB  . ALA A 1 165 ? -6.275  3.597   -14.506 1.00 30.76 ? 165 ALA A CB  1 
ATOM   1239 N  N   . ILE A 1 166 ? -5.618  6.480   -15.583 1.00 28.82 ? 166 ILE A N   1 
ATOM   1240 C  CA  . ILE A 1 166 ? -5.247  7.873   -15.350 1.00 27.55 ? 166 ILE A CA  1 
ATOM   1241 C  C   . ILE A 1 166 ? -6.249  8.808   -16.017 1.00 30.28 ? 166 ILE A C   1 
ATOM   1242 O  O   . ILE A 1 166 ? -6.643  9.833   -15.446 1.00 33.52 ? 166 ILE A O   1 
ATOM   1243 C  CB  . ILE A 1 166 ? -3.806  8.122   -15.834 1.00 32.28 ? 166 ILE A CB  1 
ATOM   1244 C  CG1 . ILE A 1 166 ? -2.821  7.347   -14.956 1.00 32.18 ? 166 ILE A CG1 1 
ATOM   1245 C  CG2 . ILE A 1 166 ? -3.479  9.617   -15.830 1.00 38.23 ? 166 ILE A CG2 1 
ATOM   1246 C  CD1 . ILE A 1 166 ? -1.400  7.362   -15.467 1.00 30.57 ? 166 ILE A CD1 1 
ATOM   1247 N  N   . ARG A 1 167 ? -6.699  8.464   -17.225 1.00 28.05 ? 167 ARG A N   1 
ATOM   1248 C  CA  . ARG A 1 167 ? -7.722  9.290   -17.859 1.00 30.18 ? 167 ARG A CA  1 
ATOM   1249 C  C   . ARG A 1 167 ? -9.032  9.240   -17.081 1.00 27.15 ? 167 ARG A C   1 
ATOM   1250 O  O   . ARG A 1 167 ? -9.776  10.229  -17.051 1.00 29.06 ? 167 ARG A O   1 
ATOM   1251 C  CB  . ARG A 1 167 ? -7.915  8.866   -19.318 1.00 35.19 ? 167 ARG A CB  1 
ATOM   1252 C  CG  . ARG A 1 167 ? -9.272  9.222   -19.880 1.00 42.18 ? 167 ARG A CG  1 
ATOM   1253 C  CD  . ARG A 1 167 ? -9.304  9.157   -21.398 1.00 55.25 ? 167 ARG A CD  1 
ATOM   1254 N  NE  . ARG A 1 167 ? -10.652 8.911   -21.904 1.00 54.33 ? 167 ARG A NE  1 
ATOM   1255 C  CZ  . ARG A 1 167 ? -11.697 9.719   -21.730 1.00 64.48 ? 167 ARG A CZ  1 
ATOM   1256 N  NH1 . ARG A 1 167 ? -11.575 10.861  -21.061 1.00 69.38 ? 167 ARG A NH1 1 
ATOM   1257 N  NH2 . ARG A 1 167 ? -12.874 9.382   -22.238 1.00 61.22 ? 167 ARG A NH2 1 
ATOM   1258 N  N   . ALA A 1 168 ? -9.314  8.120   -16.418 1.00 29.34 ? 168 ALA A N   1 
ATOM   1259 C  CA  . ALA A 1 168 ? -10.494 8.050   -15.567 1.00 27.36 ? 168 ALA A CA  1 
ATOM   1260 C  C   . ALA A 1 168 ? -10.348 8.960   -14.355 1.00 25.17 ? 168 ALA A C   1 
ATOM   1261 O  O   . ALA A 1 168 ? -11.336 9.528   -13.876 1.00 30.70 ? 168 ALA A O   1 
ATOM   1262 C  CB  . ALA A 1 168 ? -10.749 6.605   -15.133 1.00 30.64 ? 168 ALA A CB  1 
ATOM   1263 N  N   . LEU A 1 169 ? -9.125  9.107   -13.840 1.00 27.06 ? 169 LEU A N   1 
ATOM   1264 C  CA  . LEU A 1 169 ? -8.897  10.061  -12.760 1.00 23.19 ? 169 LEU A CA  1 
ATOM   1265 C  C   . LEU A 1 169 ? -9.140  11.491  -13.227 1.00 24.31 ? 169 LEU A C   1 
ATOM   1266 O  O   . LEU A 1 169 ? -9.777  12.282  -12.522 1.00 24.64 ? 169 LEU A O   1 
ATOM   1267 C  CB  . LEU A 1 169 ? -7.476  9.918   -12.220 1.00 24.86 ? 169 LEU A CB  1 
ATOM   1268 C  CG  . LEU A 1 169 ? -7.145  8.625   -11.472 1.00 22.15 ? 169 LEU A CG  1 
ATOM   1269 C  CD1 . LEU A 1 169 ? -5.742  8.720   -10.901 1.00 27.40 ? 169 LEU A CD1 1 
ATOM   1270 C  CD2 . LEU A 1 169 ? -8.172  8.372   -10.376 1.00 25.80 ? 169 LEU A CD2 1 
ATOM   1271 N  N   . GLU A 1 170 ? -8.636  11.844  -14.412 1.00 26.32 ? 170 GLU A N   1 
ATOM   1272 C  CA  . GLU A 1 170 ? -8.808  13.210  -14.897 1.00 27.93 ? 170 GLU A CA  1 
ATOM   1273 C  C   . GLU A 1 170 ? -10.280 13.556  -15.068 1.00 29.56 ? 170 GLU A C   1 
ATOM   1274 O  O   . GLU A 1 170 ? -10.714 14.650  -14.689 1.00 30.57 ? 170 GLU A O   1 
ATOM   1275 C  CB  . GLU A 1 170 ? -8.068  13.417  -16.215 1.00 36.31 ? 170 GLU A CB  1 
ATOM   1276 C  CG  . GLU A 1 170 ? -8.243  14.834  -16.743 1.00 37.38 ? 170 GLU A CG  1 
ATOM   1277 C  CD  . GLU A 1 170 ? -7.589  15.054  -18.081 1.00 52.76 ? 170 GLU A CD  1 
ATOM   1278 O  OE1 . GLU A 1 170 ? -6.376  14.786  -18.200 1.00 64.85 ? 170 GLU A OE1 1 
ATOM   1279 O  OE2 . GLU A 1 170 ? -8.294  15.499  -19.010 1.00 60.99 ? 170 GLU A OE2 1 
ATOM   1280 N  N   . GLU A 1 171 ? -11.066 12.628  -15.623 1.00 29.43 ? 171 GLU A N   1 
ATOM   1281 C  CA  . GLU A 1 171 ? -12.484 12.895  -15.842 1.00 30.45 ? 171 GLU A CA  1 
ATOM   1282 C  C   . GLU A 1 171 ? -13.203 13.208  -14.538 1.00 40.92 ? 171 GLU A C   1 
ATOM   1283 O  O   . GLU A 1 171 ? -14.180 13.967  -14.533 1.00 32.90 ? 171 GLU A O   1 
ATOM   1284 C  CB  . GLU A 1 171 ? -13.143 11.705  -16.550 1.00 34.32 ? 171 GLU A CB  1 
ATOM   1285 C  CG  . GLU A 1 171 ? -14.642 11.886  -16.784 1.00 56.68 ? 171 GLU A CG  1 
ATOM   1286 C  CD  . GLU A 1 171 ? -15.184 11.007  -17.896 1.00 73.87 ? 171 GLU A CD  1 
ATOM   1287 O  OE1 . GLU A 1 171 ? -14.433 10.148  -18.405 1.00 72.37 ? 171 GLU A OE1 1 
ATOM   1288 O  OE2 . GLU A 1 171 ? -16.367 11.179  -18.262 1.00 72.74 ? 171 GLU A OE2 1 
ATOM   1289 N  N   . LYS A 1 172 ? -12.732 12.653  -13.424 1.00 27.86 ? 172 LYS A N   1 
ATOM   1290 C  CA  . LYS A 1 172 ? -13.294 12.949  -12.114 1.00 30.34 ? 172 LYS A CA  1 
ATOM   1291 C  C   . LYS A 1 172 ? -12.610 14.127  -11.433 1.00 26.28 ? 172 LYS A C   1 
ATOM   1292 O  O   . LYS A 1 172 ? -13.009 14.497  -10.322 1.00 34.63 ? 172 LYS A O   1 
ATOM   1293 C  CB  . LYS A 1 172 ? -13.220 11.713  -11.210 1.00 30.68 ? 172 LYS A CB  1 
ATOM   1294 C  CG  . LYS A 1 172 ? -14.069 10.543  -11.689 1.00 31.19 ? 172 LYS A CG  1 
ATOM   1295 C  CD  . LYS A 1 172 ? -14.098 9.429   -10.657 1.00 34.02 ? 172 LYS A CD  1 
ATOM   1296 C  CE  . LYS A 1 172 ? -14.975 8.273   -11.111 1.00 43.02 ? 172 LYS A CE  1 
ATOM   1297 N  NZ  . LYS A 1 172 ? -15.202 7.282   -10.018 1.00 41.68 ? 172 LYS A NZ  1 
ATOM   1298 N  N   . GLY A 1 173 ? -11.606 14.725  -12.068 1.00 30.66 ? 173 GLY A N   1 
ATOM   1299 C  CA  . GLY A 1 173 ? -10.919 15.861  -11.482 1.00 28.86 ? 173 GLY A CA  1 
ATOM   1300 C  C   . GLY A 1 173 ? -9.921  15.501  -10.409 1.00 31.23 ? 173 GLY A C   1 
ATOM   1301 O  O   . GLY A 1 173 ? -9.648  16.321  -9.521  1.00 33.75 ? 173 GLY A O   1 
ATOM   1302 N  N   . TYR A 1 174 ? -9.356  14.296  -10.463 1.00 23.81 ? 174 TYR A N   1 
ATOM   1303 C  CA  . TYR A 1 174 ? -8.483  13.788  -9.411  1.00 24.83 ? 174 TYR A CA  1 
ATOM   1304 C  C   . TYR A 1 174 ? -7.003  13.924  -9.738  1.00 30.25 ? 174 TYR A C   1 
ATOM   1305 O  O   . TYR A 1 174 ? -6.166  13.497  -8.936  1.00 25.95 ? 174 TYR A O   1 
ATOM   1306 C  CB  . TYR A 1 174 ? -8.797  12.313  -9.124  1.00 20.82 ? 174 TYR A CB  1 
ATOM   1307 C  CG  . TYR A 1 174 ? -10.141 12.077  -8.475  1.00 24.54 ? 174 TYR A CG  1 
ATOM   1308 C  CD1 . TYR A 1 174 ? -10.782 13.087  -7.770  1.00 26.21 ? 174 TYR A CD1 1 
ATOM   1309 C  CD2 . TYR A 1 174 ? -10.767 10.837  -8.562  1.00 20.78 ? 174 TYR A CD2 1 
ATOM   1310 C  CE1 . TYR A 1 174 ? -12.016 12.872  -7.175  1.00 29.52 ? 174 TYR A CE1 1 
ATOM   1311 C  CE2 . TYR A 1 174 ? -11.996 10.611  -7.969  1.00 22.22 ? 174 TYR A CE2 1 
ATOM   1312 C  CZ  . TYR A 1 174 ? -12.616 11.632  -7.279  1.00 31.67 ? 174 TYR A CZ  1 
ATOM   1313 O  OH  . TYR A 1 174 ? -13.842 11.415  -6.689  1.00 28.08 ? 174 TYR A OH  1 
ATOM   1314 N  N   . LEU A 1 175 ? -6.655  14.485  -10.889 1.00 22.74 ? 175 LEU A N   1 
ATOM   1315 C  CA  . LEU A 1 175 ? -5.257  14.689  -11.225 1.00 25.65 ? 175 LEU A CA  1 
ATOM   1316 C  C   . LEU A 1 175 ? -4.814  16.091  -10.836 1.00 34.68 ? 175 LEU A C   1 
ATOM   1317 O  O   . LEU A 1 175 ? -5.614  17.032  -10.805 1.00 33.96 ? 175 LEU A O   1 
ATOM   1318 C  CB  . LEU A 1 175 ? -5.011  14.471  -12.718 1.00 32.76 ? 175 LEU A CB  1 
ATOM   1319 C  CG  . LEU A 1 175 ? -5.123  13.037  -13.232 1.00 33.62 ? 175 LEU A CG  1 
ATOM   1320 C  CD1 . LEU A 1 175 ? -4.561  12.949  -14.645 1.00 35.67 ? 175 LEU A CD1 1 
ATOM   1321 C  CD2 . LEU A 1 175 ? -4.397  12.081  -12.293 1.00 32.97 ? 175 LEU A CD2 1 
ATOM   1322 N  N   . LEU A 1 176 ? -3.527  16.218  -10.525 1.00 28.72 ? 176 LEU A N   1 
ATOM   1323 C  CA  . LEU A 1 176 ? -2.942  17.532  -10.308 1.00 33.43 ? 176 LEU A CA  1 
ATOM   1324 C  C   . LEU A 1 176 ? -2.854  18.248  -11.646 1.00 38.17 ? 176 LEU A C   1 
ATOM   1325 O  O   . LEU A 1 176 ? -2.203  17.762  -12.578 1.00 30.78 ? 176 LEU A O   1 
ATOM   1326 C  CB  . LEU A 1 176 ? -1.563  17.414  -9.668  1.00 24.21 ? 176 LEU A CB  1 
ATOM   1327 C  CG  . LEU A 1 176 ? -0.867  18.748  -9.394  1.00 31.69 ? 176 LEU A CG  1 
ATOM   1328 C  CD1 . LEU A 1 176 ? -1.734  19.630  -8.510  1.00 33.89 ? 176 LEU A CD1 1 
ATOM   1329 C  CD2 . LEU A 1 176 ? 0.490   18.525  -8.748  1.00 22.15 ? 176 LEU A CD2 1 
ATOM   1330 N  N   . ASN A 1 177 ? -3.522  19.389  -11.749 1.00 42.81 ? 177 ASN A N   1 
ATOM   1331 C  CA  . ASN A 1 177 ? -3.602  20.094  -13.017 1.00 51.44 ? 177 ASN A CA  1 
ATOM   1332 C  C   . ASN A 1 177 ? -2.294  20.832  -13.275 1.00 55.23 ? 177 ASN A C   1 
ATOM   1333 O  O   . ASN A 1 177 ? -1.912  21.717  -12.500 1.00 55.82 ? 177 ASN A O   1 
ATOM   1334 C  CB  . ASN A 1 177 ? -4.787  21.055  -13.008 1.00 61.22 ? 177 ASN A CB  1 
ATOM   1335 C  CG  . ASN A 1 177 ? -6.105  20.344  -13.255 1.00 50.70 ? 177 ASN A CG  1 
ATOM   1336 O  OD1 . ASN A 1 177 ? -6.151  19.321  -13.937 1.00 60.51 ? 177 ASN A OD1 1 
ATOM   1337 N  ND2 . ASN A 1 177 ? -7.181  20.879  -12.691 1.00 64.92 ? 177 ASN A ND2 1 
ATOM   1338 N  N   . SER A 1 178 ? -1.601  20.445  -14.346 1.00 63.30 ? 178 SER A N   1 
ATOM   1339 C  CA  . SER A 1 178 ? -0.428  21.183  -14.793 1.00 62.52 ? 178 SER A CA  1 
ATOM   1340 C  C   . SER A 1 178 ? -0.807  22.634  -15.058 1.00 72.80 ? 178 SER A C   1 
ATOM   1341 O  O   . SER A 1 178 ? -1.762  22.917  -15.789 1.00 70.89 ? 178 SER A O   1 
ATOM   1342 C  CB  . SER A 1 178 ? 0.155   20.540  -16.052 1.00 53.18 ? 178 SER A CB  1 
ATOM   1343 O  OG  . SER A 1 178 ? 1.308   21.234  -16.495 1.00 68.13 ? 178 SER A OG  1 
ATOM   1344 N  N   . PHE A 1 179 ? -0.055  23.550  -14.461 1.00 63.70 ? 179 PHE A N   1 
ATOM   1345 C  CA  . PHE A 1 179 ? -0.490  24.935  -14.338 1.00 65.40 ? 179 PHE A CA  1 
ATOM   1346 C  C   . PHE A 1 179 ? 0.654   25.921  -14.562 1.00 68.82 ? 179 PHE A C   1 
ATOM   1347 O  O   . PHE A 1 179 ? 1.745   25.762  -14.012 1.00 61.45 ? 179 PHE A O   1 
ATOM   1348 C  CB  . PHE A 1 179 ? -1.119  25.154  -12.953 1.00 65.84 ? 179 PHE A CB  1 
ATOM   1349 C  CG  . PHE A 1 179 ? -0.134  25.071  -11.812 1.00 60.16 ? 179 PHE A CG  1 
ATOM   1350 C  CD1 . PHE A 1 179 ? 0.599   23.913  -11.582 1.00 63.21 ? 179 PHE A CD1 1 
ATOM   1351 C  CD2 . PHE A 1 179 ? 0.052   26.149  -10.963 1.00 55.12 ? 179 PHE A CD2 1 
ATOM   1352 C  CE1 . PHE A 1 179 ? 1.509   23.838  -10.537 1.00 51.39 ? 179 PHE A CE1 1 
ATOM   1353 C  CE2 . PHE A 1 179 ? 0.953   26.080  -9.916  1.00 57.17 ? 179 PHE A CE2 1 
ATOM   1354 C  CZ  . PHE A 1 179 ? 1.684   24.922  -9.703  1.00 43.10 ? 179 PHE A CZ  1 
HETATM 1355 N  N   . NIO B 2 .   ? -4.768  9.113   2.627   1.00 42.57 ? 201 NIO A N   1 
HETATM 1356 C  C1  . NIO B 2 .   ? -5.189  9.472   1.392   1.00 44.46 ? 201 NIO A C1  1 
HETATM 1357 C  C2  . NIO B 2 .   ? -4.955  8.639   0.308   1.00 31.09 ? 201 NIO A C2  1 
HETATM 1358 C  C3  . NIO B 2 .   ? -4.303  7.464   0.477   1.00 31.99 ? 201 NIO A C3  1 
HETATM 1359 C  C4  . NIO B 2 .   ? -3.880  7.108   1.716   1.00 31.79 ? 201 NIO A C4  1 
HETATM 1360 C  C5  . NIO B 2 .   ? -4.115  7.941   2.798   1.00 42.76 ? 201 NIO A C5  1 
HETATM 1361 C  C6  . NIO B 2 .   ? -5.430  9.037   -1.088  1.00 32.37 ? 201 NIO A C6  1 
HETATM 1362 O  O1  . NIO B 2 .   ? -4.952  8.465   -2.103  1.00 22.14 ? 201 NIO A O1  1 
HETATM 1363 O  O2  . NIO B 2 .   ? -6.298  9.935   -1.223  1.00 33.96 ? 201 NIO A O2  1 
HETATM 1364 ZN ZN  . ZN  C 3 .   ? -4.848  9.140   -3.962  1.00 22.81 2 202 ZN  A ZN  1 
HETATM 1365 O  O   . HOH D 4 .   ? 6.353   1.526   -17.525 1.00 40.69 ? 301 HOH A O   1 
HETATM 1366 O  O   . HOH D 4 .   ? 9.025   -8.388  -12.352 1.00 75.33 ? 302 HOH A O   1 
HETATM 1367 O  O   . HOH D 4 .   ? -12.385 16.001  -5.289  1.00 42.73 ? 303 HOH A O   1 
HETATM 1368 O  O   . HOH D 4 .   ? -0.860  15.986  -13.197 1.00 46.63 ? 304 HOH A O   1 
HETATM 1369 O  O   . HOH D 4 .   ? -16.219 10.958  -3.621  1.00 39.97 ? 305 HOH A O   1 
HETATM 1370 O  O   . HOH D 4 .   ? -7.158  -2.907  3.201   1.00 29.16 ? 306 HOH A O   1 
HETATM 1371 O  O   . HOH D 4 .   ? -4.371  23.881  7.292   1.00 54.27 ? 307 HOH A O   1 
HETATM 1372 O  O   . HOH D 4 .   ? -5.253  19.758  -9.336  1.00 45.85 ? 308 HOH A O   1 
HETATM 1373 O  O   . HOH D 4 .   ? -16.007 6.623   11.852  1.00 43.16 ? 309 HOH A O   1 
HETATM 1374 O  O   . HOH D 4 .   ? -1.119  -16.938 1.855   1.00 38.37 ? 310 HOH A O   1 
HETATM 1375 O  O   . HOH D 4 .   ? 2.266   -6.874  12.789  1.00 34.98 ? 311 HOH A O   1 
HETATM 1376 O  O   . HOH D 4 .   ? -3.762  -5.447  -9.447  1.00 37.22 ? 312 HOH A O   1 
HETATM 1377 O  O   . HOH D 4 .   ? 21.612  -4.556  8.793   1.00 41.32 ? 313 HOH A O   1 
HETATM 1378 O  O   . HOH D 4 .   ? -6.469  -14.122 10.415  1.00 39.83 ? 314 HOH A O   1 
HETATM 1379 O  O   . HOH D 4 .   ? 6.300   17.655  -3.712  1.00 24.05 ? 315 HOH A O   1 
HETATM 1380 O  O   . HOH D 4 .   ? 8.662   19.363  2.286   1.00 34.74 ? 316 HOH A O   1 
HETATM 1381 O  O   . HOH D 4 .   ? -5.043  -9.105  3.943   1.00 39.00 ? 317 HOH A O   1 
HETATM 1382 O  O   . HOH D 4 .   ? -17.352 5.805   -5.267  1.00 40.16 ? 318 HOH A O   1 
HETATM 1383 O  O   . HOH D 4 .   ? 4.405   4.406   -17.475 1.00 50.41 ? 319 HOH A O   1 
HETATM 1384 O  O   . HOH D 4 .   ? 15.754  -14.440 13.311  1.00 46.86 ? 320 HOH A O   1 
HETATM 1385 O  O   . HOH D 4 .   ? 5.919   -1.932  -8.602  1.00 61.32 ? 321 HOH A O   1 
HETATM 1386 O  O   . HOH D 4 .   ? 9.559   0.095   -8.505  1.00 56.52 ? 322 HOH A O   1 
HETATM 1387 O  O   . HOH D 4 .   ? -4.229  -6.952  -1.329  1.00 39.43 ? 323 HOH A O   1 
HETATM 1388 O  O   . HOH D 4 .   ? 13.141  -11.503 -3.137  1.00 44.25 ? 324 HOH A O   1 
HETATM 1389 O  O   . HOH D 4 .   ? -15.053 2.020   3.630   1.00 35.06 ? 325 HOH A O   1 
HETATM 1390 O  O   . HOH D 4 .   ? 2.797   -21.374 -2.466  1.00 44.52 ? 326 HOH A O   1 
HETATM 1391 O  O   . HOH D 4 .   ? 3.892   7.605   -4.175  1.00 23.19 ? 327 HOH A O   1 
HETATM 1392 O  O   . HOH D 4 .   ? 8.681   -23.112 17.698  1.00 42.40 ? 328 HOH A O   1 
HETATM 1393 O  O   . HOH D 4 .   ? 9.449   10.930  -2.742  1.00 35.56 ? 329 HOH A O   1 
HETATM 1394 O  O   . HOH D 4 .   ? 3.438   -22.092 15.197  1.00 26.57 ? 330 HOH A O   1 
HETATM 1395 O  O   . HOH D 4 .   ? 2.554   -12.546 2.141   1.00 25.90 ? 331 HOH A O   1 
HETATM 1396 O  O   . HOH D 4 .   ? 18.218  -8.624  0.189   1.00 42.74 ? 332 HOH A O   1 
HETATM 1397 O  O   . HOH D 4 .   ? 7.154   2.696   -1.912  1.00 46.58 ? 333 HOH A O   1 
HETATM 1398 O  O   . HOH D 4 .   ? 15.783  -24.721 16.969  1.00 55.44 ? 334 HOH A O   1 
HETATM 1399 O  O   . HOH D 4 .   ? 8.263   -21.235 1.916   1.00 25.32 ? 335 HOH A O   1 
HETATM 1400 O  O   . HOH D 4 .   ? 1.962   16.242  -1.327  1.00 23.00 ? 336 HOH A O   1 
HETATM 1401 O  O   . HOH D 4 .   ? -15.922 15.897  -2.874  1.00 42.66 ? 337 HOH A O   1 
HETATM 1402 O  O   . HOH D 4 .   ? 15.362  -5.102  4.535   1.00 33.76 ? 338 HOH A O   1 
HETATM 1403 O  O   . HOH D 4 .   ? 15.522  -13.421 0.002   1.00 28.41 ? 339 HOH A O   1 
HETATM 1404 O  O   . HOH D 4 .   ? 11.469  -0.234  6.022   1.00 39.44 ? 340 HOH A O   1 
HETATM 1405 O  O   . HOH D 4 .   ? 12.684  -20.240 6.965   1.00 36.30 ? 341 HOH A O   1 
HETATM 1406 O  O   . HOH D 4 .   ? -8.853  1.954   12.577  1.00 53.98 ? 342 HOH A O   1 
HETATM 1407 O  O   . HOH D 4 .   ? -3.456  -4.015  -22.234 1.00 39.58 ? 343 HOH A O   1 
HETATM 1408 O  O   . HOH D 4 .   ? 17.150  -14.571 8.427   1.00 45.33 ? 344 HOH A O   1 
HETATM 1409 O  O   . HOH D 4 .   ? -10.667 5.921   -19.147 1.00 42.22 ? 345 HOH A O   1 
HETATM 1410 O  O   . HOH D 4 .   ? 11.821  -3.803  3.498   1.00 40.26 ? 346 HOH A O   1 
HETATM 1411 O  O   . HOH D 4 .   ? 6.145   -18.367 18.882  1.00 43.81 ? 347 HOH A O   1 
HETATM 1412 O  O   . HOH D 4 .   ? 18.079  -8.364  13.111  1.00 33.05 ? 348 HOH A O   1 
HETATM 1413 O  O   . HOH D 4 .   ? 9.542   -1.335  12.119  1.00 26.32 ? 349 HOH A O   1 
HETATM 1414 O  O   . HOH D 4 .   ? 20.893  -12.031 6.361   1.00 38.01 ? 350 HOH A O   1 
HETATM 1415 O  O   . HOH D 4 .   ? -2.800  -17.127 -5.409  1.00 45.29 ? 351 HOH A O   1 
HETATM 1416 O  O   . HOH D 4 .   ? 21.271  -3.811  6.524   1.00 36.40 ? 352 HOH A O   1 
HETATM 1417 O  O   . HOH D 4 .   ? -2.355  -7.130  -12.754 1.00 45.43 ? 353 HOH A O   1 
HETATM 1418 O  O   . HOH D 4 .   ? -4.168  8.951   -19.552 1.00 47.83 ? 354 HOH A O   1 
HETATM 1419 O  O   . HOH D 4 .   ? -15.572 13.636  -9.636  1.00 45.90 ? 355 HOH A O   1 
HETATM 1420 O  O   . HOH D 4 .   ? 2.610   -1.682  -22.284 1.00 41.35 ? 356 HOH A O   1 
HETATM 1421 O  O   . HOH D 4 .   ? 4.524   -12.644 0.425   1.00 24.00 ? 357 HOH A O   1 
HETATM 1422 O  O   . HOH D 4 .   ? -6.025  -3.896  -9.010  1.00 24.19 ? 358 HOH A O   1 
HETATM 1423 O  O   . HOH D 4 .   ? -0.694  -18.574 3.988   1.00 27.27 ? 359 HOH A O   1 
HETATM 1424 O  O   . HOH D 4 .   ? -3.633  -19.080 18.089  1.00 39.45 ? 360 HOH A O   1 
HETATM 1425 O  O   . HOH D 4 .   ? 5.876   14.711  -3.041  1.00 39.46 ? 361 HOH A O   1 
HETATM 1426 O  O   . HOH D 4 .   ? -8.905  -0.844  -18.320 1.00 39.89 ? 362 HOH A O   1 
HETATM 1427 O  O   . HOH D 4 .   ? -7.995  16.568  0.397   1.00 40.08 ? 363 HOH A O   1 
HETATM 1428 O  O   . HOH D 4 .   ? -13.781 8.253   -14.541 1.00 41.39 ? 364 HOH A O   1 
HETATM 1429 O  O   . HOH D 4 .   ? -9.420  -4.923  -8.703  1.00 31.36 ? 365 HOH A O   1 
HETATM 1430 O  O   . HOH D 4 .   ? -16.260 0.941   -7.255  1.00 38.31 ? 366 HOH A O   1 
HETATM 1431 O  O   . HOH D 4 .   ? -8.206  -3.080  -17.030 1.00 29.05 ? 367 HOH A O   1 
HETATM 1432 O  O   . HOH D 4 .   ? -6.877  -2.435  5.658   1.00 46.28 ? 368 HOH A O   1 
HETATM 1433 O  O   . HOH D 4 .   ? -11.893 -3.750  -8.460  1.00 26.86 ? 369 HOH A O   1 
HETATM 1434 O  O   . HOH D 4 .   ? -3.374  -4.418  -15.166 1.00 31.20 ? 370 HOH A O   1 
HETATM 1435 O  O   . HOH D 4 .   ? 9.552   8.968   -0.700  1.00 37.27 ? 371 HOH A O   1 
HETATM 1436 O  O   . HOH D 4 .   ? -2.150  -8.989  19.134  1.00 39.31 ? 372 HOH A O   1 
HETATM 1437 O  O   . HOH D 4 .   ? 4.954   8.038   -6.497  1.00 35.67 ? 373 HOH A O   1 
HETATM 1438 O  O   . HOH D 4 .   ? -4.703  -11.125 1.999   1.00 44.63 ? 374 HOH A O   1 
HETATM 1439 O  O   . HOH D 4 .   ? -1.158  -6.434  8.965   1.00 33.35 ? 375 HOH A O   1 
HETATM 1440 O  O   . HOH D 4 .   ? -15.062 9.110   -1.961  1.00 28.17 ? 376 HOH A O   1 
HETATM 1441 O  O   . HOH D 4 .   ? -13.554 8.903   0.997   1.00 26.35 ? 377 HOH A O   1 
HETATM 1442 O  O   . HOH D 4 .   ? 1.074   -5.057  7.551   1.00 39.36 ? 378 HOH A O   1 
HETATM 1443 O  O   . HOH D 4 .   ? -13.565 12.399  4.748   1.00 47.41 ? 379 HOH A O   1 
HETATM 1444 O  O   . HOH D 4 .   ? -18.265 6.764   5.965   1.00 54.53 ? 380 HOH A O   1 
HETATM 1445 O  O   . HOH D 4 .   ? 6.735   2.828   2.859   1.00 30.01 ? 381 HOH A O   1 
HETATM 1446 O  O   . HOH D 4 .   ? 4.623   -5.124  -6.938  1.00 63.95 ? 382 HOH A O   1 
HETATM 1447 O  O   . HOH D 4 .   ? -4.640  13.864  13.778  1.00 68.07 ? 383 HOH A O   1 
HETATM 1448 O  O   . HOH D 4 .   ? -0.011  -5.015  -11.657 1.00 46.22 ? 384 HOH A O   1 
HETATM 1449 O  O   . HOH D 4 .   ? -5.880  11.396  5.468   1.00 53.83 ? 385 HOH A O   1 
HETATM 1450 O  O   . HOH D 4 .   ? 10.943  -22.759 12.416  1.00 37.95 ? 386 HOH A O   1 
HETATM 1451 O  O   . HOH D 4 .   ? 6.908   -23.752 2.367   1.00 43.50 ? 387 HOH A O   1 
HETATM 1452 O  O   . HOH D 4 .   ? -8.048  16.172  -12.915 1.00 36.28 ? 388 HOH A O   1 
HETATM 1453 O  O   . HOH D 4 .   ? -8.909  19.027  -11.110 1.00 56.03 ? 389 HOH A O   1 
HETATM 1454 O  O   . HOH D 4 .   ? 1.044   -5.111  11.293  1.00 42.11 ? 390 HOH A O   1 
HETATM 1455 O  O   . HOH D 4 .   ? -14.523 8.326   13.176  1.00 48.47 ? 391 HOH A O   1 
HETATM 1456 O  O   . HOH D 4 .   ? -16.996 10.469  1.519   1.00 41.38 ? 392 HOH A O   1 
HETATM 1457 O  O   . HOH D 4 .   ? 1.964   -19.145 4.265   1.00 27.71 ? 393 HOH A O   1 
HETATM 1458 O  O   . HOH D 4 .   ? 8.803   -8.063  23.045  1.00 51.15 ? 394 HOH A O   1 
HETATM 1459 O  O   . HOH D 4 .   ? -3.766  -12.724 6.232   1.00 30.00 ? 395 HOH A O   1 
HETATM 1460 O  O   . HOH D 4 .   ? -12.880 -7.095  -3.505  1.00 25.93 ? 396 HOH A O   1 
HETATM 1461 O  O   . HOH D 4 .   ? 0.819   12.777  -13.269 1.00 30.60 ? 397 HOH A O   1 
HETATM 1462 O  O   . HOH D 4 .   ? -19.106 6.547   8.969   1.00 39.60 ? 398 HOH A O   1 
HETATM 1463 O  O   . HOH D 4 .   ? -4.132  -12.103 16.402  1.00 46.39 ? 399 HOH A O   1 
HETATM 1464 O  O   . HOH D 4 .   ? -3.026  22.400  -18.497 1.00 76.80 ? 400 HOH A O   1 
HETATM 1465 O  O   . HOH D 4 .   ? 0.435   -13.957 -15.825 1.00 48.80 ? 401 HOH A O   1 
HETATM 1466 O  O   . HOH D 4 .   ? -1.281  -17.418 -0.650  1.00 39.63 ? 402 HOH A O   1 
HETATM 1467 O  O   . HOH D 4 .   ? -2.406  -14.482 18.762  1.00 37.56 ? 403 HOH A O   1 
HETATM 1468 O  O   . HOH D 4 .   ? 1.726   10.964  -14.525 1.00 41.29 ? 404 HOH A O   1 
HETATM 1469 O  O   . HOH D 4 .   ? -5.839  -8.639  -0.256  1.00 53.53 ? 405 HOH A O   1 
HETATM 1470 O  O   . HOH D 4 .   ? -5.501  3.791   -23.070 1.00 47.41 ? 406 HOH A O   1 
HETATM 1471 O  O   . HOH D 4 .   ? -0.012  -6.042  20.028  1.00 37.43 ? 407 HOH A O   1 
HETATM 1472 O  O   . HOH D 4 .   ? 0.332   9.697   -17.252 1.00 45.72 ? 408 HOH A O   1 
HETATM 1473 O  O   . HOH D 4 .   ? 2.950   -7.040  -6.060  1.00 62.18 ? 409 HOH A O   1 
HETATM 1474 O  O   . HOH D 4 .   ? 4.546   -18.661 -4.265  1.00 57.64 ? 410 HOH A O   1 
HETATM 1475 O  O   . HOH D 4 .   ? 5.983   -0.001  -1.585  1.00 39.40 ? 411 HOH A O   1 
HETATM 1476 O  O   . HOH D 4 .   ? 6.390   -14.719 -2.136  1.00 53.33 ? 412 HOH A O   1 
HETATM 1477 O  O   . HOH D 4 .   ? -15.192 5.056   4.343   1.00 49.05 ? 413 HOH A O   1 
HETATM 1478 O  O   . HOH D 4 .   ? -0.459  -11.264 -13.233 1.00 53.86 ? 414 HOH A O   1 
HETATM 1479 O  O   . HOH D 4 .   ? -1.464  -9.986  -4.107  1.00 42.46 ? 415 HOH A O   1 
HETATM 1480 O  O   . HOH D 4 .   ? -12.307 10.459  2.357   1.00 44.38 ? 416 HOH A O   1 
HETATM 1481 O  O   . HOH D 4 .   ? -8.999  12.450  1.547   1.00 40.98 ? 417 HOH A O   1 
HETATM 1482 O  O   . HOH D 4 .   ? 4.328   -12.163 -2.101  1.00 48.69 ? 418 HOH A O   1 
HETATM 1483 O  O   . HOH D 4 .   ? -7.865  -5.859  3.310   1.00 38.13 ? 419 HOH A O   1 
HETATM 1484 O  O   . HOH D 4 .   ? -15.364 3.581   -10.204 1.00 55.36 ? 420 HOH A O   1 
HETATM 1485 O  O   . HOH D 4 .   ? -15.035 17.098  -11.287 1.00 52.86 ? 421 HOH A O   1 
HETATM 1486 O  O   . HOH D 4 .   ? 3.572   -11.081 -21.696 1.00 44.40 ? 422 HOH A O   1 
HETATM 1487 O  O   . HOH D 4 .   ? -14.385 -4.406  3.046   1.00 47.91 ? 423 HOH A O   1 
HETATM 1488 O  O   . HOH D 4 .   ? -13.355 17.411  -14.661 1.00 50.29 ? 424 HOH A O   1 
HETATM 1489 O  O   . HOH D 4 .   ? 4.173   -13.867 -10.490 1.00 71.27 ? 425 HOH A O   1 
HETATM 1490 O  O   . HOH D 4 .   ? -18.455 2.975   -2.120  1.00 45.26 ? 426 HOH A O   1 
HETATM 1491 O  O   . HOH D 4 .   ? -3.524  -5.431  8.201   1.00 45.68 ? 427 HOH A O   1 
HETATM 1492 O  O   . HOH D 4 .   ? -17.127 12.309  -13.090 1.00 52.22 ? 428 HOH A O   1 
HETATM 1493 O  O   . HOH D 4 .   ? 1.067   -17.620 -15.994 1.00 55.99 ? 429 HOH A O   1 
HETATM 1494 O  O   . HOH D 4 .   ? -5.089  -7.569  10.482  1.00 68.37 ? 430 HOH A O   1 
HETATM 1495 O  O   . HOH D 4 .   ? -17.497 -0.391  -4.764  1.00 39.64 ? 431 HOH A O   1 
HETATM 1496 O  O   . HOH D 4 .   ? 8.052   -21.285 -1.078  1.00 39.12 ? 432 HOH A O   1 
HETATM 1497 O  O   . HOH D 4 .   ? -7.102  6.018   -22.672 1.00 47.22 ? 433 HOH A O   1 
HETATM 1498 O  O   . HOH D 4 .   ? 13.668  -0.986  6.502   1.00 35.44 ? 434 HOH A O   1 
HETATM 1499 O  O   . HOH D 4 .   ? 1.216   12.317  8.383   1.00 53.12 ? 435 HOH A O   1 
HETATM 1500 O  O   . HOH D 4 .   ? -17.000 7.335   -1.817  1.00 47.60 ? 436 HOH A O   1 
HETATM 1501 O  O   . HOH D 4 .   ? 22.914  -18.425 17.586  1.00 69.50 ? 437 HOH A O   1 
HETATM 1502 O  O   . HOH D 4 .   ? -8.450  22.416  -3.369  1.00 47.63 ? 438 HOH A O   1 
HETATM 1503 O  O   . HOH D 4 .   ? 5.442   -20.860 16.748  1.00 38.87 ? 439 HOH A O   1 
HETATM 1504 O  O   . HOH D 4 .   ? -7.821  22.221  -16.512 1.00 64.75 ? 440 HOH A O   1 
HETATM 1505 O  O   . HOH D 4 .   ? -16.630 9.950   -14.350 1.00 53.16 ? 441 HOH A O   1 
HETATM 1506 O  O   . HOH D 4 .   ? 5.424   -6.513  -4.296  1.00 69.20 ? 442 HOH A O   1 
HETATM 1507 O  O   . HOH D 4 .   ? -13.696 19.045  -2.508  1.00 43.82 ? 443 HOH A O   1 
HETATM 1508 O  O   . HOH D 4 .   ? 6.572   -17.148 -13.333 1.00 57.79 ? 444 HOH A O   1 
HETATM 1509 O  O   . HOH D 4 .   ? 13.955  -2.968  4.679   1.00 32.03 ? 445 HOH A O   1 
HETATM 1510 O  O   . HOH D 4 .   ? 10.526  -20.149 -1.937  1.00 47.97 ? 446 HOH A O   1 
HETATM 1511 O  O   . HOH D 4 .   ? 10.920  -20.723 1.605   1.00 45.52 ? 447 HOH A O   1 
HETATM 1512 O  O   . HOH D 4 .   ? 1.154   15.220  -14.514 1.00 48.26 ? 448 HOH A O   1 
HETATM 1513 O  O   . HOH D 4 .   ? 12.316  0.179   -11.868 1.00 67.32 ? 449 HOH A O   1 
# 
loop_
_pdbx_poly_seq_scheme.asym_id 
_pdbx_poly_seq_scheme.entity_id 
_pdbx_poly_seq_scheme.seq_id 
_pdbx_poly_seq_scheme.mon_id 
_pdbx_poly_seq_scheme.ndb_seq_num 
_pdbx_poly_seq_scheme.pdb_seq_num 
_pdbx_poly_seq_scheme.auth_seq_num 
_pdbx_poly_seq_scheme.pdb_mon_id 
_pdbx_poly_seq_scheme.auth_mon_id 
_pdbx_poly_seq_scheme.pdb_strand_id 
_pdbx_poly_seq_scheme.pdb_ins_code 
_pdbx_poly_seq_scheme.hetero 
A 1 1   MET 1   1   ?   ?   ?   A . n 
A 1 2   SER 2   2   ?   ?   ?   A . n 
A 1 3   ASP 3   3   ?   ?   ?   A . n 
A 1 4   GLU 4   4   ?   ?   ?   A . n 
A 1 5   LYS 5   5   ?   ?   ?   A . n 
A 1 6   LYS 6   6   ?   ?   ?   A . n 
A 1 7   ILE 7   7   7   ILE ILE A . n 
A 1 8   LEU 8   8   8   LEU LEU A . n 
A 1 9   GLY 9   9   9   GLY GLY A . n 
A 1 10  GLU 10  10  10  GLU GLU A . n 
A 1 11  GLU 11  11  11  GLU GLU A . n 
A 1 12  ARG 12  12  12  ARG ARG A . n 
A 1 13  ARG 13  13  13  ARG ARG A . n 
A 1 14  SER 14  14  14  SER SER A . n 
A 1 15  LEU 15  15  15  LEU LEU A . n 
A 1 16  LEU 16  16  16  LEU LEU A . n 
A 1 17  ILE 17  17  17  ILE ILE A . n 
A 1 18  LYS 18  18  18  LYS LYS A . n 
A 1 19  TRP 19  19  19  TRP TRP A . n 
A 1 20  LEU 20  20  20  LEU LEU A . n 
A 1 21  LYS 21  21  21  LYS LYS A . n 
A 1 22  ALA 22  22  22  ALA ALA A . n 
A 1 23  SER 23  23  23  SER SER A . n 
A 1 24  ASP 24  24  24  ASP ASP A . n 
A 1 25  THR 25  25  25  THR THR A . n 
A 1 26  PRO 26  26  26  PRO PRO A . n 
A 1 27  LEU 27  27  27  LEU LEU A . n 
A 1 28  THR 28  28  28  THR THR A . n 
A 1 29  GLY 29  29  29  GLY GLY A . n 
A 1 30  ALA 30  30  30  ALA ALA A . n 
A 1 31  GLU 31  31  31  GLU GLU A . n 
A 1 32  LEU 32  32  32  LEU LEU A . n 
A 1 33  ALA 33  33  33  ALA ALA A . n 
A 1 34  LYS 34  34  34  LYS LYS A . n 
A 1 35  ARG 35  35  35  ARG ARG A . n 
A 1 36  THR 36  36  36  THR THR A . n 
A 1 37  ASN 37  37  37  ASN ASN A . n 
A 1 38  VAL 38  38  38  VAL VAL A . n 
A 1 39  SER 39  39  39  SER SER A . n 
A 1 40  ARG 40  40  40  ARG ARG A . n 
A 1 41  GLN 41  41  41  GLN GLN A . n 
A 1 42  VAL 42  42  42  VAL VAL A . n 
A 1 43  ILE 43  43  43  ILE ILE A . n 
A 1 44  VAL 44  44  44  VAL VAL A . n 
A 1 45  GLN 45  45  45  GLN GLN A . n 
A 1 46  ASP 46  46  46  ASP ASP A . n 
A 1 47  VAL 47  47  47  VAL VAL A . n 
A 1 48  SER 48  48  48  SER SER A . n 
A 1 49  LEU 49  49  49  LEU LEU A . n 
A 1 50  LEU 50  50  50  LEU LEU A . n 
A 1 51  LYS 51  51  51  LYS LYS A . n 
A 1 52  ALA 52  52  52  ALA ALA A . n 
A 1 53  LYS 53  53  53  LYS LYS A . n 
A 1 54  ASN 54  54  54  ASN ASN A . n 
A 1 55  HIS 55  55  55  HIS HIS A . n 
A 1 56  PRO 56  56  56  PRO PRO A . n 
A 1 57  ILE 57  57  57  ILE ILE A . n 
A 1 58  LEU 58  58  58  LEU LEU A . n 
A 1 59  ALA 59  59  59  ALA ALA A . n 
A 1 60  THR 60  60  60  THR THR A . n 
A 1 61  ALA 61  61  61  ALA ALA A . n 
A 1 62  GLN 62  62  62  GLN GLN A . n 
A 1 63  GLY 63  63  63  GLY GLY A . n 
A 1 64  TYR 64  64  64  TYR TYR A . n 
A 1 65  ILE 65  65  65  ILE ILE A . n 
A 1 66  TYR 66  66  66  TYR TYR A . n 
A 1 67  MET 67  67  67  MET MET A . n 
A 1 68  LYS 68  68  68  LYS LYS A . n 
A 1 69  GLU 69  69  69  GLU GLU A . n 
A 1 70  ALA 70  70  70  ALA ALA A . n 
A 1 71  ASN 71  71  71  ASN ASN A . n 
A 1 72  THR 72  72  72  THR THR A . n 
A 1 73  VAL 73  73  73  VAL VAL A . n 
A 1 74  GLN 74  74  74  GLN GLN A . n 
A 1 75  ALA 75  75  75  ALA ALA A . n 
A 1 76  GLN 76  76  76  GLN GLN A . n 
A 1 77  ARG 77  77  77  ARG ARG A . n 
A 1 78  VAL 78  78  78  VAL VAL A . n 
A 1 79  VAL 79  79  79  VAL VAL A . n 
A 1 80  ALA 80  80  80  ALA ALA A . n 
A 1 81  CYS 81  81  81  CYS CYS A . n 
A 1 82  GLN 82  82  82  GLN GLN A . n 
A 1 83  HIS 83  83  83  HIS HIS A . n 
A 1 84  GLY 84  84  84  GLY GLY A . n 
A 1 85  PRO 85  85  85  PRO PRO A . n 
A 1 86  ALA 86  86  86  ALA ALA A . n 
A 1 87  ASP 87  87  87  ASP ASP A . n 
A 1 88  MET 88  88  88  MET MET A . n 
A 1 89  LYS 89  89  89  LYS LYS A . n 
A 1 90  ASP 90  90  90  ASP ASP A . n 
A 1 91  GLU 91  91  91  GLU GLU A . n 
A 1 92  LEU 92  92  92  LEU LEU A . n 
A 1 93  LEU 93  93  93  LEU LEU A . n 
A 1 94  THR 94  94  94  THR THR A . n 
A 1 95  LEU 95  95  95  LEU LEU A . n 
A 1 96  VAL 96  96  96  VAL VAL A . n 
A 1 97  ASP 97  97  97  ASP ASP A . n 
A 1 98  HIS 98  98  98  HIS HIS A . n 
A 1 99  GLY 99  99  99  GLY GLY A . n 
A 1 100 VAL 100 100 100 VAL VAL A . n 
A 1 101 LEU 101 101 101 LEU LEU A . n 
A 1 102 ILE 102 102 102 ILE ILE A . n 
A 1 103 LYS 103 103 103 LYS LYS A . n 
A 1 104 ASP 104 104 104 ASP ASP A . n 
A 1 105 VAL 105 105 105 VAL VAL A . n 
A 1 106 THR 106 106 106 THR THR A . n 
A 1 107 VAL 107 107 107 VAL VAL A . n 
A 1 108 ASP 108 108 108 ASP ASP A . n 
A 1 109 HIS 109 109 109 HIS HIS A . n 
A 1 110 PRO 110 110 110 PRO PRO A . n 
A 1 111 VAL 111 111 111 VAL VAL A . n 
A 1 112 TYR 112 112 112 TYR TYR A . n 
A 1 113 GLY 113 113 113 GLY GLY A . n 
A 1 114 ASP 114 114 114 ASP ASP A . n 
A 1 115 ILE 115 115 115 ILE ILE A . n 
A 1 116 THR 116 116 116 THR THR A . n 
A 1 117 ALA 117 117 117 ALA ALA A . n 
A 1 118 SER 118 118 118 SER SER A . n 
A 1 119 LEU 119 119 119 LEU LEU A . n 
A 1 120 HIS 120 120 120 HIS HIS A . n 
A 1 121 LEU 121 121 121 LEU LEU A . n 
A 1 122 LYS 122 122 122 LYS LYS A . n 
A 1 123 SER 123 123 123 SER SER A . n 
A 1 124 ARG 124 124 124 ARG ARG A . n 
A 1 125 LYS 125 125 125 LYS LYS A . n 
A 1 126 ASP 126 126 126 ASP ASP A . n 
A 1 127 VAL 127 127 127 VAL VAL A . n 
A 1 128 ALA 128 128 128 ALA ALA A . n 
A 1 129 LEU 129 129 129 LEU LEU A . n 
A 1 130 PHE 130 130 130 PHE PHE A . n 
A 1 131 CYS 131 131 131 CYS CYS A . n 
A 1 132 LYS 132 132 132 LYS LYS A . n 
A 1 133 ARG 133 133 133 ARG ARG A . n 
A 1 134 MET 134 134 134 MET MET A . n 
A 1 135 GLU 135 135 135 GLU GLU A . n 
A 1 136 GLU 136 136 136 GLU GLU A . n 
A 1 137 SER 137 137 137 SER SER A . n 
A 1 138 ASN 138 138 138 ASN ASN A . n 
A 1 139 GLY 139 139 139 GLY GLY A . n 
A 1 140 THR 140 140 140 THR THR A . n 
A 1 141 LEU 141 141 141 LEU LEU A . n 
A 1 142 LEU 142 142 142 LEU LEU A . n 
A 1 143 SER 143 143 143 SER SER A . n 
A 1 144 THR 144 144 144 THR THR A . n 
A 1 145 LEU 145 145 145 LEU LEU A . n 
A 1 146 THR 146 146 146 THR THR A . n 
A 1 147 LYS 147 147 147 LYS LYS A . n 
A 1 148 GLY 148 148 148 GLY GLY A . n 
A 1 149 VAL 149 149 149 VAL VAL A . n 
A 1 150 HIS 150 150 150 HIS HIS A . n 
A 1 151 MET 151 151 151 MET MET A . n 
A 1 152 HIS 152 152 152 HIS HIS A . n 
A 1 153 THR 153 153 153 THR THR A . n 
A 1 154 LEU 154 154 154 LEU LEU A . n 
A 1 155 GLU 155 155 155 GLU GLU A . n 
A 1 156 ALA 156 156 156 ALA ALA A . n 
A 1 157 GLU 157 157 157 GLU GLU A . n 
A 1 158 SER 158 158 158 SER SER A . n 
A 1 159 GLU 159 159 159 GLU GLU A . n 
A 1 160 ALA 160 160 160 ALA ALA A . n 
A 1 161 ILE 161 161 161 ILE ILE A . n 
A 1 162 LEU 162 162 162 LEU LEU A . n 
A 1 163 ASP 163 163 163 ASP ASP A . n 
A 1 164 GLU 164 164 164 GLU GLU A . n 
A 1 165 ALA 165 165 165 ALA ALA A . n 
A 1 166 ILE 166 166 166 ILE ILE A . n 
A 1 167 ARG 167 167 167 ARG ARG A . n 
A 1 168 ALA 168 168 168 ALA ALA A . n 
A 1 169 LEU 169 169 169 LEU LEU A . n 
A 1 170 GLU 170 170 170 GLU GLU A . n 
A 1 171 GLU 171 171 171 GLU GLU A . n 
A 1 172 LYS 172 172 172 LYS LYS A . n 
A 1 173 GLY 173 173 173 GLY GLY A . n 
A 1 174 TYR 174 174 174 TYR TYR A . n 
A 1 175 LEU 175 175 175 LEU LEU A . n 
A 1 176 LEU 176 176 176 LEU LEU A . n 
A 1 177 ASN 177 177 177 ASN ASN A . n 
A 1 178 SER 178 178 178 SER SER A . n 
A 1 179 PHE 179 179 179 PHE PHE A . n 
# 
loop_
_pdbx_nonpoly_scheme.asym_id 
_pdbx_nonpoly_scheme.entity_id 
_pdbx_nonpoly_scheme.mon_id 
_pdbx_nonpoly_scheme.ndb_seq_num 
_pdbx_nonpoly_scheme.pdb_seq_num 
_pdbx_nonpoly_scheme.auth_seq_num 
_pdbx_nonpoly_scheme.pdb_mon_id 
_pdbx_nonpoly_scheme.auth_mon_id 
_pdbx_nonpoly_scheme.pdb_strand_id 
_pdbx_nonpoly_scheme.pdb_ins_code 
B 2 NIO 1   201 1   NIO NIO A . 
C 3 ZN  1   202 1   ZN  ZN  A . 
D 4 HOH 1   301 12  HOH HOH A . 
D 4 HOH 2   302 162 HOH HOH A . 
D 4 HOH 3   303 156 HOH HOH A . 
D 4 HOH 4   304 181 HOH HOH A . 
D 4 HOH 5   305 46  HOH HOH A . 
D 4 HOH 6   306 18  HOH HOH A . 
D 4 HOH 7   307 152 HOH HOH A . 
D 4 HOH 8   308 32  HOH HOH A . 
D 4 HOH 9   309 94  HOH HOH A . 
D 4 HOH 10  310 17  HOH HOH A . 
D 4 HOH 11  311 67  HOH HOH A . 
D 4 HOH 12  312 53  HOH HOH A . 
D 4 HOH 13  313 81  HOH HOH A . 
D 4 HOH 14  314 139 HOH HOH A . 
D 4 HOH 15  315 4   HOH HOH A . 
D 4 HOH 16  316 33  HOH HOH A . 
D 4 HOH 17  317 48  HOH HOH A . 
D 4 HOH 18  318 160 HOH HOH A . 
D 4 HOH 19  319 137 HOH HOH A . 
D 4 HOH 20  320 122 HOH HOH A . 
D 4 HOH 21  321 184 HOH HOH A . 
D 4 HOH 22  322 143 HOH HOH A . 
D 4 HOH 23  323 131 HOH HOH A . 
D 4 HOH 24  324 127 HOH HOH A . 
D 4 HOH 25  325 70  HOH HOH A . 
D 4 HOH 26  326 99  HOH HOH A . 
D 4 HOH 27  327 2   HOH HOH A . 
D 4 HOH 28  328 82  HOH HOH A . 
D 4 HOH 29  329 109 HOH HOH A . 
D 4 HOH 30  330 19  HOH HOH A . 
D 4 HOH 31  331 9   HOH HOH A . 
D 4 HOH 32  332 135 HOH HOH A . 
D 4 HOH 33  333 45  HOH HOH A . 
D 4 HOH 34  334 116 HOH HOH A . 
D 4 HOH 35  335 3   HOH HOH A . 
D 4 HOH 36  336 1   HOH HOH A . 
D 4 HOH 37  337 58  HOH HOH A . 
D 4 HOH 38  338 42  HOH HOH A . 
D 4 HOH 39  339 15  HOH HOH A . 
D 4 HOH 40  340 66  HOH HOH A . 
D 4 HOH 41  341 34  HOH HOH A . 
D 4 HOH 42  342 100 HOH HOH A . 
D 4 HOH 43  343 63  HOH HOH A . 
D 4 HOH 44  344 107 HOH HOH A . 
D 4 HOH 45  345 50  HOH HOH A . 
D 4 HOH 46  346 59  HOH HOH A . 
D 4 HOH 47  347 26  HOH HOH A . 
D 4 HOH 48  348 133 HOH HOH A . 
D 4 HOH 49  349 23  HOH HOH A . 
D 4 HOH 50  350 56  HOH HOH A . 
D 4 HOH 51  351 74  HOH HOH A . 
D 4 HOH 52  352 55  HOH HOH A . 
D 4 HOH 53  353 90  HOH HOH A . 
D 4 HOH 54  354 146 HOH HOH A . 
D 4 HOH 55  355 47  HOH HOH A . 
D 4 HOH 56  356 25  HOH HOH A . 
D 4 HOH 57  357 5   HOH HOH A . 
D 4 HOH 58  358 22  HOH HOH A . 
D 4 HOH 59  359 41  HOH HOH A . 
D 4 HOH 60  360 91  HOH HOH A . 
D 4 HOH 61  361 27  HOH HOH A . 
D 4 HOH 62  362 49  HOH HOH A . 
D 4 HOH 63  363 28  HOH HOH A . 
D 4 HOH 64  364 65  HOH HOH A . 
D 4 HOH 65  365 43  HOH HOH A . 
D 4 HOH 66  366 69  HOH HOH A . 
D 4 HOH 67  367 11  HOH HOH A . 
D 4 HOH 68  368 161 HOH HOH A . 
D 4 HOH 69  369 13  HOH HOH A . 
D 4 HOH 70  370 8   HOH HOH A . 
D 4 HOH 71  371 61  HOH HOH A . 
D 4 HOH 72  372 52  HOH HOH A . 
D 4 HOH 73  373 36  HOH HOH A . 
D 4 HOH 74  374 141 HOH HOH A . 
D 4 HOH 75  375 14  HOH HOH A . 
D 4 HOH 76  376 7   HOH HOH A . 
D 4 HOH 77  377 6   HOH HOH A . 
D 4 HOH 78  378 31  HOH HOH A . 
D 4 HOH 79  379 51  HOH HOH A . 
D 4 HOH 80  380 150 HOH HOH A . 
D 4 HOH 81  381 35  HOH HOH A . 
D 4 HOH 82  382 175 HOH HOH A . 
D 4 HOH 83  383 186 HOH HOH A . 
D 4 HOH 84  384 118 HOH HOH A . 
D 4 HOH 85  385 157 HOH HOH A . 
D 4 HOH 86  386 92  HOH HOH A . 
D 4 HOH 87  387 39  HOH HOH A . 
D 4 HOH 88  388 138 HOH HOH A . 
D 4 HOH 89  389 182 HOH HOH A . 
D 4 HOH 90  390 79  HOH HOH A . 
D 4 HOH 91  391 83  HOH HOH A . 
D 4 HOH 92  392 128 HOH HOH A . 
D 4 HOH 93  393 10  HOH HOH A . 
D 4 HOH 94  394 140 HOH HOH A . 
D 4 HOH 95  395 16  HOH HOH A . 
D 4 HOH 96  396 24  HOH HOH A . 
D 4 HOH 97  397 21  HOH HOH A . 
D 4 HOH 98  398 73  HOH HOH A . 
D 4 HOH 99  399 85  HOH HOH A . 
D 4 HOH 100 400 188 HOH HOH A . 
D 4 HOH 101 401 163 HOH HOH A . 
D 4 HOH 102 402 60  HOH HOH A . 
D 4 HOH 103 403 101 HOH HOH A . 
D 4 HOH 104 404 145 HOH HOH A . 
D 4 HOH 105 405 142 HOH HOH A . 
D 4 HOH 106 406 54  HOH HOH A . 
D 4 HOH 107 407 77  HOH HOH A . 
D 4 HOH 108 408 71  HOH HOH A . 
D 4 HOH 109 409 173 HOH HOH A . 
D 4 HOH 110 410 170 HOH HOH A . 
D 4 HOH 111 411 30  HOH HOH A . 
D 4 HOH 112 412 183 HOH HOH A . 
D 4 HOH 113 413 149 HOH HOH A . 
D 4 HOH 114 414 75  HOH HOH A . 
D 4 HOH 115 415 155 HOH HOH A . 
D 4 HOH 116 416 110 HOH HOH A . 
D 4 HOH 117 417 159 HOH HOH A . 
D 4 HOH 118 418 171 HOH HOH A . 
D 4 HOH 119 419 57  HOH HOH A . 
D 4 HOH 120 420 120 HOH HOH A . 
D 4 HOH 121 421 179 HOH HOH A . 
D 4 HOH 122 422 78  HOH HOH A . 
D 4 HOH 123 423 153 HOH HOH A . 
D 4 HOH 124 424 180 HOH HOH A . 
D 4 HOH 125 425 165 HOH HOH A . 
D 4 HOH 126 426 172 HOH HOH A . 
D 4 HOH 127 427 37  HOH HOH A . 
D 4 HOH 128 428 177 HOH HOH A . 
D 4 HOH 129 429 164 HOH HOH A . 
D 4 HOH 130 430 20  HOH HOH A . 
D 4 HOH 131 431 119 HOH HOH A . 
D 4 HOH 132 432 132 HOH HOH A . 
D 4 HOH 133 433 147 HOH HOH A . 
D 4 HOH 134 434 68  HOH HOH A . 
D 4 HOH 135 435 187 HOH HOH A . 
D 4 HOH 136 436 148 HOH HOH A . 
D 4 HOH 137 437 176 HOH HOH A . 
D 4 HOH 138 438 62  HOH HOH A . 
D 4 HOH 139 439 89  HOH HOH A . 
D 4 HOH 140 440 189 HOH HOH A . 
D 4 HOH 141 441 178 HOH HOH A . 
D 4 HOH 142 442 174 HOH HOH A . 
D 4 HOH 143 443 167 HOH HOH A . 
D 4 HOH 144 444 185 HOH HOH A . 
D 4 HOH 145 445 44  HOH HOH A . 
D 4 HOH 146 446 168 HOH HOH A . 
D 4 HOH 147 447 169 HOH HOH A . 
D 4 HOH 148 448 166 HOH HOH A . 
D 4 HOH 149 449 144 HOH HOH A . 
# 
_pdbx_struct_assembly.id                   1 
_pdbx_struct_assembly.details              author_and_software_defined_assembly 
_pdbx_struct_assembly.method_details       PISA 
_pdbx_struct_assembly.oligomeric_details   monomeric 
_pdbx_struct_assembly.oligomeric_count     1 
# 
_pdbx_struct_assembly_gen.assembly_id       1 
_pdbx_struct_assembly_gen.oper_expression   1 
_pdbx_struct_assembly_gen.asym_id_list      A,B,C,D 
# 
loop_
_pdbx_struct_assembly_prop.biol_id 
_pdbx_struct_assembly_prop.type 
_pdbx_struct_assembly_prop.value 
_pdbx_struct_assembly_prop.details 
1 'ABSA (A^2)' 430   ? 
1 MORE         -39   ? 
1 'SSA (A^2)'  10620 ? 
# 
_pdbx_struct_oper_list.id                   1 
_pdbx_struct_oper_list.type                 'identity operation' 
_pdbx_struct_oper_list.name                 1_555 
_pdbx_struct_oper_list.symmetry_operation   x,y,z 
_pdbx_struct_oper_list.matrix[1][1]         1.0000000000 
_pdbx_struct_oper_list.matrix[1][2]         0.0000000000 
_pdbx_struct_oper_list.matrix[1][3]         0.0000000000 
_pdbx_struct_oper_list.vector[1]            0.0000000000 
_pdbx_struct_oper_list.matrix[2][1]         0.0000000000 
_pdbx_struct_oper_list.matrix[2][2]         1.0000000000 
_pdbx_struct_oper_list.matrix[2][3]         0.0000000000 
_pdbx_struct_oper_list.vector[2]            0.0000000000 
_pdbx_struct_oper_list.matrix[3][1]         0.0000000000 
_pdbx_struct_oper_list.matrix[3][2]         0.0000000000 
_pdbx_struct_oper_list.matrix[3][3]         1.0000000000 
_pdbx_struct_oper_list.vector[3]            0.0000000000 
# 
loop_
_pdbx_struct_conn_angle.id 
_pdbx_struct_conn_angle.ptnr1_label_atom_id 
_pdbx_struct_conn_angle.ptnr1_label_alt_id 
_pdbx_struct_conn_angle.ptnr1_label_asym_id 
_pdbx_struct_conn_angle.ptnr1_label_comp_id 
_pdbx_struct_conn_angle.ptnr1_label_seq_id 
_pdbx_struct_conn_angle.ptnr1_auth_atom_id 
_pdbx_struct_conn_angle.ptnr1_auth_asym_id 
_pdbx_struct_conn_angle.ptnr1_auth_comp_id 
_pdbx_struct_conn_angle.ptnr1_auth_seq_id 
_pdbx_struct_conn_angle.ptnr1_PDB_ins_code 
_pdbx_struct_conn_angle.ptnr1_symmetry 
_pdbx_struct_conn_angle.ptnr2_label_atom_id 
_pdbx_struct_conn_angle.ptnr2_label_alt_id 
_pdbx_struct_conn_angle.ptnr2_label_asym_id 
_pdbx_struct_conn_angle.ptnr2_label_comp_id 
_pdbx_struct_conn_angle.ptnr2_label_seq_id 
_pdbx_struct_conn_angle.ptnr2_auth_atom_id 
_pdbx_struct_conn_angle.ptnr2_auth_asym_id 
_pdbx_struct_conn_angle.ptnr2_auth_comp_id 
_pdbx_struct_conn_angle.ptnr2_auth_seq_id 
_pdbx_struct_conn_angle.ptnr2_PDB_ins_code 
_pdbx_struct_conn_angle.ptnr2_symmetry 
_pdbx_struct_conn_angle.ptnr3_label_atom_id 
_pdbx_struct_conn_angle.ptnr3_label_alt_id 
_pdbx_struct_conn_angle.ptnr3_label_asym_id 
_pdbx_struct_conn_angle.ptnr3_label_comp_id 
_pdbx_struct_conn_angle.ptnr3_label_seq_id 
_pdbx_struct_conn_angle.ptnr3_auth_atom_id 
_pdbx_struct_conn_angle.ptnr3_auth_asym_id 
_pdbx_struct_conn_angle.ptnr3_auth_comp_id 
_pdbx_struct_conn_angle.ptnr3_auth_seq_id 
_pdbx_struct_conn_angle.ptnr3_PDB_ins_code 
_pdbx_struct_conn_angle.ptnr3_symmetry 
_pdbx_struct_conn_angle.value 
_pdbx_struct_conn_angle.value_esd 
1  OE1 ? A GLU 91  ? A GLU 91  ? 1_555 ZN ? C ZN . ? A ZN 202 ? 1_555 OE2 ? A GLU 91  ? A GLU 91  ? 1_555 58.8  ? 
2  OE1 ? A GLU 91  ? A GLU 91  ? 1_555 ZN ? C ZN . ? A ZN 202 ? 1_555 NE2 ? A HIS 150 ? A HIS 150 ? 1_555 91.3  ? 
3  OE2 ? A GLU 91  ? A GLU 91  ? 1_555 ZN ? C ZN . ? A ZN 202 ? 1_555 NE2 ? A HIS 150 ? A HIS 150 ? 1_555 123.6 ? 
4  OE1 ? A GLU 91  ? A GLU 91  ? 1_555 ZN ? C ZN . ? A ZN 202 ? 1_555 NE2 ? A HIS 152 ? A HIS 152 ? 1_555 100.5 ? 
5  OE2 ? A GLU 91  ? A GLU 91  ? 1_555 ZN ? C ZN . ? A ZN 202 ? 1_555 NE2 ? A HIS 152 ? A HIS 152 ? 1_555 126.0 ? 
6  NE2 ? A HIS 150 ? A HIS 150 ? 1_555 ZN ? C ZN . ? A ZN 202 ? 1_555 NE2 ? A HIS 152 ? A HIS 152 ? 1_555 104.2 ? 
7  OE1 ? A GLU 91  ? A GLU 91  ? 1_555 ZN ? C ZN . ? A ZN 202 ? 1_555 O1  ? B NIO .   ? A NIO 201 ? 1_555 153.4 ? 
8  OE2 ? A GLU 91  ? A GLU 91  ? 1_555 ZN ? C ZN . ? A ZN 202 ? 1_555 O1  ? B NIO .   ? A NIO 201 ? 1_555 94.6  ? 
9  NE2 ? A HIS 150 ? A HIS 150 ? 1_555 ZN ? C ZN . ? A ZN 202 ? 1_555 O1  ? B NIO .   ? A NIO 201 ? 1_555 105.4 ? 
10 NE2 ? A HIS 152 ? A HIS 152 ? 1_555 ZN ? C ZN . ? A ZN 202 ? 1_555 O1  ? B NIO .   ? A NIO 201 ? 1_555 95.4  ? 
# 
loop_
_pdbx_audit_revision_history.ordinal 
_pdbx_audit_revision_history.data_content_type 
_pdbx_audit_revision_history.major_revision 
_pdbx_audit_revision_history.minor_revision 
_pdbx_audit_revision_history.revision_date 
1 'Structure model' 1 0 2020-12-16 
2 'Structure model' 1 1 2023-11-29 
# 
_pdbx_audit_revision_details.ordinal             1 
_pdbx_audit_revision_details.revision_ordinal    1 
_pdbx_audit_revision_details.data_content_type   'Structure model' 
_pdbx_audit_revision_details.provider            repository 
_pdbx_audit_revision_details.type                'Initial release' 
_pdbx_audit_revision_details.description         ? 
_pdbx_audit_revision_details.details             ? 
# 
loop_
_pdbx_audit_revision_group.ordinal 
_pdbx_audit_revision_group.revision_ordinal 
_pdbx_audit_revision_group.data_content_type 
_pdbx_audit_revision_group.group 
1 2 'Structure model' 'Data collection'        
2 2 'Structure model' 'Database references'    
3 2 'Structure model' 'Refinement description' 
# 
loop_
_pdbx_audit_revision_category.ordinal 
_pdbx_audit_revision_category.revision_ordinal 
_pdbx_audit_revision_category.data_content_type 
_pdbx_audit_revision_category.category 
1 2 'Structure model' chem_comp_atom                
2 2 'Structure model' chem_comp_bond                
3 2 'Structure model' database_2                    
4 2 'Structure model' pdbx_initial_refinement_model 
# 
loop_
_pdbx_audit_revision_item.ordinal 
_pdbx_audit_revision_item.revision_ordinal 
_pdbx_audit_revision_item.data_content_type 
_pdbx_audit_revision_item.item 
1 2 'Structure model' '_database_2.pdbx_DOI'                
2 2 'Structure model' '_database_2.pdbx_database_accession' 
# 
loop_
_software.citation_id 
_software.classification 
_software.compiler_name 
_software.compiler_version 
_software.contact_author 
_software.contact_author_email 
_software.date 
_software.description 
_software.dependencies 
_software.hardware 
_software.language 
_software.location 
_software.mods 
_software.name 
_software.os 
_software.os_version 
_software.type 
_software.version 
_software.pdbx_ordinal 
? refinement       ? ? ? ? ? ? ? ? ? ? ? PHENIX   ? ? ? '(1.10.1_2155: ???)' 1 
? 'data reduction' ? ? ? ? ? ? ? ? ? ? ? HKL-2000 ? ? ? .                    2 
? 'data scaling'   ? ? ? ? ? ? ? ? ? ? ? HKL-2000 ? ? ? .                    3 
? phasing          ? ? ? ? ? ? ? ? ? ? ? PHASER   ? ? ? .                    4 
# 
_pdbx_entry_details.entry_id                 7CV2 
_pdbx_entry_details.nonpolymer_details       ? 
_pdbx_entry_details.sequence_details         ? 
_pdbx_entry_details.compound_details         ? 
_pdbx_entry_details.source_details           ? 
_pdbx_entry_details.has_ligand_of_interest   Y 
# 
_pdbx_validate_torsion.id              1 
_pdbx_validate_torsion.PDB_model_num   1 
_pdbx_validate_torsion.auth_comp_id    LEU 
_pdbx_validate_torsion.auth_asym_id    A 
_pdbx_validate_torsion.auth_seq_id     142 
_pdbx_validate_torsion.PDB_ins_code    ? 
_pdbx_validate_torsion.label_alt_id    ? 
_pdbx_validate_torsion.phi             -102.97 
_pdbx_validate_torsion.psi             71.77 
# 
loop_
_pdbx_unobs_or_zero_occ_residues.id 
_pdbx_unobs_or_zero_occ_residues.PDB_model_num 
_pdbx_unobs_or_zero_occ_residues.polymer_flag 
_pdbx_unobs_or_zero_occ_residues.occupancy_flag 
_pdbx_unobs_or_zero_occ_residues.auth_asym_id 
_pdbx_unobs_or_zero_occ_residues.auth_comp_id 
_pdbx_unobs_or_zero_occ_residues.auth_seq_id 
_pdbx_unobs_or_zero_occ_residues.PDB_ins_code 
_pdbx_unobs_or_zero_occ_residues.label_asym_id 
_pdbx_unobs_or_zero_occ_residues.label_comp_id 
_pdbx_unobs_or_zero_occ_residues.label_seq_id 
1 1 Y 1 A MET 1 ? A MET 1 
2 1 Y 1 A SER 2 ? A SER 2 
3 1 Y 1 A ASP 3 ? A ASP 3 
4 1 Y 1 A GLU 4 ? A GLU 4 
5 1 Y 1 A LYS 5 ? A LYS 5 
6 1 Y 1 A LYS 6 ? A LYS 6 
# 
loop_
_chem_comp_atom.comp_id 
_chem_comp_atom.atom_id 
_chem_comp_atom.type_symbol 
_chem_comp_atom.pdbx_aromatic_flag 
_chem_comp_atom.pdbx_stereo_config 
_chem_comp_atom.pdbx_ordinal 
ALA N    N  N N 1   
ALA CA   C  N S 2   
ALA C    C  N N 3   
ALA O    O  N N 4   
ALA CB   C  N N 5   
ALA OXT  O  N N 6   
ALA H    H  N N 7   
ALA H2   H  N N 8   
ALA HA   H  N N 9   
ALA HB1  H  N N 10  
ALA HB2  H  N N 11  
ALA HB3  H  N N 12  
ALA HXT  H  N N 13  
ARG N    N  N N 14  
ARG CA   C  N S 15  
ARG C    C  N N 16  
ARG O    O  N N 17  
ARG CB   C  N N 18  
ARG CG   C  N N 19  
ARG CD   C  N N 20  
ARG NE   N  N N 21  
ARG CZ   C  N N 22  
ARG NH1  N  N N 23  
ARG NH2  N  N N 24  
ARG OXT  O  N N 25  
ARG H    H  N N 26  
ARG H2   H  N N 27  
ARG HA   H  N N 28  
ARG HB2  H  N N 29  
ARG HB3  H  N N 30  
ARG HG2  H  N N 31  
ARG HG3  H  N N 32  
ARG HD2  H  N N 33  
ARG HD3  H  N N 34  
ARG HE   H  N N 35  
ARG HH11 H  N N 36  
ARG HH12 H  N N 37  
ARG HH21 H  N N 38  
ARG HH22 H  N N 39  
ARG HXT  H  N N 40  
ASN N    N  N N 41  
ASN CA   C  N S 42  
ASN C    C  N N 43  
ASN O    O  N N 44  
ASN CB   C  N N 45  
ASN CG   C  N N 46  
ASN OD1  O  N N 47  
ASN ND2  N  N N 48  
ASN OXT  O  N N 49  
ASN H    H  N N 50  
ASN H2   H  N N 51  
ASN HA   H  N N 52  
ASN HB2  H  N N 53  
ASN HB3  H  N N 54  
ASN HD21 H  N N 55  
ASN HD22 H  N N 56  
ASN HXT  H  N N 57  
ASP N    N  N N 58  
ASP CA   C  N S 59  
ASP C    C  N N 60  
ASP O    O  N N 61  
ASP CB   C  N N 62  
ASP CG   C  N N 63  
ASP OD1  O  N N 64  
ASP OD2  O  N N 65  
ASP OXT  O  N N 66  
ASP H    H  N N 67  
ASP H2   H  N N 68  
ASP HA   H  N N 69  
ASP HB2  H  N N 70  
ASP HB3  H  N N 71  
ASP HD2  H  N N 72  
ASP HXT  H  N N 73  
CYS N    N  N N 74  
CYS CA   C  N R 75  
CYS C    C  N N 76  
CYS O    O  N N 77  
CYS CB   C  N N 78  
CYS SG   S  N N 79  
CYS OXT  O  N N 80  
CYS H    H  N N 81  
CYS H2   H  N N 82  
CYS HA   H  N N 83  
CYS HB2  H  N N 84  
CYS HB3  H  N N 85  
CYS HG   H  N N 86  
CYS HXT  H  N N 87  
GLN N    N  N N 88  
GLN CA   C  N S 89  
GLN C    C  N N 90  
GLN O    O  N N 91  
GLN CB   C  N N 92  
GLN CG   C  N N 93  
GLN CD   C  N N 94  
GLN OE1  O  N N 95  
GLN NE2  N  N N 96  
GLN OXT  O  N N 97  
GLN H    H  N N 98  
GLN H2   H  N N 99  
GLN HA   H  N N 100 
GLN HB2  H  N N 101 
GLN HB3  H  N N 102 
GLN HG2  H  N N 103 
GLN HG3  H  N N 104 
GLN HE21 H  N N 105 
GLN HE22 H  N N 106 
GLN HXT  H  N N 107 
GLU N    N  N N 108 
GLU CA   C  N S 109 
GLU C    C  N N 110 
GLU O    O  N N 111 
GLU CB   C  N N 112 
GLU CG   C  N N 113 
GLU CD   C  N N 114 
GLU OE1  O  N N 115 
GLU OE2  O  N N 116 
GLU OXT  O  N N 117 
GLU H    H  N N 118 
GLU H2   H  N N 119 
GLU HA   H  N N 120 
GLU HB2  H  N N 121 
GLU HB3  H  N N 122 
GLU HG2  H  N N 123 
GLU HG3  H  N N 124 
GLU HE2  H  N N 125 
GLU HXT  H  N N 126 
GLY N    N  N N 127 
GLY CA   C  N N 128 
GLY C    C  N N 129 
GLY O    O  N N 130 
GLY OXT  O  N N 131 
GLY H    H  N N 132 
GLY H2   H  N N 133 
GLY HA2  H  N N 134 
GLY HA3  H  N N 135 
GLY HXT  H  N N 136 
HIS N    N  N N 137 
HIS CA   C  N S 138 
HIS C    C  N N 139 
HIS O    O  N N 140 
HIS CB   C  N N 141 
HIS CG   C  Y N 142 
HIS ND1  N  Y N 143 
HIS CD2  C  Y N 144 
HIS CE1  C  Y N 145 
HIS NE2  N  Y N 146 
HIS OXT  O  N N 147 
HIS H    H  N N 148 
HIS H2   H  N N 149 
HIS HA   H  N N 150 
HIS HB2  H  N N 151 
HIS HB3  H  N N 152 
HIS HD1  H  N N 153 
HIS HD2  H  N N 154 
HIS HE1  H  N N 155 
HIS HE2  H  N N 156 
HIS HXT  H  N N 157 
HOH O    O  N N 158 
HOH H1   H  N N 159 
HOH H2   H  N N 160 
ILE N    N  N N 161 
ILE CA   C  N S 162 
ILE C    C  N N 163 
ILE O    O  N N 164 
ILE CB   C  N S 165 
ILE CG1  C  N N 166 
ILE CG2  C  N N 167 
ILE CD1  C  N N 168 
ILE OXT  O  N N 169 
ILE H    H  N N 170 
ILE H2   H  N N 171 
ILE HA   H  N N 172 
ILE HB   H  N N 173 
ILE HG12 H  N N 174 
ILE HG13 H  N N 175 
ILE HG21 H  N N 176 
ILE HG22 H  N N 177 
ILE HG23 H  N N 178 
ILE HD11 H  N N 179 
ILE HD12 H  N N 180 
ILE HD13 H  N N 181 
ILE HXT  H  N N 182 
LEU N    N  N N 183 
LEU CA   C  N S 184 
LEU C    C  N N 185 
LEU O    O  N N 186 
LEU CB   C  N N 187 
LEU CG   C  N N 188 
LEU CD1  C  N N 189 
LEU CD2  C  N N 190 
LEU OXT  O  N N 191 
LEU H    H  N N 192 
LEU H2   H  N N 193 
LEU HA   H  N N 194 
LEU HB2  H  N N 195 
LEU HB3  H  N N 196 
LEU HG   H  N N 197 
LEU HD11 H  N N 198 
LEU HD12 H  N N 199 
LEU HD13 H  N N 200 
LEU HD21 H  N N 201 
LEU HD22 H  N N 202 
LEU HD23 H  N N 203 
LEU HXT  H  N N 204 
LYS N    N  N N 205 
LYS CA   C  N S 206 
LYS C    C  N N 207 
LYS O    O  N N 208 
LYS CB   C  N N 209 
LYS CG   C  N N 210 
LYS CD   C  N N 211 
LYS CE   C  N N 212 
LYS NZ   N  N N 213 
LYS OXT  O  N N 214 
LYS H    H  N N 215 
LYS H2   H  N N 216 
LYS HA   H  N N 217 
LYS HB2  H  N N 218 
LYS HB3  H  N N 219 
LYS HG2  H  N N 220 
LYS HG3  H  N N 221 
LYS HD2  H  N N 222 
LYS HD3  H  N N 223 
LYS HE2  H  N N 224 
LYS HE3  H  N N 225 
LYS HZ1  H  N N 226 
LYS HZ2  H  N N 227 
LYS HZ3  H  N N 228 
LYS HXT  H  N N 229 
MET N    N  N N 230 
MET CA   C  N S 231 
MET C    C  N N 232 
MET O    O  N N 233 
MET CB   C  N N 234 
MET CG   C  N N 235 
MET SD   S  N N 236 
MET CE   C  N N 237 
MET OXT  O  N N 238 
MET H    H  N N 239 
MET H2   H  N N 240 
MET HA   H  N N 241 
MET HB2  H  N N 242 
MET HB3  H  N N 243 
MET HG2  H  N N 244 
MET HG3  H  N N 245 
MET HE1  H  N N 246 
MET HE2  H  N N 247 
MET HE3  H  N N 248 
MET HXT  H  N N 249 
NIO N    N  Y N 250 
NIO C1   C  Y N 251 
NIO C2   C  Y N 252 
NIO C3   C  Y N 253 
NIO C4   C  Y N 254 
NIO C5   C  Y N 255 
NIO C6   C  N N 256 
NIO O1   O  N N 257 
NIO O2   O  N N 258 
NIO H1   H  N N 259 
NIO H3   H  N N 260 
NIO H4   H  N N 261 
NIO H5   H  N N 262 
NIO HO2  H  N N 263 
PHE N    N  N N 264 
PHE CA   C  N S 265 
PHE C    C  N N 266 
PHE O    O  N N 267 
PHE CB   C  N N 268 
PHE CG   C  Y N 269 
PHE CD1  C  Y N 270 
PHE CD2  C  Y N 271 
PHE CE1  C  Y N 272 
PHE CE2  C  Y N 273 
PHE CZ   C  Y N 274 
PHE OXT  O  N N 275 
PHE H    H  N N 276 
PHE H2   H  N N 277 
PHE HA   H  N N 278 
PHE HB2  H  N N 279 
PHE HB3  H  N N 280 
PHE HD1  H  N N 281 
PHE HD2  H  N N 282 
PHE HE1  H  N N 283 
PHE HE2  H  N N 284 
PHE HZ   H  N N 285 
PHE HXT  H  N N 286 
PRO N    N  N N 287 
PRO CA   C  N S 288 
PRO C    C  N N 289 
PRO O    O  N N 290 
PRO CB   C  N N 291 
PRO CG   C  N N 292 
PRO CD   C  N N 293 
PRO OXT  O  N N 294 
PRO H    H  N N 295 
PRO HA   H  N N 296 
PRO HB2  H  N N 297 
PRO HB3  H  N N 298 
PRO HG2  H  N N 299 
PRO HG3  H  N N 300 
PRO HD2  H  N N 301 
PRO HD3  H  N N 302 
PRO HXT  H  N N 303 
SER N    N  N N 304 
SER CA   C  N S 305 
SER C    C  N N 306 
SER O    O  N N 307 
SER CB   C  N N 308 
SER OG   O  N N 309 
SER OXT  O  N N 310 
SER H    H  N N 311 
SER H2   H  N N 312 
SER HA   H  N N 313 
SER HB2  H  N N 314 
SER HB3  H  N N 315 
SER HG   H  N N 316 
SER HXT  H  N N 317 
THR N    N  N N 318 
THR CA   C  N S 319 
THR C    C  N N 320 
THR O    O  N N 321 
THR CB   C  N R 322 
THR OG1  O  N N 323 
THR CG2  C  N N 324 
THR OXT  O  N N 325 
THR H    H  N N 326 
THR H2   H  N N 327 
THR HA   H  N N 328 
THR HB   H  N N 329 
THR HG1  H  N N 330 
THR HG21 H  N N 331 
THR HG22 H  N N 332 
THR HG23 H  N N 333 
THR HXT  H  N N 334 
TRP N    N  N N 335 
TRP CA   C  N S 336 
TRP C    C  N N 337 
TRP O    O  N N 338 
TRP CB   C  N N 339 
TRP CG   C  Y N 340 
TRP CD1  C  Y N 341 
TRP CD2  C  Y N 342 
TRP NE1  N  Y N 343 
TRP CE2  C  Y N 344 
TRP CE3  C  Y N 345 
TRP CZ2  C  Y N 346 
TRP CZ3  C  Y N 347 
TRP CH2  C  Y N 348 
TRP OXT  O  N N 349 
TRP H    H  N N 350 
TRP H2   H  N N 351 
TRP HA   H  N N 352 
TRP HB2  H  N N 353 
TRP HB3  H  N N 354 
TRP HD1  H  N N 355 
TRP HE1  H  N N 356 
TRP HE3  H  N N 357 
TRP HZ2  H  N N 358 
TRP HZ3  H  N N 359 
TRP HH2  H  N N 360 
TRP HXT  H  N N 361 
TYR N    N  N N 362 
TYR CA   C  N S 363 
TYR C    C  N N 364 
TYR O    O  N N 365 
TYR CB   C  N N 366 
TYR CG   C  Y N 367 
TYR CD1  C  Y N 368 
TYR CD2  C  Y N 369 
TYR CE1  C  Y N 370 
TYR CE2  C  Y N 371 
TYR CZ   C  Y N 372 
TYR OH   O  N N 373 
TYR OXT  O  N N 374 
TYR H    H  N N 375 
TYR H2   H  N N 376 
TYR HA   H  N N 377 
TYR HB2  H  N N 378 
TYR HB3  H  N N 379 
TYR HD1  H  N N 380 
TYR HD2  H  N N 381 
TYR HE1  H  N N 382 
TYR HE2  H  N N 383 
TYR HH   H  N N 384 
TYR HXT  H  N N 385 
VAL N    N  N N 386 
VAL CA   C  N S 387 
VAL C    C  N N 388 
VAL O    O  N N 389 
VAL CB   C  N N 390 
VAL CG1  C  N N 391 
VAL CG2  C  N N 392 
VAL OXT  O  N N 393 
VAL H    H  N N 394 
VAL H2   H  N N 395 
VAL HA   H  N N 396 
VAL HB   H  N N 397 
VAL HG11 H  N N 398 
VAL HG12 H  N N 399 
VAL HG13 H  N N 400 
VAL HG21 H  N N 401 
VAL HG22 H  N N 402 
VAL HG23 H  N N 403 
VAL HXT  H  N N 404 
ZN  ZN   ZN N N 405 
# 
loop_
_chem_comp_bond.comp_id 
_chem_comp_bond.atom_id_1 
_chem_comp_bond.atom_id_2 
_chem_comp_bond.value_order 
_chem_comp_bond.pdbx_aromatic_flag 
_chem_comp_bond.pdbx_stereo_config 
_chem_comp_bond.pdbx_ordinal 
ALA N   CA   sing N N 1   
ALA N   H    sing N N 2   
ALA N   H2   sing N N 3   
ALA CA  C    sing N N 4   
ALA CA  CB   sing N N 5   
ALA CA  HA   sing N N 6   
ALA C   O    doub N N 7   
ALA C   OXT  sing N N 8   
ALA CB  HB1  sing N N 9   
ALA CB  HB2  sing N N 10  
ALA CB  HB3  sing N N 11  
ALA OXT HXT  sing N N 12  
ARG N   CA   sing N N 13  
ARG N   H    sing N N 14  
ARG N   H2   sing N N 15  
ARG CA  C    sing N N 16  
ARG CA  CB   sing N N 17  
ARG CA  HA   sing N N 18  
ARG C   O    doub N N 19  
ARG C   OXT  sing N N 20  
ARG CB  CG   sing N N 21  
ARG CB  HB2  sing N N 22  
ARG CB  HB3  sing N N 23  
ARG CG  CD   sing N N 24  
ARG CG  HG2  sing N N 25  
ARG CG  HG3  sing N N 26  
ARG CD  NE   sing N N 27  
ARG CD  HD2  sing N N 28  
ARG CD  HD3  sing N N 29  
ARG NE  CZ   sing N N 30  
ARG NE  HE   sing N N 31  
ARG CZ  NH1  sing N N 32  
ARG CZ  NH2  doub N N 33  
ARG NH1 HH11 sing N N 34  
ARG NH1 HH12 sing N N 35  
ARG NH2 HH21 sing N N 36  
ARG NH2 HH22 sing N N 37  
ARG OXT HXT  sing N N 38  
ASN N   CA   sing N N 39  
ASN N   H    sing N N 40  
ASN N   H2   sing N N 41  
ASN CA  C    sing N N 42  
ASN CA  CB   sing N N 43  
ASN CA  HA   sing N N 44  
ASN C   O    doub N N 45  
ASN C   OXT  sing N N 46  
ASN CB  CG   sing N N 47  
ASN CB  HB2  sing N N 48  
ASN CB  HB3  sing N N 49  
ASN CG  OD1  doub N N 50  
ASN CG  ND2  sing N N 51  
ASN ND2 HD21 sing N N 52  
ASN ND2 HD22 sing N N 53  
ASN OXT HXT  sing N N 54  
ASP N   CA   sing N N 55  
ASP N   H    sing N N 56  
ASP N   H2   sing N N 57  
ASP CA  C    sing N N 58  
ASP CA  CB   sing N N 59  
ASP CA  HA   sing N N 60  
ASP C   O    doub N N 61  
ASP C   OXT  sing N N 62  
ASP CB  CG   sing N N 63  
ASP CB  HB2  sing N N 64  
ASP CB  HB3  sing N N 65  
ASP CG  OD1  doub N N 66  
ASP CG  OD2  sing N N 67  
ASP OD2 HD2  sing N N 68  
ASP OXT HXT  sing N N 69  
CYS N   CA   sing N N 70  
CYS N   H    sing N N 71  
CYS N   H2   sing N N 72  
CYS CA  C    sing N N 73  
CYS CA  CB   sing N N 74  
CYS CA  HA   sing N N 75  
CYS C   O    doub N N 76  
CYS C   OXT  sing N N 77  
CYS CB  SG   sing N N 78  
CYS CB  HB2  sing N N 79  
CYS CB  HB3  sing N N 80  
CYS SG  HG   sing N N 81  
CYS OXT HXT  sing N N 82  
GLN N   CA   sing N N 83  
GLN N   H    sing N N 84  
GLN N   H2   sing N N 85  
GLN CA  C    sing N N 86  
GLN CA  CB   sing N N 87  
GLN CA  HA   sing N N 88  
GLN C   O    doub N N 89  
GLN C   OXT  sing N N 90  
GLN CB  CG   sing N N 91  
GLN CB  HB2  sing N N 92  
GLN CB  HB3  sing N N 93  
GLN CG  CD   sing N N 94  
GLN CG  HG2  sing N N 95  
GLN CG  HG3  sing N N 96  
GLN CD  OE1  doub N N 97  
GLN CD  NE2  sing N N 98  
GLN NE2 HE21 sing N N 99  
GLN NE2 HE22 sing N N 100 
GLN OXT HXT  sing N N 101 
GLU N   CA   sing N N 102 
GLU N   H    sing N N 103 
GLU N   H2   sing N N 104 
GLU CA  C    sing N N 105 
GLU CA  CB   sing N N 106 
GLU CA  HA   sing N N 107 
GLU C   O    doub N N 108 
GLU C   OXT  sing N N 109 
GLU CB  CG   sing N N 110 
GLU CB  HB2  sing N N 111 
GLU CB  HB3  sing N N 112 
GLU CG  CD   sing N N 113 
GLU CG  HG2  sing N N 114 
GLU CG  HG3  sing N N 115 
GLU CD  OE1  doub N N 116 
GLU CD  OE2  sing N N 117 
GLU OE2 HE2  sing N N 118 
GLU OXT HXT  sing N N 119 
GLY N   CA   sing N N 120 
GLY N   H    sing N N 121 
GLY N   H2   sing N N 122 
GLY CA  C    sing N N 123 
GLY CA  HA2  sing N N 124 
GLY CA  HA3  sing N N 125 
GLY C   O    doub N N 126 
GLY C   OXT  sing N N 127 
GLY OXT HXT  sing N N 128 
HIS N   CA   sing N N 129 
HIS N   H    sing N N 130 
HIS N   H2   sing N N 131 
HIS CA  C    sing N N 132 
HIS CA  CB   sing N N 133 
HIS CA  HA   sing N N 134 
HIS C   O    doub N N 135 
HIS C   OXT  sing N N 136 
HIS CB  CG   sing N N 137 
HIS CB  HB2  sing N N 138 
HIS CB  HB3  sing N N 139 
HIS CG  ND1  sing Y N 140 
HIS CG  CD2  doub Y N 141 
HIS ND1 CE1  doub Y N 142 
HIS ND1 HD1  sing N N 143 
HIS CD2 NE2  sing Y N 144 
HIS CD2 HD2  sing N N 145 
HIS CE1 NE2  sing Y N 146 
HIS CE1 HE1  sing N N 147 
HIS NE2 HE2  sing N N 148 
HIS OXT HXT  sing N N 149 
HOH O   H1   sing N N 150 
HOH O   H2   sing N N 151 
ILE N   CA   sing N N 152 
ILE N   H    sing N N 153 
ILE N   H2   sing N N 154 
ILE CA  C    sing N N 155 
ILE CA  CB   sing N N 156 
ILE CA  HA   sing N N 157 
ILE C   O    doub N N 158 
ILE C   OXT  sing N N 159 
ILE CB  CG1  sing N N 160 
ILE CB  CG2  sing N N 161 
ILE CB  HB   sing N N 162 
ILE CG1 CD1  sing N N 163 
ILE CG1 HG12 sing N N 164 
ILE CG1 HG13 sing N N 165 
ILE CG2 HG21 sing N N 166 
ILE CG2 HG22 sing N N 167 
ILE CG2 HG23 sing N N 168 
ILE CD1 HD11 sing N N 169 
ILE CD1 HD12 sing N N 170 
ILE CD1 HD13 sing N N 171 
ILE OXT HXT  sing N N 172 
LEU N   CA   sing N N 173 
LEU N   H    sing N N 174 
LEU N   H2   sing N N 175 
LEU CA  C    sing N N 176 
LEU CA  CB   sing N N 177 
LEU CA  HA   sing N N 178 
LEU C   O    doub N N 179 
LEU C   OXT  sing N N 180 
LEU CB  CG   sing N N 181 
LEU CB  HB2  sing N N 182 
LEU CB  HB3  sing N N 183 
LEU CG  CD1  sing N N 184 
LEU CG  CD2  sing N N 185 
LEU CG  HG   sing N N 186 
LEU CD1 HD11 sing N N 187 
LEU CD1 HD12 sing N N 188 
LEU CD1 HD13 sing N N 189 
LEU CD2 HD21 sing N N 190 
LEU CD2 HD22 sing N N 191 
LEU CD2 HD23 sing N N 192 
LEU OXT HXT  sing N N 193 
LYS N   CA   sing N N 194 
LYS N   H    sing N N 195 
LYS N   H2   sing N N 196 
LYS CA  C    sing N N 197 
LYS CA  CB   sing N N 198 
LYS CA  HA   sing N N 199 
LYS C   O    doub N N 200 
LYS C   OXT  sing N N 201 
LYS CB  CG   sing N N 202 
LYS CB  HB2  sing N N 203 
LYS CB  HB3  sing N N 204 
LYS CG  CD   sing N N 205 
LYS CG  HG2  sing N N 206 
LYS CG  HG3  sing N N 207 
LYS CD  CE   sing N N 208 
LYS CD  HD2  sing N N 209 
LYS CD  HD3  sing N N 210 
LYS CE  NZ   sing N N 211 
LYS CE  HE2  sing N N 212 
LYS CE  HE3  sing N N 213 
LYS NZ  HZ1  sing N N 214 
LYS NZ  HZ2  sing N N 215 
LYS NZ  HZ3  sing N N 216 
LYS OXT HXT  sing N N 217 
MET N   CA   sing N N 218 
MET N   H    sing N N 219 
MET N   H2   sing N N 220 
MET CA  C    sing N N 221 
MET CA  CB   sing N N 222 
MET CA  HA   sing N N 223 
MET C   O    doub N N 224 
MET C   OXT  sing N N 225 
MET CB  CG   sing N N 226 
MET CB  HB2  sing N N 227 
MET CB  HB3  sing N N 228 
MET CG  SD   sing N N 229 
MET CG  HG2  sing N N 230 
MET CG  HG3  sing N N 231 
MET SD  CE   sing N N 232 
MET CE  HE1  sing N N 233 
MET CE  HE2  sing N N 234 
MET CE  HE3  sing N N 235 
MET OXT HXT  sing N N 236 
NIO N   C1   doub Y N 237 
NIO N   C5   sing Y N 238 
NIO C1  C2   sing Y N 239 
NIO C1  H1   sing N N 240 
NIO C2  C3   doub Y N 241 
NIO C2  C6   sing N N 242 
NIO C3  C4   sing Y N 243 
NIO C3  H3   sing N N 244 
NIO C4  C5   doub Y N 245 
NIO C4  H4   sing N N 246 
NIO C5  H5   sing N N 247 
NIO C6  O1   doub N N 248 
NIO C6  O2   sing N N 249 
NIO O2  HO2  sing N N 250 
PHE N   CA   sing N N 251 
PHE N   H    sing N N 252 
PHE N   H2   sing N N 253 
PHE CA  C    sing N N 254 
PHE CA  CB   sing N N 255 
PHE CA  HA   sing N N 256 
PHE C   O    doub N N 257 
PHE C   OXT  sing N N 258 
PHE CB  CG   sing N N 259 
PHE CB  HB2  sing N N 260 
PHE CB  HB3  sing N N 261 
PHE CG  CD1  doub Y N 262 
PHE CG  CD2  sing Y N 263 
PHE CD1 CE1  sing Y N 264 
PHE CD1 HD1  sing N N 265 
PHE CD2 CE2  doub Y N 266 
PHE CD2 HD2  sing N N 267 
PHE CE1 CZ   doub Y N 268 
PHE CE1 HE1  sing N N 269 
PHE CE2 CZ   sing Y N 270 
PHE CE2 HE2  sing N N 271 
PHE CZ  HZ   sing N N 272 
PHE OXT HXT  sing N N 273 
PRO N   CA   sing N N 274 
PRO N   CD   sing N N 275 
PRO N   H    sing N N 276 
PRO CA  C    sing N N 277 
PRO CA  CB   sing N N 278 
PRO CA  HA   sing N N 279 
PRO C   O    doub N N 280 
PRO C   OXT  sing N N 281 
PRO CB  CG   sing N N 282 
PRO CB  HB2  sing N N 283 
PRO CB  HB3  sing N N 284 
PRO CG  CD   sing N N 285 
PRO CG  HG2  sing N N 286 
PRO CG  HG3  sing N N 287 
PRO CD  HD2  sing N N 288 
PRO CD  HD3  sing N N 289 
PRO OXT HXT  sing N N 290 
SER N   CA   sing N N 291 
SER N   H    sing N N 292 
SER N   H2   sing N N 293 
SER CA  C    sing N N 294 
SER CA  CB   sing N N 295 
SER CA  HA   sing N N 296 
SER C   O    doub N N 297 
SER C   OXT  sing N N 298 
SER CB  OG   sing N N 299 
SER CB  HB2  sing N N 300 
SER CB  HB3  sing N N 301 
SER OG  HG   sing N N 302 
SER OXT HXT  sing N N 303 
THR N   CA   sing N N 304 
THR N   H    sing N N 305 
THR N   H2   sing N N 306 
THR CA  C    sing N N 307 
THR CA  CB   sing N N 308 
THR CA  HA   sing N N 309 
THR C   O    doub N N 310 
THR C   OXT  sing N N 311 
THR CB  OG1  sing N N 312 
THR CB  CG2  sing N N 313 
THR CB  HB   sing N N 314 
THR OG1 HG1  sing N N 315 
THR CG2 HG21 sing N N 316 
THR CG2 HG22 sing N N 317 
THR CG2 HG23 sing N N 318 
THR OXT HXT  sing N N 319 
TRP N   CA   sing N N 320 
TRP N   H    sing N N 321 
TRP N   H2   sing N N 322 
TRP CA  C    sing N N 323 
TRP CA  CB   sing N N 324 
TRP CA  HA   sing N N 325 
TRP C   O    doub N N 326 
TRP C   OXT  sing N N 327 
TRP CB  CG   sing N N 328 
TRP CB  HB2  sing N N 329 
TRP CB  HB3  sing N N 330 
TRP CG  CD1  doub Y N 331 
TRP CG  CD2  sing Y N 332 
TRP CD1 NE1  sing Y N 333 
TRP CD1 HD1  sing N N 334 
TRP CD2 CE2  doub Y N 335 
TRP CD2 CE3  sing Y N 336 
TRP NE1 CE2  sing Y N 337 
TRP NE1 HE1  sing N N 338 
TRP CE2 CZ2  sing Y N 339 
TRP CE3 CZ3  doub Y N 340 
TRP CE3 HE3  sing N N 341 
TRP CZ2 CH2  doub Y N 342 
TRP CZ2 HZ2  sing N N 343 
TRP CZ3 CH2  sing Y N 344 
TRP CZ3 HZ3  sing N N 345 
TRP CH2 HH2  sing N N 346 
TRP OXT HXT  sing N N 347 
TYR N   CA   sing N N 348 
TYR N   H    sing N N 349 
TYR N   H2   sing N N 350 
TYR CA  C    sing N N 351 
TYR CA  CB   sing N N 352 
TYR CA  HA   sing N N 353 
TYR C   O    doub N N 354 
TYR C   OXT  sing N N 355 
TYR CB  CG   sing N N 356 
TYR CB  HB2  sing N N 357 
TYR CB  HB3  sing N N 358 
TYR CG  CD1  doub Y N 359 
TYR CG  CD2  sing Y N 360 
TYR CD1 CE1  sing Y N 361 
TYR CD1 HD1  sing N N 362 
TYR CD2 CE2  doub Y N 363 
TYR CD2 HD2  sing N N 364 
TYR CE1 CZ   doub Y N 365 
TYR CE1 HE1  sing N N 366 
TYR CE2 CZ   sing Y N 367 
TYR CE2 HE2  sing N N 368 
TYR CZ  OH   sing N N 369 
TYR OH  HH   sing N N 370 
TYR OXT HXT  sing N N 371 
VAL N   CA   sing N N 372 
VAL N   H    sing N N 373 
VAL N   H2   sing N N 374 
VAL CA  C    sing N N 375 
VAL CA  CB   sing N N 376 
VAL CA  HA   sing N N 377 
VAL C   O    doub N N 378 
VAL C   OXT  sing N N 379 
VAL CB  CG1  sing N N 380 
VAL CB  CG2  sing N N 381 
VAL CB  HB   sing N N 382 
VAL CG1 HG11 sing N N 383 
VAL CG1 HG12 sing N N 384 
VAL CG1 HG13 sing N N 385 
VAL CG2 HG21 sing N N 386 
VAL CG2 HG22 sing N N 387 
VAL CG2 HG23 sing N N 388 
VAL OXT HXT  sing N N 389 
# 
loop_
_pdbx_entity_instance_feature.ordinal 
_pdbx_entity_instance_feature.comp_id 
_pdbx_entity_instance_feature.asym_id 
_pdbx_entity_instance_feature.seq_num 
_pdbx_entity_instance_feature.auth_comp_id 
_pdbx_entity_instance_feature.auth_asym_id 
_pdbx_entity_instance_feature.auth_seq_num 
_pdbx_entity_instance_feature.feature_type 
_pdbx_entity_instance_feature.details 
1 NIO ? ? NIO ? ? 'SUBJECT OF INVESTIGATION' ? 
2 ZN  ? ? ZN  ? ? 'SUBJECT OF INVESTIGATION' ? 
# 
loop_
_pdbx_entity_nonpoly.entity_id 
_pdbx_entity_nonpoly.name 
_pdbx_entity_nonpoly.comp_id 
2 'NICOTINIC ACID' NIO 
3 'ZINC ION'       ZN  
4 water            HOH 
# 
_pdbx_initial_refinement_model.id               1 
_pdbx_initial_refinement_model.entity_id_list   ? 
_pdbx_initial_refinement_model.type             'experimental model' 
_pdbx_initial_refinement_model.source_name      PDB 
_pdbx_initial_refinement_model.accession_code   1J5Y 
_pdbx_initial_refinement_model.details          ? 
# 
_pdbx_struct_assembly_auth_evidence.id                     1 
_pdbx_struct_assembly_auth_evidence.assembly_id            1 
_pdbx_struct_assembly_auth_evidence.experimental_support   'gel filtration' 
_pdbx_struct_assembly_auth_evidence.details                ? 
# 
